data_7XRN
#
_entry.id   7XRN
#
_cell.length_a   242.383
_cell.length_b   242.383
_cell.length_c   76.586
_cell.angle_alpha   90.00
_cell.angle_beta   90.00
_cell.angle_gamma   120.00
#
_symmetry.space_group_name_H-M   'P 63'
#
loop_
_entity.id
_entity.type
_entity.pdbx_description
1 polymer 'Ethanolamine ammonia-lyase large subunit'
2 polymer 'Ethanolamine ammonia-lyase small subunit'
3 non-polymer (2~{R},3~{R},4~{S},5~{R})-2-(6-aminopurin-9-yl)-5-ethyl-oxolane-3,4-diol
4 non-polymer GLYCEROL
5 non-polymer 'AMMONIUM ION'
6 non-polymer COBALAMIN
7 water water
#
loop_
_entity_poly.entity_id
_entity_poly.type
_entity_poly.pdbx_seq_one_letter_code
_entity_poly.pdbx_strand_id
1 'polypeptide(L)'
;MKLKTTLFGNVYQFKDVKEVLAKANELRSGDVLAGVAAASSQERVAAKQVLSEMTVADIRNNPVIAYEDDCVTRLIQDDV
NETAYNQIKNWSISELREYVLSDETSVDDIAFTRKGLTSEVVAAVAKICSNADLIYGAKKMPVIKKANTTIGIPGTFSAR
LQPNDTRDDVQSIAAQIYEGLSFGVGDAVIGVNPVTDDVENLSRVLDTIYGVIDKFNIPTQGCVLAHVTTQIEAIRRGAP
GGLIFQSICGSEKGLKEFGVELAMLDEARAVGAEFNRIAGENCLYFETGQGSALSAGANFGADQVTMEARNYGLARHYDP
FIVNTVVGFIGPEYLYNDRQIIRAGLEDHFMGKLSGISMGCDCCYTNHADADQNLNENLMILLATAGCNYIMGMPLGDDI
MLNYQTTAFHDTATVRQLLNLRPSPEFERWLESMGIMANGRLTKRAGDPSLFF
;
A,C
2 'polypeptide(L)'
;MDQSSHHHHHHALDLGSAEAKAWIGVENPHRADVLTELRRSTVARVCTGRAGPRPRTQALLRFLADHSRSKDTVLKEVPE
EWVKAQGLLEVRSEISDKNLYLTRPDMGRRLCAEAVEALKAQCVANPDVQVVISDGLSTDAITVNYEEILPPLMAGLKQA
GLKVGTPFFVRYGRVKIEDQIGEILGAKVVILLVGERPGLGQSESLSCYAVYSPRMATTVEADRTCISNIHQGGTPPVEA
AAVIVDLAKRMLEQKASGINMTR
;
B,D
#
# COMPACT_ATOMS: atom_id res chain seq x y z
N MET A 1 4.93 4.81 37.52
CA MET A 1 5.16 4.52 36.10
C MET A 1 5.63 5.77 35.35
N LYS A 2 6.34 5.55 34.24
CA LYS A 2 6.89 6.64 33.45
C LYS A 2 5.91 7.04 32.36
N LEU A 3 5.63 8.34 32.27
CA LEU A 3 4.82 8.92 31.20
C LEU A 3 5.63 9.94 30.41
N LYS A 4 6.95 9.77 30.37
CA LYS A 4 7.82 10.75 29.74
C LYS A 4 9.10 10.07 29.30
N THR A 5 9.69 10.62 28.24
CA THR A 5 10.98 10.16 27.73
C THR A 5 11.70 11.33 27.09
N THR A 6 12.99 11.15 26.86
CA THR A 6 13.83 12.14 26.21
C THR A 6 14.26 11.60 24.84
N LEU A 7 13.89 12.29 23.78
CA LEU A 7 14.23 11.90 22.42
C LEU A 7 15.01 13.03 21.78
N PHE A 8 16.26 12.76 21.41
CA PHE A 8 17.16 13.75 20.81
C PHE A 8 17.32 14.97 21.71
N GLY A 9 17.56 14.71 23.00
CA GLY A 9 17.76 15.76 23.97
C GLY A 9 16.51 16.50 24.41
N ASN A 10 15.41 16.36 23.68
CA ASN A 10 14.17 17.04 24.02
C ASN A 10 13.26 16.11 24.82
N VAL A 11 12.66 16.64 25.88
CA VAL A 11 11.82 15.85 26.78
C VAL A 11 10.41 15.82 26.24
N TYR A 12 9.84 14.61 26.16
CA TYR A 12 8.46 14.41 25.68
C TYR A 12 7.65 13.85 26.83
N GLN A 13 6.81 14.69 27.42
CA GLN A 13 5.97 14.31 28.55
CA GLN A 13 5.97 14.31 28.55
C GLN A 13 4.52 14.19 28.09
N PHE A 14 3.83 13.17 28.60
CA PHE A 14 2.44 12.91 28.26
C PHE A 14 1.60 12.93 29.53
N LYS A 15 0.30 13.15 29.37
CA LYS A 15 -0.59 13.36 30.51
C LYS A 15 -0.98 12.04 31.17
N ASP A 16 -1.56 11.12 30.39
CA ASP A 16 -2.05 9.86 30.93
C ASP A 16 -1.78 8.75 29.92
N VAL A 17 -2.26 7.55 30.25
CA VAL A 17 -2.10 6.40 29.36
C VAL A 17 -2.93 6.58 28.10
N LYS A 18 -4.11 7.17 28.23
CA LYS A 18 -4.99 7.37 27.07
C LYS A 18 -4.32 8.22 26.00
N GLU A 19 -3.51 9.19 26.40
CA GLU A 19 -2.78 10.00 25.43
C GLU A 19 -1.59 9.24 24.84
N VAL A 20 -0.92 8.41 25.65
CA VAL A 20 0.18 7.62 25.15
C VAL A 20 -0.31 6.57 24.15
N LEU A 21 -1.45 5.94 24.44
CA LEU A 21 -2.02 4.97 23.52
C LEU A 21 -2.41 5.63 22.21
N ALA A 22 -2.87 6.87 22.25
CA ALA A 22 -3.36 7.54 21.05
C ALA A 22 -2.22 8.09 20.20
N LYS A 23 -1.22 8.70 20.84
CA LYS A 23 -0.13 9.33 20.08
C LYS A 23 0.89 8.31 19.57
N ALA A 24 0.88 7.09 20.09
CA ALA A 24 1.73 6.05 19.54
C ALA A 24 1.18 5.48 18.24
N ASN A 25 -0.08 5.75 17.92
CA ASN A 25 -0.70 5.28 16.69
C ASN A 25 0.02 5.85 15.48
N GLU A 26 0.08 5.06 14.41
CA GLU A 26 0.50 5.60 13.13
C GLU A 26 -0.51 6.64 12.66
N LEU A 27 -0.05 7.58 11.85
CA LEU A 27 -0.88 8.71 11.46
C LEU A 27 -2.10 8.26 10.68
N ARG A 28 -3.28 8.69 11.13
CA ARG A 28 -4.53 8.46 10.43
C ARG A 28 -5.44 9.65 10.65
N SER A 29 -6.36 9.85 9.70
CA SER A 29 -7.24 11.01 9.74
C SER A 29 -8.21 10.97 10.92
N GLY A 30 -8.45 9.79 11.48
CA GLY A 30 -9.38 9.69 12.59
C GLY A 30 -8.82 10.22 13.89
N ASP A 31 -7.54 9.97 14.16
CA ASP A 31 -6.92 10.48 15.37
C ASP A 31 -6.74 11.99 15.33
N VAL A 32 -6.63 12.56 14.12
CA VAL A 32 -6.59 14.02 13.99
C VAL A 32 -7.96 14.60 14.23
N LEU A 33 -9.01 13.94 13.73
CA LEU A 33 -10.38 14.40 13.96
C LEU A 33 -10.73 14.34 15.44
N ALA A 34 -10.14 13.41 16.18
CA ALA A 34 -10.39 13.28 17.62
C ALA A 34 -9.49 14.16 18.47
N GLY A 35 -8.49 14.82 17.87
CA GLY A 35 -7.55 15.64 18.61
C GLY A 35 -6.61 14.90 19.51
N VAL A 36 -6.44 13.59 19.32
CA VAL A 36 -5.59 12.76 20.17
C VAL A 36 -4.31 12.31 19.48
N ALA A 37 -4.10 12.71 18.23
CA ALA A 37 -2.95 12.26 17.47
C ALA A 37 -1.70 13.02 17.88
N ALA A 38 -0.55 12.41 17.58
CA ALA A 38 0.73 13.06 17.82
C ALA A 38 0.91 14.24 16.88
N ALA A 39 1.64 15.25 17.36
CA ALA A 39 1.86 16.45 16.55
C ALA A 39 2.95 16.27 15.50
N SER A 40 3.89 15.34 15.73
CA SER A 40 4.99 15.13 14.80
C SER A 40 5.39 13.66 14.85
N SER A 41 6.35 13.30 14.00
CA SER A 41 6.87 11.94 14.03
C SER A 41 7.73 11.69 15.26
N GLN A 42 8.34 12.74 15.81
CA GLN A 42 9.17 12.59 17.00
C GLN A 42 8.32 12.25 18.22
N GLU A 43 7.20 12.96 18.42
CA GLU A 43 6.34 12.68 19.55
C GLU A 43 5.62 11.34 19.39
N ARG A 44 5.37 10.92 18.15
CA ARG A 44 4.81 9.59 17.92
C ARG A 44 5.79 8.50 18.33
N VAL A 45 7.06 8.66 17.93
CA VAL A 45 8.09 7.71 18.34
C VAL A 45 8.31 7.77 19.84
N ALA A 46 8.30 8.98 20.41
CA ALA A 46 8.44 9.13 21.85
C ALA A 46 7.28 8.46 22.59
N ALA A 47 6.08 8.56 22.04
CA ALA A 47 4.93 7.89 22.66
C ALA A 47 5.05 6.38 22.55
N LYS A 48 5.58 5.88 21.44
CA LYS A 48 5.79 4.45 21.29
C LYS A 48 6.80 3.93 22.32
N GLN A 49 7.88 4.68 22.55
CA GLN A 49 8.89 4.25 23.51
C GLN A 49 8.34 4.25 24.93
N VAL A 50 7.61 5.29 25.31
CA VAL A 50 6.97 5.31 26.62
C VAL A 50 5.97 4.17 26.75
N LEU A 51 5.19 3.93 25.69
CA LEU A 51 4.23 2.83 25.71
C LEU A 51 4.95 1.48 25.78
N SER A 52 6.08 1.35 25.09
CA SER A 52 6.81 0.08 25.11
C SER A 52 7.42 -0.20 26.48
N GLU A 53 7.70 0.85 27.26
CA GLU A 53 8.28 0.69 28.58
C GLU A 53 7.25 0.55 29.69
N MET A 54 5.99 0.83 29.41
CA MET A 54 4.93 0.60 30.39
C MET A 54 4.65 -0.90 30.50
N THR A 55 4.20 -1.31 31.69
CA THR A 55 3.95 -2.71 31.95
C THR A 55 2.51 -3.08 31.58
N VAL A 56 2.24 -4.39 31.59
CA VAL A 56 0.88 -4.87 31.35
C VAL A 56 -0.05 -4.37 32.44
N ALA A 57 0.45 -4.30 33.69
CA ALA A 57 -0.37 -3.80 34.79
C ALA A 57 -0.70 -2.33 34.60
N ASP A 58 0.23 -1.55 34.06
CA ASP A 58 -0.01 -0.12 33.86
C ASP A 58 -1.19 0.10 32.92
N ILE A 59 -1.30 -0.70 31.88
CA ILE A 59 -2.35 -0.52 30.89
C ILE A 59 -3.64 -1.23 31.29
N ARG A 60 -3.53 -2.35 32.01
CA ARG A 60 -4.74 -3.03 32.47
C ARG A 60 -5.46 -2.23 33.55
N ASN A 61 -4.70 -1.61 34.45
CA ASN A 61 -5.28 -0.81 35.52
C ASN A 61 -5.73 0.56 35.06
N ASN A 62 -5.57 0.89 33.79
CA ASN A 62 -5.98 2.19 33.25
C ASN A 62 -6.79 1.98 31.97
N PRO A 63 -8.01 1.45 32.09
CA PRO A 63 -8.87 1.34 30.91
C PRO A 63 -9.36 2.72 30.48
N VAL A 64 -9.52 2.89 29.17
CA VAL A 64 -9.88 4.20 28.63
C VAL A 64 -11.22 4.66 29.18
N ILE A 65 -12.10 3.72 29.53
CA ILE A 65 -13.37 4.03 30.16
C ILE A 65 -13.43 3.26 31.48
N ALA A 66 -13.87 3.94 32.54
CA ALA A 66 -13.84 3.37 33.88
C ALA A 66 -14.73 2.13 33.98
N TYR A 67 -14.38 1.27 34.94
CA TYR A 67 -15.12 0.03 35.15
C TYR A 67 -16.59 0.32 35.49
N GLU A 68 -16.83 1.13 36.52
CA GLU A 68 -18.17 1.39 37.00
C GLU A 68 -19.03 2.20 36.02
N ASP A 69 -18.44 2.69 34.93
CA ASP A 69 -19.15 3.56 34.00
C ASP A 69 -19.44 2.92 32.65
N ASP A 70 -18.96 1.70 32.40
CA ASP A 70 -19.06 1.12 31.07
C ASP A 70 -19.18 -0.40 31.19
N CYS A 71 -20.24 -0.95 30.61
CA CYS A 71 -20.47 -2.39 30.68
C CYS A 71 -19.49 -3.17 29.82
N VAL A 72 -18.94 -2.56 28.77
CA VAL A 72 -17.93 -3.25 27.96
C VAL A 72 -16.63 -3.37 28.73
N THR A 73 -16.25 -2.32 29.48
CA THR A 73 -15.08 -2.41 30.34
C THR A 73 -15.26 -3.50 31.39
N ARG A 74 -16.45 -3.56 32.00
CA ARG A 74 -16.72 -4.60 32.99
C ARG A 74 -16.57 -5.99 32.38
N LEU A 75 -17.14 -6.19 31.19
CA LEU A 75 -17.06 -7.50 30.55
C LEU A 75 -15.62 -7.89 30.26
N ILE A 76 -14.80 -6.94 29.80
CA ILE A 76 -13.40 -7.22 29.53
C ILE A 76 -12.66 -7.52 30.82
N GLN A 77 -12.87 -6.70 31.85
CA GLN A 77 -12.17 -6.90 33.11
C GLN A 77 -12.62 -8.18 33.81
N ASP A 78 -13.92 -8.49 33.76
CA ASP A 78 -14.43 -9.67 34.44
C ASP A 78 -13.95 -10.96 33.78
N ASP A 79 -13.72 -10.93 32.46
CA ASP A 79 -13.33 -12.13 31.73
C ASP A 79 -11.83 -12.40 31.80
N VAL A 80 -11.05 -11.55 32.46
CA VAL A 80 -9.62 -11.76 32.56
C VAL A 80 -9.34 -12.95 33.47
N ASN A 81 -8.50 -13.88 33.00
CA ASN A 81 -7.97 -14.92 33.86
C ASN A 81 -6.88 -14.30 34.72
N GLU A 82 -7.16 -14.15 36.02
CA GLU A 82 -6.24 -13.42 36.89
C GLU A 82 -4.94 -14.17 37.12
N THR A 83 -4.96 -15.50 37.00
CA THR A 83 -3.72 -16.26 37.11
C THR A 83 -2.80 -15.98 35.91
N ALA A 84 -3.37 -15.96 34.71
CA ALA A 84 -2.57 -15.61 33.53
C ALA A 84 -2.12 -14.16 33.57
N TYR A 85 -2.93 -13.28 34.17
CA TYR A 85 -2.55 -11.87 34.25
C TYR A 85 -1.38 -11.68 35.22
N ASN A 86 -1.45 -12.32 36.38
CA ASN A 86 -0.40 -12.15 37.38
C ASN A 86 0.95 -12.65 36.88
N GLN A 87 0.94 -13.58 35.93
CA GLN A 87 2.19 -14.06 35.35
C GLN A 87 2.86 -12.99 34.49
N ILE A 88 2.06 -12.14 33.83
CA ILE A 88 2.56 -11.20 32.85
C ILE A 88 2.34 -9.74 33.25
N LYS A 89 1.83 -9.49 34.47
CA LYS A 89 1.46 -8.13 34.84
C LYS A 89 2.66 -7.20 34.89
N ASN A 90 3.86 -7.73 35.15
CA ASN A 90 5.06 -6.91 35.24
C ASN A 90 5.84 -6.86 33.93
N TRP A 91 5.33 -7.46 32.86
CA TRP A 91 6.00 -7.42 31.56
C TRP A 91 5.77 -6.07 30.90
N SER A 92 6.84 -5.48 30.38
CA SER A 92 6.68 -4.29 29.56
C SER A 92 6.07 -4.68 28.21
N ILE A 93 5.44 -3.71 27.56
CA ILE A 93 4.82 -3.96 26.27
C ILE A 93 5.88 -4.31 25.23
N SER A 94 7.10 -3.79 25.39
CA SER A 94 8.20 -4.19 24.53
C SER A 94 8.50 -5.68 24.68
N GLU A 95 8.40 -6.21 25.90
CA GLU A 95 8.62 -7.62 26.12
C GLU A 95 7.45 -8.46 25.61
N LEU A 96 6.22 -7.95 25.74
CA LEU A 96 5.05 -8.69 25.25
C LEU A 96 5.05 -8.76 23.73
N ARG A 97 5.51 -7.71 23.06
CA ARG A 97 5.61 -7.73 21.61
C ARG A 97 6.62 -8.78 21.16
N GLU A 98 7.80 -8.80 21.78
CA GLU A 98 8.81 -9.80 21.43
C GLU A 98 8.37 -11.20 21.81
N TYR A 99 7.52 -11.33 22.84
CA TYR A 99 6.99 -12.63 23.20
C TYR A 99 6.07 -13.18 22.12
N VAL A 100 5.18 -12.34 21.60
CA VAL A 100 4.25 -12.78 20.56
C VAL A 100 5.00 -13.11 19.28
N LEU A 101 6.03 -12.32 18.96
CA LEU A 101 6.79 -12.51 17.72
C LEU A 101 7.80 -13.64 17.80
N SER A 102 8.09 -14.15 18.99
CA SER A 102 9.13 -15.16 19.14
C SER A 102 8.70 -16.49 18.52
N ASP A 103 9.62 -17.10 17.78
CA ASP A 103 9.38 -18.45 17.26
C ASP A 103 9.45 -19.49 18.37
N GLU A 104 10.02 -19.16 19.53
CA GLU A 104 10.00 -20.04 20.69
C GLU A 104 8.65 -20.01 21.41
N THR A 105 7.76 -19.10 21.03
CA THR A 105 6.42 -19.04 21.61
C THR A 105 5.47 -19.86 20.75
N SER A 106 4.89 -20.90 21.33
CA SER A 106 3.98 -21.77 20.60
C SER A 106 2.57 -21.20 20.62
N VAL A 107 1.69 -21.83 19.84
CA VAL A 107 0.29 -21.44 19.84
C VAL A 107 -0.35 -21.70 21.19
N ASP A 108 0.06 -22.79 21.85
CA ASP A 108 -0.48 -23.09 23.18
C ASP A 108 0.01 -22.11 24.23
N ASP A 109 1.23 -21.58 24.07
CA ASP A 109 1.72 -20.56 24.99
C ASP A 109 0.86 -19.30 24.91
N ILE A 110 0.57 -18.85 23.70
CA ILE A 110 -0.26 -17.67 23.51
C ILE A 110 -1.69 -17.93 23.97
N ALA A 111 -2.14 -19.19 23.89
CA ALA A 111 -3.51 -19.52 24.27
C ALA A 111 -3.78 -19.15 25.73
N PHE A 112 -2.79 -19.34 26.60
CA PHE A 112 -2.95 -18.97 28.00
C PHE A 112 -2.55 -17.53 28.28
N THR A 113 -1.58 -17.00 27.53
CA THR A 113 -1.12 -15.64 27.78
C THR A 113 -2.18 -14.61 27.44
N ARG A 114 -2.89 -14.80 26.33
CA ARG A 114 -3.90 -13.84 25.91
C ARG A 114 -5.05 -13.72 26.90
N LYS A 115 -5.23 -14.73 27.77
CA LYS A 115 -6.28 -14.66 28.77
C LYS A 115 -5.96 -13.68 29.89
N GLY A 116 -4.67 -13.40 30.11
CA GLY A 116 -4.26 -12.39 31.07
C GLY A 116 -4.21 -10.99 30.52
N LEU A 117 -4.71 -10.77 29.30
CA LEU A 117 -4.70 -9.47 28.66
C LEU A 117 -6.07 -8.82 28.73
N THR A 118 -6.08 -7.50 28.55
CA THR A 118 -7.28 -6.74 28.27
C THR A 118 -7.14 -6.13 26.88
N SER A 119 -8.25 -5.59 26.38
CA SER A 119 -8.23 -4.98 25.05
C SER A 119 -7.27 -3.81 24.97
N GLU A 120 -7.07 -3.09 26.08
CA GLU A 120 -6.12 -1.99 26.09
C GLU A 120 -4.70 -2.49 25.90
N VAL A 121 -4.37 -3.64 26.50
CA VAL A 121 -3.03 -4.22 26.32
C VAL A 121 -2.87 -4.78 24.92
N VAL A 122 -3.93 -5.33 24.35
CA VAL A 122 -3.87 -5.85 22.98
C VAL A 122 -3.58 -4.72 22.00
N ALA A 123 -4.28 -3.59 22.16
CA ALA A 123 -4.01 -2.44 21.29
C ALA A 123 -2.61 -1.90 21.48
N ALA A 124 -2.08 -1.95 22.70
CA ALA A 124 -0.74 -1.44 22.96
C ALA A 124 0.31 -2.19 22.16
N VAL A 125 0.14 -3.50 22.01
CA VAL A 125 1.11 -4.29 21.25
C VAL A 125 1.08 -3.92 19.77
N ALA A 126 -0.12 -3.76 19.21
CA ALA A 126 -0.24 -3.41 17.80
C ALA A 126 0.35 -2.04 17.50
N LYS A 127 0.34 -1.14 18.48
CA LYS A 127 0.84 0.21 18.25
C LYS A 127 2.36 0.24 18.07
N ILE A 128 3.08 -0.68 18.70
CA ILE A 128 4.53 -0.74 18.59
C ILE A 128 4.97 -1.85 17.64
N CYS A 129 4.09 -2.28 16.75
CA CYS A 129 4.40 -3.29 15.75
C CYS A 129 4.45 -2.67 14.36
N SER A 130 5.41 -3.12 13.56
CA SER A 130 5.48 -2.72 12.17
C SER A 130 4.45 -3.52 11.37
N ASN A 131 4.34 -3.22 10.07
CA ASN A 131 3.36 -3.92 9.24
C ASN A 131 3.73 -5.40 9.10
N ALA A 132 5.01 -5.70 8.96
CA ALA A 132 5.43 -7.10 8.94
C ALA A 132 5.31 -7.74 10.32
N ASP A 133 5.49 -6.95 11.38
CA ASP A 133 5.24 -7.47 12.73
C ASP A 133 3.78 -7.88 12.89
N LEU A 134 2.86 -7.05 12.39
CA LEU A 134 1.43 -7.37 12.50
C LEU A 134 1.06 -8.60 11.68
N ILE A 135 1.71 -8.80 10.53
CA ILE A 135 1.38 -9.93 9.68
C ILE A 135 1.96 -11.22 10.22
N TYR A 136 3.25 -11.22 10.55
CA TYR A 136 3.86 -12.44 11.07
C TYR A 136 3.33 -12.80 12.45
N GLY A 137 3.04 -11.80 13.28
CA GLY A 137 2.49 -12.07 14.59
C GLY A 137 1.12 -12.70 14.52
N ALA A 138 0.26 -12.21 13.61
CA ALA A 138 -1.07 -12.77 13.48
C ALA A 138 -1.04 -14.15 12.83
N LYS A 139 -0.07 -14.39 11.95
CA LYS A 139 0.01 -15.70 11.28
C LYS A 139 0.28 -16.82 12.28
N LYS A 140 1.11 -16.56 13.28
CA LYS A 140 1.40 -17.55 14.31
C LYS A 140 0.34 -17.58 15.41
N MET A 141 -0.79 -16.90 15.21
CA MET A 141 -1.91 -16.92 16.15
C MET A 141 -3.19 -17.28 15.42
N PRO A 142 -3.32 -18.53 14.98
CA PRO A 142 -4.57 -18.94 14.32
C PRO A 142 -5.69 -19.16 15.32
N VAL A 143 -6.91 -18.87 14.87
CA VAL A 143 -8.12 -19.07 15.68
C VAL A 143 -9.10 -19.85 14.83
N ILE A 144 -9.49 -21.02 15.30
CA ILE A 144 -10.30 -21.97 14.53
C ILE A 144 -11.67 -22.11 15.20
N LYS A 145 -12.72 -21.91 14.40
CA LYS A 145 -14.10 -22.08 14.85
C LYS A 145 -14.82 -23.00 13.89
N LYS A 146 -16.01 -23.46 14.30
CA LYS A 146 -16.78 -24.41 13.53
C LYS A 146 -18.26 -24.11 13.63
N ALA A 147 -18.92 -23.96 12.47
CA ALA A 147 -20.37 -23.88 12.41
C ALA A 147 -20.83 -25.08 11.60
N ASN A 148 -21.23 -24.90 10.34
CA ASN A 148 -21.32 -26.02 9.41
C ASN A 148 -20.05 -26.19 8.59
N THR A 149 -19.14 -25.21 8.66
CA THR A 149 -17.81 -25.32 8.09
C THR A 149 -16.79 -24.96 9.16
N THR A 150 -15.57 -25.45 8.99
CA THR A 150 -14.46 -25.12 9.86
C THR A 150 -13.65 -24.00 9.23
N ILE A 151 -13.39 -22.95 10.00
CA ILE A 151 -12.70 -21.76 9.50
C ILE A 151 -11.49 -21.49 10.38
N GLY A 152 -10.45 -20.95 9.76
CA GLY A 152 -9.26 -20.52 10.48
C GLY A 152 -8.12 -21.51 10.52
N ILE A 153 -8.26 -22.67 9.91
CA ILE A 153 -7.17 -23.65 9.90
C ILE A 153 -6.03 -23.13 9.03
N PRO A 154 -4.80 -23.13 9.50
CA PRO A 154 -3.67 -22.70 8.66
C PRO A 154 -3.59 -23.54 7.39
N GLY A 155 -3.40 -22.86 6.26
CA GLY A 155 -3.49 -23.51 4.96
C GLY A 155 -4.84 -23.41 4.31
N THR A 156 -5.82 -22.79 4.97
CA THR A 156 -7.15 -22.60 4.41
C THR A 156 -7.49 -21.11 4.34
N PHE A 157 -8.49 -20.79 3.51
CA PHE A 157 -8.91 -19.42 3.29
C PHE A 157 -10.37 -19.41 2.91
N SER A 158 -11.21 -18.78 3.74
CA SER A 158 -12.65 -18.75 3.53
C SER A 158 -13.07 -17.39 2.96
N ALA A 159 -14.36 -17.28 2.64
CA ALA A 159 -14.89 -16.05 2.07
C ALA A 159 -16.40 -16.02 2.28
N ARG A 160 -16.92 -14.84 2.60
CA ARG A 160 -18.35 -14.64 2.79
C ARG A 160 -18.99 -14.22 1.48
N LEU A 161 -20.04 -14.92 1.08
CA LEU A 161 -20.83 -14.51 -0.08
C LEU A 161 -21.77 -13.38 0.34
N GLN A 162 -21.59 -12.20 -0.26
CA GLN A 162 -22.35 -11.01 0.09
C GLN A 162 -23.23 -10.62 -1.09
N PRO A 163 -24.48 -11.08 -1.14
CA PRO A 163 -25.36 -10.74 -2.27
C PRO A 163 -26.39 -9.68 -1.89
N ASN A 164 -26.01 -8.41 -2.01
CA ASN A 164 -26.89 -7.30 -1.63
C ASN A 164 -27.62 -6.75 -2.85
N ASP A 165 -28.85 -6.30 -2.62
CA ASP A 165 -29.69 -5.73 -3.67
C ASP A 165 -30.31 -4.44 -3.18
N THR A 166 -30.55 -3.53 -4.13
CA THR A 166 -31.12 -2.22 -3.81
C THR A 166 -32.52 -2.31 -3.23
N ARG A 167 -33.25 -3.39 -3.50
CA ARG A 167 -34.60 -3.57 -2.97
C ARG A 167 -34.77 -4.88 -2.22
N ASP A 168 -33.69 -5.57 -1.88
CA ASP A 168 -33.75 -6.92 -1.30
C ASP A 168 -34.54 -7.87 -2.21
N ASP A 169 -34.36 -7.70 -3.51
CA ASP A 169 -35.04 -8.56 -4.48
C ASP A 169 -34.40 -9.93 -4.49
N VAL A 170 -35.22 -10.97 -4.31
CA VAL A 170 -34.71 -12.33 -4.18
C VAL A 170 -34.18 -12.87 -5.50
N GLN A 171 -34.58 -12.28 -6.63
CA GLN A 171 -34.02 -12.69 -7.90
C GLN A 171 -32.61 -12.13 -8.10
N SER A 172 -32.39 -10.89 -7.69
CA SER A 172 -31.06 -10.30 -7.77
C SER A 172 -30.13 -10.93 -6.74
N ILE A 173 -30.65 -11.27 -5.56
CA ILE A 173 -29.82 -11.89 -4.53
C ILE A 173 -29.43 -13.30 -4.94
N ALA A 174 -30.37 -14.08 -5.49
CA ALA A 174 -30.05 -15.43 -5.92
C ALA A 174 -29.06 -15.43 -7.08
N ALA A 175 -29.14 -14.42 -7.95
CA ALA A 175 -28.22 -14.36 -9.09
C ALA A 175 -26.78 -14.20 -8.61
N GLN A 176 -26.56 -13.35 -7.61
CA GLN A 176 -25.21 -13.18 -7.06
C GLN A 176 -24.78 -14.40 -6.25
N ILE A 177 -25.72 -15.18 -5.73
CA ILE A 177 -25.37 -16.37 -4.96
C ILE A 177 -24.81 -17.44 -5.89
N TYR A 178 -25.49 -17.69 -7.01
CA TYR A 178 -25.01 -18.66 -7.97
C TYR A 178 -23.68 -18.23 -8.61
N GLU A 179 -23.45 -16.92 -8.70
CA GLU A 179 -22.18 -16.44 -9.22
C GLU A 179 -21.05 -16.66 -8.20
N GLY A 180 -21.33 -16.41 -6.92
CA GLY A 180 -20.31 -16.59 -5.91
C GLY A 180 -19.96 -18.04 -5.66
N LEU A 181 -20.97 -18.91 -5.65
CA LEU A 181 -20.71 -20.34 -5.46
C LEU A 181 -19.88 -20.91 -6.59
N SER A 182 -20.06 -20.40 -7.81
CA SER A 182 -19.29 -20.86 -8.95
C SER A 182 -17.82 -20.49 -8.87
N PHE A 183 -17.45 -19.56 -7.99
CA PHE A 183 -16.06 -19.19 -7.76
C PHE A 183 -15.48 -19.80 -6.49
N GLY A 184 -16.26 -20.59 -5.77
CA GLY A 184 -15.82 -21.16 -4.50
C GLY A 184 -15.97 -20.27 -3.30
N VAL A 185 -16.86 -19.28 -3.36
CA VAL A 185 -17.07 -18.33 -2.26
C VAL A 185 -18.31 -18.74 -1.49
N GLY A 186 -18.22 -18.67 -0.17
CA GLY A 186 -19.39 -18.93 0.66
C GLY A 186 -19.17 -19.87 1.82
N ASP A 187 -17.92 -20.27 2.07
CA ASP A 187 -17.65 -21.16 3.19
C ASP A 187 -17.69 -20.44 4.53
N ALA A 188 -17.45 -19.13 4.55
CA ALA A 188 -17.65 -18.36 5.77
C ALA A 188 -19.14 -18.23 6.08
N VAL A 189 -19.88 -17.57 5.20
CA VAL A 189 -21.32 -17.42 5.34
C VAL A 189 -21.86 -16.84 4.04
N ILE A 190 -23.15 -17.05 3.80
CA ILE A 190 -23.89 -16.34 2.75
C ILE A 190 -24.68 -15.26 3.48
N GLY A 191 -24.07 -14.10 3.65
CA GLY A 191 -24.65 -13.02 4.46
C GLY A 191 -25.15 -11.88 3.59
N VAL A 192 -26.41 -11.51 3.81
CA VAL A 192 -27.09 -10.47 3.05
C VAL A 192 -27.25 -9.25 3.93
N ASN A 193 -26.80 -8.10 3.45
CA ASN A 193 -27.12 -6.83 4.09
C ASN A 193 -28.49 -6.37 3.60
N PRO A 194 -29.47 -6.19 4.49
CA PRO A 194 -30.83 -5.88 4.04
C PRO A 194 -31.09 -4.39 3.90
N VAL A 195 -31.64 -3.99 2.75
CA VAL A 195 -31.99 -2.58 2.54
C VAL A 195 -33.13 -2.15 3.45
N THR A 196 -33.88 -3.09 4.01
CA THR A 196 -34.94 -2.79 4.96
C THR A 196 -34.61 -3.39 6.33
N ASP A 197 -35.58 -3.30 7.23
CA ASP A 197 -35.46 -3.90 8.55
C ASP A 197 -36.84 -4.32 9.05
N ASP A 198 -37.56 -5.09 8.25
CA ASP A 198 -38.82 -5.69 8.66
C ASP A 198 -38.68 -7.21 8.67
N VAL A 199 -39.43 -7.84 9.57
CA VAL A 199 -39.23 -9.27 9.84
C VAL A 199 -39.57 -10.11 8.62
N GLU A 200 -40.62 -9.73 7.88
CA GLU A 200 -41.03 -10.52 6.73
C GLU A 200 -40.04 -10.39 5.58
N ASN A 201 -39.24 -9.33 5.57
CA ASN A 201 -38.17 -9.25 4.59
C ASN A 201 -37.08 -10.27 4.90
N LEU A 202 -36.67 -10.34 6.16
CA LEU A 202 -35.58 -11.23 6.54
C LEU A 202 -35.93 -12.68 6.21
N SER A 203 -37.13 -13.11 6.60
CA SER A 203 -37.52 -14.51 6.37
C SER A 203 -37.58 -14.80 4.88
N ARG A 204 -37.96 -13.80 4.07
CA ARG A 204 -38.02 -14.02 2.63
C ARG A 204 -36.61 -14.13 2.04
N VAL A 205 -35.67 -13.35 2.57
CA VAL A 205 -34.28 -13.47 2.13
C VAL A 205 -33.68 -14.78 2.62
N LEU A 206 -33.98 -15.16 3.87
CA LEU A 206 -33.45 -16.41 4.41
C LEU A 206 -34.02 -17.62 3.68
N ASP A 207 -35.31 -17.59 3.36
CA ASP A 207 -35.91 -18.69 2.60
C ASP A 207 -35.28 -18.83 1.23
N THR A 208 -34.87 -17.72 0.63
CA THR A 208 -34.17 -17.78 -0.65
C THR A 208 -32.76 -18.37 -0.48
N ILE A 209 -32.05 -17.96 0.57
CA ILE A 209 -30.70 -18.44 0.81
C ILE A 209 -30.70 -19.95 1.06
N TYR A 210 -31.60 -20.40 1.93
CA TYR A 210 -31.63 -21.80 2.31
C TYR A 210 -32.28 -22.69 1.27
N GLY A 211 -33.11 -22.12 0.39
CA GLY A 211 -33.60 -22.89 -0.74
C GLY A 211 -32.49 -23.36 -1.65
N VAL A 212 -31.44 -22.53 -1.79
CA VAL A 212 -30.27 -22.93 -2.56
C VAL A 212 -29.41 -23.90 -1.77
N ILE A 213 -29.27 -23.67 -0.46
CA ILE A 213 -28.48 -24.56 0.39
C ILE A 213 -29.07 -25.96 0.38
N ASP A 214 -30.39 -26.05 0.60
CA ASP A 214 -31.04 -27.36 0.66
C ASP A 214 -31.10 -28.03 -0.71
N LYS A 215 -31.09 -27.22 -1.78
CA LYS A 215 -31.16 -27.80 -3.12
C LYS A 215 -29.91 -28.59 -3.45
N PHE A 216 -28.73 -28.03 -3.17
CA PHE A 216 -27.46 -28.65 -3.52
C PHE A 216 -26.70 -29.19 -2.31
N ASN A 217 -27.37 -29.29 -1.15
CA ASN A 217 -26.76 -29.83 0.07
CA ASN A 217 -26.77 -29.82 0.07
C ASN A 217 -25.45 -29.13 0.38
N ILE A 218 -25.45 -27.81 0.28
CA ILE A 218 -24.25 -27.00 0.50
C ILE A 218 -23.92 -26.97 1.99
N PRO A 219 -22.73 -27.40 2.39
CA PRO A 219 -22.31 -27.21 3.78
C PRO A 219 -21.89 -25.77 4.03
N THR A 220 -22.82 -24.96 4.54
CA THR A 220 -22.56 -23.56 4.84
C THR A 220 -23.66 -23.06 5.78
N GLN A 221 -23.80 -21.75 5.90
CA GLN A 221 -24.79 -21.16 6.78
C GLN A 221 -25.26 -19.84 6.18
N GLY A 222 -26.50 -19.47 6.50
CA GLY A 222 -27.07 -18.23 6.00
C GLY A 222 -27.20 -17.17 7.06
N CYS A 223 -27.36 -15.91 6.63
CA CYS A 223 -27.44 -14.80 7.57
C CYS A 223 -27.94 -13.56 6.84
N VAL A 224 -28.82 -12.81 7.49
CA VAL A 224 -29.23 -11.49 7.03
C VAL A 224 -28.80 -10.48 8.09
N LEU A 225 -27.93 -9.56 7.70
CA LEU A 225 -27.24 -8.70 8.66
C LEU A 225 -28.09 -7.51 9.09
N ALA A 226 -29.31 -7.76 9.51
CA ALA A 226 -30.16 -6.72 10.09
C ALA A 226 -29.85 -6.59 11.58
N HIS A 227 -30.66 -5.83 12.30
CA HIS A 227 -30.50 -5.73 13.74
C HIS A 227 -30.75 -7.10 14.39
N VAL A 228 -30.06 -7.33 15.51
CA VAL A 228 -30.10 -8.66 16.13
C VAL A 228 -31.50 -8.97 16.67
N THR A 229 -32.27 -7.95 17.05
CA THR A 229 -33.60 -8.19 17.61
C THR A 229 -34.54 -8.77 16.56
N THR A 230 -34.57 -8.16 15.38
CA THR A 230 -35.43 -8.66 14.31
C THR A 230 -34.91 -9.96 13.71
N GLN A 231 -33.61 -10.22 13.83
CA GLN A 231 -33.09 -11.55 13.47
C GLN A 231 -33.63 -12.61 14.41
N ILE A 232 -33.54 -12.35 15.72
CA ILE A 232 -34.11 -13.26 16.71
C ILE A 232 -35.60 -13.46 16.47
N GLU A 233 -36.30 -12.39 16.11
CA GLU A 233 -37.75 -12.44 15.95
C GLU A 233 -38.13 -13.32 14.76
N ALA A 234 -37.45 -13.15 13.63
CA ALA A 234 -37.77 -13.95 12.45
C ALA A 234 -37.46 -15.42 12.69
N ILE A 235 -36.34 -15.72 13.35
CA ILE A 235 -35.98 -17.11 13.63
C ILE A 235 -36.97 -17.71 14.63
N ARG A 236 -37.42 -16.92 15.60
CA ARG A 236 -38.41 -17.40 16.56
C ARG A 236 -39.75 -17.73 15.90
N ARG A 237 -39.99 -17.22 14.69
CA ARG A 237 -41.27 -17.40 14.02
C ARG A 237 -41.18 -18.37 12.84
N GLY A 238 -40.07 -19.08 12.68
CA GLY A 238 -39.95 -20.12 11.68
C GLY A 238 -38.90 -19.91 10.62
N ALA A 239 -38.28 -18.73 10.54
CA ALA A 239 -37.24 -18.52 9.56
C ALA A 239 -36.02 -19.40 9.87
N PRO A 240 -35.41 -20.02 8.86
CA PRO A 240 -34.26 -20.91 9.12
C PRO A 240 -33.08 -20.13 9.69
N GLY A 241 -32.60 -20.57 10.85
CA GLY A 241 -31.53 -19.89 11.55
C GLY A 241 -30.18 -20.52 11.26
N GLY A 242 -29.20 -19.66 10.98
CA GLY A 242 -27.83 -20.10 10.80
C GLY A 242 -26.89 -19.31 11.68
N LEU A 243 -26.32 -18.23 11.14
CA LEU A 243 -25.54 -17.29 11.93
C LEU A 243 -26.42 -16.11 12.33
N ILE A 244 -26.23 -15.63 13.56
CA ILE A 244 -26.92 -14.45 14.06
C ILE A 244 -25.92 -13.31 14.13
N PHE A 245 -26.23 -12.20 13.47
CA PHE A 245 -25.31 -11.10 13.30
C PHE A 245 -25.70 -9.90 14.15
N GLN A 246 -24.69 -9.15 14.58
CA GLN A 246 -24.91 -7.85 15.20
C GLN A 246 -23.63 -7.03 15.11
N SER A 247 -23.78 -5.77 14.75
CA SER A 247 -22.69 -4.82 14.80
C SER A 247 -22.43 -4.41 16.25
N ILE A 248 -21.15 -4.23 16.57
CA ILE A 248 -20.75 -3.96 17.96
C ILE A 248 -19.85 -2.73 17.99
N CYS A 249 -19.85 -2.08 19.15
CA CYS A 249 -18.99 -0.93 19.41
C CYS A 249 -18.26 -1.16 20.73
N GLY A 250 -17.08 -0.56 20.86
CA GLY A 250 -16.21 -0.77 22.00
C GLY A 250 -16.61 -0.07 23.28
N SER A 251 -17.78 0.55 23.33
CA SER A 251 -18.24 1.24 24.53
C SER A 251 -19.74 1.05 24.68
N GLU A 252 -20.22 1.26 25.91
CA GLU A 252 -21.66 1.11 26.19
C GLU A 252 -22.47 2.13 25.40
N LYS A 253 -22.03 3.39 25.39
CA LYS A 253 -22.72 4.41 24.62
C LYS A 253 -22.70 4.10 23.13
N GLY A 254 -21.63 3.46 22.65
CA GLY A 254 -21.61 3.00 21.27
C GLY A 254 -22.60 1.89 21.00
N LEU A 255 -22.81 1.00 21.97
CA LEU A 255 -23.84 -0.04 21.81
C LEU A 255 -25.24 0.58 21.84
N LYS A 256 -25.44 1.58 22.69
CA LYS A 256 -26.73 2.28 22.70
C LYS A 256 -26.98 3.03 21.40
N GLU A 257 -25.92 3.44 20.72
CA GLU A 257 -26.08 4.06 19.40
C GLU A 257 -26.68 3.08 18.40
N PHE A 258 -26.24 1.82 18.44
CA PHE A 258 -26.79 0.78 17.59
C PHE A 258 -28.08 0.19 18.15
N GLY A 259 -28.51 0.61 19.34
CA GLY A 259 -29.68 0.04 19.97
C GLY A 259 -29.47 -1.35 20.51
N VAL A 260 -28.25 -1.67 20.94
CA VAL A 260 -27.87 -3.02 21.35
C VAL A 260 -27.60 -3.03 22.84
N GLU A 261 -28.20 -3.97 23.54
CA GLU A 261 -27.86 -4.29 24.92
C GLU A 261 -27.09 -5.60 24.95
N LEU A 262 -26.29 -5.77 26.01
CA LEU A 262 -25.56 -7.03 26.16
C LEU A 262 -26.51 -8.20 26.38
N ALA A 263 -27.70 -7.94 26.92
CA ALA A 263 -28.69 -9.00 27.09
C ALA A 263 -29.21 -9.50 25.75
N MET A 264 -29.16 -8.65 24.71
CA MET A 264 -29.56 -9.08 23.38
C MET A 264 -28.60 -10.12 22.82
N LEU A 265 -27.31 -10.00 23.12
CA LEU A 265 -26.34 -10.98 22.65
C LEU A 265 -26.46 -12.29 23.42
N ASP A 266 -26.80 -12.21 24.71
CA ASP A 266 -27.10 -13.43 25.46
C ASP A 266 -28.32 -14.14 24.88
N GLU A 267 -29.31 -13.37 24.44
CA GLU A 267 -30.51 -13.96 23.84
C GLU A 267 -30.21 -14.55 22.48
N ALA A 268 -29.34 -13.90 21.70
CA ALA A 268 -28.95 -14.46 20.42
C ALA A 268 -28.20 -15.78 20.59
N ARG A 269 -27.42 -15.91 21.67
CA ARG A 269 -26.75 -17.17 21.95
C ARG A 269 -27.75 -18.26 22.34
N ALA A 270 -28.83 -17.88 23.03
CA ALA A 270 -29.82 -18.85 23.45
C ALA A 270 -30.76 -19.23 22.31
N VAL A 271 -31.09 -18.27 21.44
CA VAL A 271 -31.95 -18.56 20.30
C VAL A 271 -31.25 -19.48 19.31
N GLY A 272 -29.94 -19.28 19.11
CA GLY A 272 -29.20 -20.13 18.22
C GLY A 272 -29.09 -21.57 18.71
N ALA A 273 -28.95 -21.74 20.03
CA ALA A 273 -28.85 -23.09 20.58
C ALA A 273 -30.17 -23.84 20.46
N GLU A 274 -31.30 -23.14 20.46
CA GLU A 274 -32.60 -23.76 20.39
C GLU A 274 -33.12 -23.90 18.96
N PHE A 275 -32.72 -23.01 18.06
CA PHE A 275 -33.33 -22.91 16.75
C PHE A 275 -32.37 -23.11 15.58
N ASN A 276 -31.12 -22.71 15.71
CA ASN A 276 -30.25 -22.58 14.54
C ASN A 276 -29.82 -23.93 13.99
N ARG A 277 -29.68 -23.99 12.67
CA ARG A 277 -29.23 -25.19 11.97
C ARG A 277 -27.71 -25.17 11.84
N ILE A 278 -27.05 -25.35 12.98
CA ILE A 278 -25.59 -25.28 13.05
C ILE A 278 -25.10 -26.58 13.68
N ALA A 279 -24.23 -27.30 12.97
CA ALA A 279 -23.67 -28.53 13.51
C ALA A 279 -22.61 -28.25 14.56
N GLY A 280 -21.76 -27.23 14.32
CA GLY A 280 -20.74 -26.86 15.26
C GLY A 280 -21.30 -26.12 16.47
N GLU A 281 -20.39 -25.56 17.25
CA GLU A 281 -20.73 -24.87 18.50
C GLU A 281 -20.71 -23.36 18.38
N ASN A 282 -20.34 -22.81 17.23
CA ASN A 282 -20.24 -21.38 17.03
C ASN A 282 -21.26 -20.93 16.00
N CYS A 283 -22.06 -19.92 16.35
CA CYS A 283 -23.13 -19.46 15.46
C CYS A 283 -23.33 -17.95 15.49
N LEU A 284 -22.43 -17.19 16.10
CA LEU A 284 -22.58 -15.74 16.17
C LEU A 284 -21.64 -15.06 15.19
N TYR A 285 -22.03 -13.85 14.76
CA TYR A 285 -21.29 -13.10 13.75
C TYR A 285 -21.28 -11.63 14.18
N PHE A 286 -20.08 -11.08 14.37
CA PHE A 286 -19.92 -9.67 14.68
C PHE A 286 -19.06 -9.01 13.61
N GLU A 287 -19.30 -7.72 13.41
CA GLU A 287 -18.49 -6.91 12.51
C GLU A 287 -18.05 -5.65 13.23
N THR A 288 -16.82 -5.22 12.96
CA THR A 288 -16.24 -4.05 13.61
C THR A 288 -15.65 -3.07 12.60
N GLY A 289 -14.78 -2.17 13.06
CA GLY A 289 -14.19 -1.19 12.18
C GLY A 289 -13.83 0.10 12.87
N GLN A 290 -12.63 0.61 12.60
CA GLN A 290 -12.16 1.81 13.29
C GLN A 290 -12.98 3.03 12.90
N GLY A 291 -13.35 3.82 13.90
CA GLY A 291 -14.12 5.02 13.70
C GLY A 291 -15.57 4.94 14.15
N SER A 292 -16.04 3.76 14.56
CA SER A 292 -17.44 3.63 14.97
C SER A 292 -17.70 4.34 16.31
N ALA A 293 -16.77 4.21 17.26
CA ALA A 293 -16.95 4.87 18.54
C ALA A 293 -16.84 6.38 18.40
N LEU A 294 -15.91 6.85 17.56
CA LEU A 294 -15.77 8.29 17.33
C LEU A 294 -16.99 8.86 16.62
N SER A 295 -17.60 8.07 15.72
CA SER A 295 -18.80 8.53 15.02
C SER A 295 -19.97 8.66 15.98
N ALA A 296 -20.06 7.77 16.97
CA ALA A 296 -21.14 7.79 17.95
C ALA A 296 -20.86 8.72 19.12
N GLY A 297 -19.77 9.48 19.08
CA GLY A 297 -19.39 10.30 20.21
C GLY A 297 -19.16 9.50 21.48
N ALA A 298 -18.68 8.27 21.36
CA ALA A 298 -18.57 7.34 22.48
C ALA A 298 -17.17 6.75 22.56
N ASN A 299 -16.15 7.56 22.24
CA ASN A 299 -14.77 7.12 22.38
C ASN A 299 -14.09 7.68 23.63
N PHE A 300 -14.60 8.78 24.18
CA PHE A 300 -14.12 9.34 25.45
C PHE A 300 -12.63 9.69 25.39
N GLY A 301 -12.24 10.34 24.31
CA GLY A 301 -10.86 10.77 24.15
C GLY A 301 -9.87 9.69 23.81
N ALA A 302 -10.35 8.47 23.51
CA ALA A 302 -9.46 7.38 23.12
C ALA A 302 -9.35 7.31 21.60
N ASP A 303 -8.24 6.77 21.13
CA ASP A 303 -8.01 6.62 19.70
C ASP A 303 -8.83 5.46 19.15
N GLN A 304 -9.01 5.46 17.83
CA GLN A 304 -9.86 4.47 17.18
C GLN A 304 -9.22 3.09 17.09
N VAL A 305 -7.93 2.96 17.40
CA VAL A 305 -7.31 1.64 17.45
C VAL A 305 -7.57 0.99 18.80
N THR A 306 -7.45 1.75 19.89
CA THR A 306 -7.77 1.23 21.21
C THR A 306 -9.26 0.88 21.31
N MET A 307 -10.12 1.75 20.77
CA MET A 307 -11.55 1.48 20.80
C MET A 307 -11.90 0.26 19.96
N GLU A 308 -11.17 0.03 18.86
CA GLU A 308 -11.42 -1.14 18.03
C GLU A 308 -10.99 -2.42 18.75
N ALA A 309 -9.92 -2.37 19.52
CA ALA A 309 -9.51 -3.54 20.29
C ALA A 309 -10.55 -3.90 21.35
N ARG A 310 -11.27 -2.90 21.87
CA ARG A 310 -12.32 -3.19 22.84
C ARG A 310 -13.49 -3.93 22.21
N ASN A 311 -13.68 -3.77 20.90
CA ASN A 311 -14.63 -4.61 20.19
C ASN A 311 -14.27 -6.09 20.33
N TYR A 312 -12.99 -6.41 20.19
CA TYR A 312 -12.55 -7.80 20.19
C TYR A 312 -12.65 -8.42 21.58
N GLY A 313 -12.41 -7.63 22.62
CA GLY A 313 -12.62 -8.13 23.97
C GLY A 313 -14.08 -8.37 24.28
N LEU A 314 -14.97 -7.58 23.68
CA LEU A 314 -16.40 -7.80 23.84
C LEU A 314 -16.87 -9.02 23.04
N ALA A 315 -16.38 -9.16 21.81
CA ALA A 315 -16.79 -10.29 20.98
C ALA A 315 -16.26 -11.61 21.51
N ARG A 316 -15.06 -11.61 22.11
CA ARG A 316 -14.48 -12.85 22.64
C ARG A 316 -15.37 -13.47 23.71
N HIS A 317 -16.17 -12.66 24.40
CA HIS A 317 -17.02 -13.17 25.47
C HIS A 317 -18.09 -14.12 24.95
N TYR A 318 -18.52 -13.96 23.69
CA TYR A 318 -19.62 -14.72 23.15
C TYR A 318 -19.17 -15.83 22.19
N ASP A 319 -17.86 -16.03 22.05
CA ASP A 319 -17.25 -17.07 21.23
C ASP A 319 -17.93 -17.18 19.86
N PRO A 320 -17.86 -16.14 19.03
CA PRO A 320 -18.58 -16.16 17.76
C PRO A 320 -17.87 -17.04 16.73
N PHE A 321 -18.61 -17.36 15.66
CA PHE A 321 -18.03 -18.15 14.59
C PHE A 321 -17.05 -17.33 13.75
N ILE A 322 -17.39 -16.07 13.49
CA ILE A 322 -16.57 -15.21 12.64
C ILE A 322 -16.70 -13.78 13.12
N VAL A 323 -15.59 -13.04 13.09
CA VAL A 323 -15.57 -11.59 13.25
C VAL A 323 -14.70 -11.01 12.15
N ASN A 324 -15.15 -9.92 11.55
CA ASN A 324 -14.34 -9.23 10.55
C ASN A 324 -14.50 -7.73 10.72
N THR A 325 -13.38 -7.02 10.65
CA THR A 325 -13.41 -5.58 10.56
C THR A 325 -13.82 -5.16 9.15
N VAL A 326 -14.54 -4.06 9.06
CA VAL A 326 -14.90 -3.46 7.78
C VAL A 326 -14.01 -2.22 7.68
N VAL A 327 -12.81 -2.44 7.14
CA VAL A 327 -11.70 -1.53 7.39
C VAL A 327 -11.94 -0.16 6.76
N GLY A 328 -12.52 -0.12 5.57
CA GLY A 328 -12.72 1.15 4.89
C GLY A 328 -14.15 1.42 4.51
N PHE A 329 -15.09 1.08 5.40
CA PHE A 329 -16.50 1.15 5.04
C PHE A 329 -17.10 2.53 5.23
N ILE A 330 -16.58 3.31 6.17
CA ILE A 330 -17.22 4.55 6.54
C ILE A 330 -16.79 5.67 5.61
N GLY A 331 -15.56 6.16 5.77
CA GLY A 331 -15.07 7.23 4.94
C GLY A 331 -13.68 7.72 5.30
N PRO A 332 -13.19 8.71 4.54
CA PRO A 332 -11.82 9.20 4.78
C PRO A 332 -11.67 10.03 6.04
N GLU A 333 -12.76 10.41 6.70
CA GLU A 333 -12.64 11.16 7.95
C GLU A 333 -12.02 10.34 9.07
N TYR A 334 -12.03 9.02 8.95
CA TYR A 334 -11.38 8.12 9.90
C TYR A 334 -10.18 7.41 9.32
N LEU A 335 -10.22 7.02 8.06
CA LEU A 335 -9.08 6.42 7.36
C LEU A 335 -9.05 6.99 5.95
N TYR A 336 -8.01 7.78 5.64
CA TYR A 336 -8.05 8.64 4.46
C TYR A 336 -7.67 7.89 3.19
N ASN A 337 -6.51 7.24 3.17
CA ASN A 337 -5.96 6.75 1.90
C ASN A 337 -5.59 5.27 1.92
N ASP A 338 -4.82 4.86 0.92
CA ASP A 338 -4.37 3.46 0.84
C ASP A 338 -3.50 3.09 2.03
N ARG A 339 -2.57 3.98 2.40
CA ARG A 339 -1.63 3.68 3.46
C ARG A 339 -2.34 3.47 4.80
N GLN A 340 -3.31 4.32 5.12
CA GLN A 340 -4.00 4.21 6.40
C GLN A 340 -4.94 3.01 6.43
N ILE A 341 -5.56 2.67 5.29
CA ILE A 341 -6.49 1.55 5.26
C ILE A 341 -5.75 0.22 5.39
N ILE A 342 -4.61 0.09 4.72
CA ILE A 342 -3.80 -1.12 4.85
C ILE A 342 -3.33 -1.27 6.29
N ARG A 343 -2.80 -0.19 6.87
CA ARG A 343 -2.29 -0.24 8.24
C ARG A 343 -3.39 -0.62 9.22
N ALA A 344 -4.59 -0.05 9.05
CA ALA A 344 -5.70 -0.38 9.93
C ALA A 344 -6.12 -1.84 9.76
N GLY A 345 -6.17 -2.33 8.52
CA GLY A 345 -6.55 -3.70 8.29
C GLY A 345 -5.57 -4.69 8.91
N LEU A 346 -4.27 -4.34 8.91
CA LEU A 346 -3.28 -5.20 9.55
C LEU A 346 -3.37 -5.11 11.07
N GLU A 347 -3.58 -3.90 11.60
CA GLU A 347 -3.76 -3.74 13.04
C GLU A 347 -4.99 -4.49 13.52
N ASP A 348 -6.13 -4.30 12.83
CA ASP A 348 -7.38 -4.91 13.27
C ASP A 348 -7.28 -6.42 13.29
N HIS A 349 -6.73 -7.02 12.23
CA HIS A 349 -6.62 -8.46 12.17
C HIS A 349 -5.64 -9.00 13.22
N PHE A 350 -4.52 -8.30 13.42
CA PHE A 350 -3.57 -8.72 14.44
C PHE A 350 -4.19 -8.65 15.82
N MET A 351 -4.93 -7.58 16.10
CA MET A 351 -5.55 -7.44 17.42
C MET A 351 -6.68 -8.45 17.62
N GLY A 352 -7.43 -8.73 16.55
CA GLY A 352 -8.48 -9.73 16.65
C GLY A 352 -7.93 -11.13 16.91
N LYS A 353 -6.81 -11.45 16.25
CA LYS A 353 -6.19 -12.76 16.47
C LYS A 353 -5.54 -12.84 17.84
N LEU A 354 -4.94 -11.73 18.31
CA LEU A 354 -4.38 -11.72 19.65
C LEU A 354 -5.45 -11.81 20.72
N SER A 355 -6.66 -11.33 20.43
CA SER A 355 -7.78 -11.43 21.35
C SER A 355 -8.43 -12.82 21.34
N GLY A 356 -8.09 -13.67 20.37
CA GLY A 356 -8.60 -15.01 20.35
C GLY A 356 -9.93 -15.20 19.65
N ILE A 357 -10.26 -14.35 18.69
CA ILE A 357 -11.50 -14.48 17.93
C ILE A 357 -11.18 -14.83 16.48
N SER A 358 -12.18 -15.37 15.79
CA SER A 358 -12.03 -15.79 14.40
C SER A 358 -12.05 -14.54 13.52
N MET A 359 -10.88 -13.89 13.45
CA MET A 359 -10.79 -12.56 12.86
C MET A 359 -10.64 -12.64 11.34
N GLY A 360 -11.57 -12.01 10.63
CA GLY A 360 -11.45 -11.81 9.20
C GLY A 360 -11.36 -10.33 8.88
N CYS A 361 -11.56 -9.95 7.62
CA CYS A 361 -11.50 -8.54 7.26
C CYS A 361 -12.23 -8.29 5.96
N ASP A 362 -13.05 -7.25 5.94
CA ASP A 362 -13.64 -6.73 4.71
C ASP A 362 -12.67 -5.71 4.13
N CYS A 363 -11.76 -6.18 3.28
CA CYS A 363 -10.85 -5.28 2.57
C CYS A 363 -11.67 -4.44 1.59
N CYS A 364 -11.96 -3.20 1.96
CA CYS A 364 -12.89 -2.39 1.20
C CYS A 364 -12.50 -0.92 1.30
N TYR A 365 -13.21 -0.10 0.52
CA TYR A 365 -13.01 1.34 0.50
C TYR A 365 -14.28 1.98 -0.04
N THR A 366 -14.39 3.29 0.14
CA THR A 366 -15.51 4.06 -0.37
C THR A 366 -15.03 5.01 -1.47
N ASN A 367 -15.99 5.51 -2.24
CA ASN A 367 -15.67 6.34 -3.40
C ASN A 367 -15.39 7.78 -3.05
N HIS A 368 -15.61 8.21 -1.81
CA HIS A 368 -15.21 9.53 -1.37
C HIS A 368 -13.91 9.51 -0.58
N ALA A 369 -13.26 8.35 -0.49
CA ALA A 369 -11.94 8.22 0.10
C ALA A 369 -10.88 8.11 -0.99
N ASP A 370 -9.64 8.37 -0.61
CA ASP A 370 -8.52 8.39 -1.56
C ASP A 370 -8.00 6.97 -1.74
N ALA A 371 -8.73 6.19 -2.54
CA ALA A 371 -8.39 4.79 -2.74
C ALA A 371 -9.03 4.29 -4.03
N ASP A 372 -8.59 3.10 -4.46
CA ASP A 372 -9.17 2.44 -5.62
C ASP A 372 -9.12 0.93 -5.39
N GLN A 373 -9.54 0.18 -6.41
CA GLN A 373 -9.64 -1.27 -6.27
C GLN A 373 -8.29 -1.94 -6.10
N ASN A 374 -7.21 -1.32 -6.57
CA ASN A 374 -5.88 -1.87 -6.36
C ASN A 374 -5.52 -1.93 -4.88
N LEU A 375 -6.13 -1.08 -4.06
CA LEU A 375 -5.92 -1.16 -2.61
C LEU A 375 -6.52 -2.44 -2.04
N ASN A 376 -7.72 -2.80 -2.50
CA ASN A 376 -8.36 -4.02 -1.99
C ASN A 376 -7.54 -5.25 -2.32
N GLU A 377 -6.93 -5.29 -3.50
CA GLU A 377 -6.11 -6.43 -3.89
C GLU A 377 -4.77 -6.44 -3.17
N ASN A 378 -4.23 -5.27 -2.82
CA ASN A 378 -3.01 -5.21 -2.03
C ASN A 378 -3.25 -5.77 -0.64
N LEU A 379 -4.31 -5.30 0.04
CA LEU A 379 -4.53 -5.66 1.44
C LEU A 379 -5.03 -7.10 1.56
N MET A 380 -5.83 -7.57 0.60
CA MET A 380 -6.36 -8.92 0.69
C MET A 380 -5.26 -9.96 0.61
N ILE A 381 -4.15 -9.65 -0.07
CA ILE A 381 -3.05 -10.60 -0.17
C ILE A 381 -2.16 -10.51 1.06
N LEU A 382 -1.92 -9.29 1.55
CA LEU A 382 -1.16 -9.12 2.79
C LEU A 382 -1.85 -9.81 3.96
N LEU A 383 -3.16 -9.62 4.08
CA LEU A 383 -3.89 -10.26 5.17
C LEU A 383 -3.97 -11.77 4.99
N ALA A 384 -4.04 -12.24 3.74
CA ALA A 384 -4.03 -13.68 3.51
C ALA A 384 -2.74 -14.32 4.01
N THR A 385 -1.60 -13.69 3.75
CA THR A 385 -0.34 -14.18 4.30
C THR A 385 -0.32 -14.09 5.82
N ALA A 386 -1.06 -13.14 6.39
CA ALA A 386 -1.20 -13.04 7.84
C ALA A 386 -2.15 -14.08 8.41
N GLY A 387 -2.74 -14.93 7.56
CA GLY A 387 -3.68 -15.92 8.03
C GLY A 387 -5.07 -15.40 8.28
N CYS A 388 -5.48 -14.36 7.55
CA CYS A 388 -6.83 -13.82 7.68
C CYS A 388 -7.86 -14.93 7.45
N ASN A 389 -8.82 -15.03 8.36
CA ASN A 389 -9.75 -16.15 8.33
C ASN A 389 -10.65 -16.11 7.11
N TYR A 390 -11.09 -14.92 6.71
CA TYR A 390 -11.99 -14.81 5.56
C TYR A 390 -12.08 -13.36 5.11
N ILE A 391 -12.51 -13.18 3.86
CA ILE A 391 -12.81 -11.89 3.29
C ILE A 391 -14.23 -11.94 2.72
N MET A 392 -14.64 -10.85 2.08
CA MET A 392 -15.96 -10.78 1.47
C MET A 392 -15.88 -11.09 -0.03
N GLY A 393 -17.06 -11.30 -0.62
CA GLY A 393 -17.14 -11.57 -2.03
C GLY A 393 -18.40 -11.00 -2.67
N MET A 394 -18.22 -10.21 -3.71
CA MET A 394 -19.31 -9.68 -4.53
C MET A 394 -18.86 -9.70 -5.98
N PRO A 395 -19.80 -9.66 -6.93
CA PRO A 395 -19.40 -9.61 -8.35
C PRO A 395 -18.54 -8.39 -8.65
N LEU A 396 -17.26 -8.63 -8.91
CA LEU A 396 -16.24 -7.59 -9.12
C LEU A 396 -16.04 -6.70 -7.90
N GLY A 397 -16.62 -7.06 -6.76
CA GLY A 397 -16.53 -6.23 -5.57
C GLY A 397 -17.43 -5.02 -5.57
N ASP A 398 -18.34 -4.91 -6.53
CA ASP A 398 -19.22 -3.75 -6.64
C ASP A 398 -20.51 -4.04 -5.87
N ASP A 399 -20.70 -3.33 -4.76
CA ASP A 399 -21.93 -3.44 -3.98
C ASP A 399 -22.95 -2.46 -4.54
N ILE A 400 -24.03 -3.00 -5.12
CA ILE A 400 -25.06 -2.17 -5.72
C ILE A 400 -25.96 -1.50 -4.68
N MET A 401 -25.79 -1.84 -3.41
CA MET A 401 -26.64 -1.30 -2.35
C MET A 401 -25.85 -0.54 -1.30
N LEU A 402 -24.75 -1.09 -0.80
CA LEU A 402 -23.97 -0.43 0.23
C LEU A 402 -23.13 0.71 -0.30
N ASN A 403 -23.04 0.88 -1.61
CA ASN A 403 -22.34 2.00 -2.24
C ASN A 403 -20.87 2.04 -1.84
N TYR A 404 -20.20 0.89 -1.95
CA TYR A 404 -18.78 0.79 -1.70
C TYR A 404 -18.22 -0.37 -2.51
N GLN A 405 -16.90 -0.50 -2.51
CA GLN A 405 -16.22 -1.55 -3.26
C GLN A 405 -15.47 -2.46 -2.29
N THR A 406 -15.77 -3.76 -2.37
CA THR A 406 -15.03 -4.76 -1.60
C THR A 406 -14.30 -5.68 -2.56
N THR A 407 -14.01 -6.91 -2.12
CA THR A 407 -13.27 -7.84 -2.95
C THR A 407 -14.21 -8.66 -3.83
N ALA A 408 -13.70 -9.09 -4.98
CA ALA A 408 -14.49 -9.85 -5.93
C ALA A 408 -14.47 -11.34 -5.58
N PHE A 409 -15.38 -12.09 -6.22
CA PHE A 409 -15.28 -13.54 -6.17
C PHE A 409 -13.98 -14.01 -6.80
N HIS A 410 -13.51 -13.30 -7.83
CA HIS A 410 -12.21 -13.60 -8.42
C HIS A 410 -11.09 -13.49 -7.40
N ASP A 411 -11.25 -12.61 -6.41
CA ASP A 411 -10.16 -12.32 -5.48
C ASP A 411 -9.91 -13.47 -4.53
N THR A 412 -10.96 -14.16 -4.10
CA THR A 412 -10.77 -15.32 -3.22
C THR A 412 -10.10 -16.46 -3.97
N ALA A 413 -10.57 -16.74 -5.19
CA ALA A 413 -9.95 -17.78 -6.00
C ALA A 413 -8.51 -17.42 -6.36
N THR A 414 -8.23 -16.13 -6.55
CA THR A 414 -6.86 -15.71 -6.84
C THR A 414 -5.95 -15.96 -5.65
N VAL A 415 -6.40 -15.56 -4.45
CA VAL A 415 -5.59 -15.74 -3.25
C VAL A 415 -5.36 -17.21 -2.98
N ARG A 416 -6.38 -18.04 -3.18
CA ARG A 416 -6.27 -19.47 -2.89
C ARG A 416 -5.25 -20.13 -3.80
N GLN A 417 -5.27 -19.80 -5.09
CA GLN A 417 -4.33 -20.41 -6.03
C GLN A 417 -2.97 -19.74 -6.02
N LEU A 418 -2.88 -18.49 -5.59
CA LEU A 418 -1.59 -17.83 -5.49
C LEU A 418 -0.80 -18.34 -4.29
N LEU A 419 -1.47 -18.53 -3.16
CA LEU A 419 -0.83 -18.97 -1.92
C LEU A 419 -1.05 -20.44 -1.63
N ASN A 420 -1.64 -21.19 -2.56
CA ASN A 420 -1.95 -22.60 -2.39
C ASN A 420 -2.77 -22.84 -1.11
N LEU A 421 -3.89 -22.14 -1.04
CA LEU A 421 -4.81 -22.26 0.09
C LEU A 421 -6.10 -22.94 -0.37
N ARG A 422 -6.69 -23.71 0.53
CA ARG A 422 -7.92 -24.43 0.29
C ARG A 422 -9.09 -23.76 1.00
N PRO A 423 -10.32 -24.04 0.59
CA PRO A 423 -11.46 -23.52 1.35
C PRO A 423 -11.64 -24.28 2.66
N SER A 424 -12.76 -24.09 3.34
CA SER A 424 -13.09 -24.94 4.46
C SER A 424 -13.17 -26.39 3.97
N PRO A 425 -12.63 -27.35 4.71
CA PRO A 425 -12.62 -28.74 4.23
C PRO A 425 -14.01 -29.28 3.92
N GLU A 426 -15.03 -28.84 4.65
CA GLU A 426 -16.40 -29.24 4.32
C GLU A 426 -16.85 -28.59 3.02
N PHE A 427 -16.54 -27.31 2.83
CA PHE A 427 -16.93 -26.61 1.61
C PHE A 427 -16.14 -27.11 0.41
N GLU A 428 -14.84 -27.41 0.61
CA GLU A 428 -14.03 -27.89 -0.49
C GLU A 428 -14.54 -29.23 -1.01
N ARG A 429 -15.04 -30.08 -0.12
CA ARG A 429 -15.62 -31.35 -0.55
C ARG A 429 -16.83 -31.13 -1.44
N TRP A 430 -17.61 -30.09 -1.15
CA TRP A 430 -18.80 -29.81 -1.94
C TRP A 430 -18.43 -29.24 -3.31
N LEU A 431 -17.46 -28.33 -3.36
CA LEU A 431 -17.02 -27.78 -4.63
C LEU A 431 -16.43 -28.86 -5.52
N GLU A 432 -15.78 -29.86 -4.94
CA GLU A 432 -15.22 -30.96 -5.73
C GLU A 432 -16.33 -31.81 -6.34
N SER A 433 -17.34 -32.16 -5.56
CA SER A 433 -18.45 -32.94 -6.08
C SER A 433 -19.27 -32.14 -7.08
N MET A 434 -19.29 -30.82 -6.95
CA MET A 434 -19.98 -29.96 -7.90
C MET A 434 -19.20 -29.75 -9.19
N GLY A 435 -17.97 -30.27 -9.28
CA GLY A 435 -17.13 -30.02 -10.42
C GLY A 435 -16.55 -28.63 -10.51
N ILE A 436 -16.61 -27.87 -9.42
CA ILE A 436 -16.13 -26.49 -9.44
C ILE A 436 -14.66 -26.38 -9.07
N MET A 437 -14.16 -27.26 -8.20
CA MET A 437 -12.80 -27.17 -7.71
C MET A 437 -12.12 -28.54 -7.76
N ALA A 438 -10.83 -28.52 -8.05
CA ALA A 438 -10.00 -29.73 -8.01
C ALA A 438 -8.59 -29.30 -7.61
N ASN A 439 -8.08 -29.89 -6.52
CA ASN A 439 -6.76 -29.56 -5.98
C ASN A 439 -6.68 -28.07 -5.62
N GLY A 440 -7.76 -27.54 -5.09
CA GLY A 440 -7.81 -26.15 -4.69
C GLY A 440 -7.90 -25.14 -5.82
N ARG A 441 -7.95 -25.59 -7.07
CA ARG A 441 -8.01 -24.71 -8.22
C ARG A 441 -9.35 -24.85 -8.92
N LEU A 442 -9.80 -23.76 -9.54
CA LEU A 442 -11.06 -23.77 -10.27
C LEU A 442 -10.93 -24.62 -11.53
N THR A 443 -11.93 -25.46 -11.77
CA THR A 443 -11.96 -26.27 -12.99
C THR A 443 -12.27 -25.38 -14.20
N LYS A 444 -12.29 -26.00 -15.37
CA LYS A 444 -12.60 -25.25 -16.59
C LYS A 444 -14.03 -24.72 -16.55
N ARG A 445 -14.97 -25.53 -16.07
CA ARG A 445 -16.38 -25.13 -16.02
C ARG A 445 -16.72 -24.30 -14.80
N ALA A 446 -15.74 -23.98 -13.96
CA ALA A 446 -16.00 -23.14 -12.80
C ALA A 446 -16.21 -21.69 -13.23
N GLY A 447 -16.63 -20.87 -12.28
CA GLY A 447 -16.91 -19.47 -12.57
C GLY A 447 -18.10 -19.25 -13.48
N ASP A 448 -18.97 -20.25 -13.62
CA ASP A 448 -20.14 -20.16 -14.50
C ASP A 448 -21.39 -20.43 -13.68
N PRO A 449 -22.19 -19.40 -13.36
CA PRO A 449 -23.35 -19.63 -12.50
C PRO A 449 -24.44 -20.48 -13.15
N SER A 450 -24.42 -20.63 -14.47
CA SER A 450 -25.38 -21.51 -15.14
C SER A 450 -25.03 -22.98 -14.98
N LEU A 451 -23.96 -23.30 -14.27
CA LEU A 451 -23.66 -24.71 -13.98
C LEU A 451 -24.69 -25.31 -13.04
N PHE A 452 -25.29 -24.49 -12.18
CA PHE A 452 -26.32 -24.93 -11.26
C PHE A 452 -27.67 -25.12 -11.92
N PHE A 453 -27.76 -24.95 -13.24
CA PHE A 453 -29.02 -25.09 -13.94
C PHE A 453 -28.92 -26.16 -15.04
N ALA B 12 -16.01 -1.57 -31.83
CA ALA B 12 -16.18 -0.32 -31.09
C ALA B 12 -17.20 -0.50 -29.97
N LEU B 13 -16.90 0.09 -28.81
CA LEU B 13 -17.77 -0.06 -27.65
C LEU B 13 -17.55 1.10 -26.69
N ASP B 14 -18.64 1.72 -26.26
CA ASP B 14 -18.62 2.69 -25.18
C ASP B 14 -18.81 1.94 -23.87
N LEU B 15 -17.83 2.04 -22.97
CA LEU B 15 -17.91 1.31 -21.70
C LEU B 15 -19.07 1.78 -20.84
N GLY B 16 -19.54 3.01 -21.04
CA GLY B 16 -20.70 3.51 -20.34
C GLY B 16 -22.03 3.20 -20.99
N SER B 17 -22.00 2.57 -22.17
CA SER B 17 -23.24 2.25 -22.86
C SER B 17 -23.95 1.09 -22.18
N ALA B 18 -25.25 0.95 -22.49
CA ALA B 18 -26.02 -0.19 -22.00
C ALA B 18 -25.55 -1.51 -22.59
N GLU B 19 -24.93 -1.49 -23.79
CA GLU B 19 -24.43 -2.73 -24.38
C GLU B 19 -23.24 -3.27 -23.58
N ALA B 20 -22.41 -2.38 -23.05
CA ALA B 20 -21.30 -2.83 -22.21
C ALA B 20 -21.78 -3.29 -20.84
N LYS B 21 -22.87 -2.71 -20.34
CA LYS B 21 -23.40 -3.11 -19.04
C LYS B 21 -24.03 -4.49 -19.08
N ALA B 22 -24.57 -4.89 -20.23
CA ALA B 22 -25.25 -6.17 -20.38
C ALA B 22 -24.37 -7.23 -21.01
N TRP B 23 -23.05 -7.07 -20.94
CA TRP B 23 -22.13 -7.99 -21.59
C TRP B 23 -21.97 -9.27 -20.78
N ILE B 24 -22.02 -10.41 -21.47
CA ILE B 24 -21.80 -11.71 -20.85
C ILE B 24 -20.41 -12.19 -21.25
N GLY B 25 -19.59 -12.53 -20.25
CA GLY B 25 -18.21 -12.88 -20.51
C GLY B 25 -17.86 -14.34 -20.35
N VAL B 26 -18.82 -15.15 -19.90
CA VAL B 26 -18.57 -16.57 -19.75
C VAL B 26 -18.31 -17.18 -21.12
N GLU B 27 -17.13 -17.77 -21.28
CA GLU B 27 -16.65 -18.23 -22.58
C GLU B 27 -17.45 -19.42 -23.10
N ASN B 28 -17.30 -20.57 -22.45
CA ASN B 28 -18.04 -21.78 -22.83
C ASN B 28 -19.08 -22.07 -21.76
N PRO B 29 -20.27 -21.48 -21.84
CA PRO B 29 -21.25 -21.61 -20.75
C PRO B 29 -21.99 -22.95 -20.79
N HIS B 30 -22.49 -23.34 -19.61
CA HIS B 30 -23.36 -24.49 -19.53
C HIS B 30 -24.73 -24.19 -20.14
N ARG B 31 -25.27 -23.01 -19.84
CA ARG B 31 -26.55 -22.58 -20.41
C ARG B 31 -26.48 -21.06 -20.57
N ALA B 32 -26.18 -20.62 -21.79
CA ALA B 32 -26.04 -19.19 -22.04
C ALA B 32 -27.37 -18.45 -21.91
N ASP B 33 -28.48 -19.13 -22.24
CA ASP B 33 -29.78 -18.51 -22.09
C ASP B 33 -30.08 -18.24 -20.62
N VAL B 34 -29.67 -19.16 -19.74
CA VAL B 34 -29.83 -18.93 -18.31
C VAL B 34 -28.99 -17.73 -17.88
N LEU B 35 -27.77 -17.62 -18.42
CA LEU B 35 -26.90 -16.50 -18.06
C LEU B 35 -27.56 -15.15 -18.35
N THR B 36 -28.22 -15.03 -19.51
CA THR B 36 -28.95 -13.81 -19.80
C THR B 36 -30.12 -13.62 -18.84
N GLU B 37 -30.64 -14.72 -18.28
CA GLU B 37 -31.71 -14.62 -17.29
C GLU B 37 -31.18 -14.07 -15.96
N LEU B 38 -29.95 -14.45 -15.58
CA LEU B 38 -29.35 -13.86 -14.39
C LEU B 38 -28.95 -12.41 -14.63
N ARG B 39 -28.45 -12.10 -15.83
N ARG B 39 -28.46 -12.10 -15.84
CA ARG B 39 -28.03 -10.74 -16.13
CA ARG B 39 -28.03 -10.74 -16.14
C ARG B 39 -29.21 -9.77 -16.12
C ARG B 39 -29.22 -9.78 -16.09
N ARG B 40 -30.39 -10.23 -16.53
CA ARG B 40 -31.59 -9.41 -16.47
C ARG B 40 -32.17 -9.31 -15.05
N SER B 41 -31.65 -10.11 -14.12
CA SER B 41 -32.22 -10.20 -12.78
C SER B 41 -31.57 -9.27 -11.77
N THR B 42 -30.40 -8.70 -12.09
CA THR B 42 -29.69 -7.90 -11.11
C THR B 42 -28.86 -6.83 -11.82
N VAL B 43 -28.59 -5.75 -11.08
CA VAL B 43 -27.64 -4.73 -11.51
C VAL B 43 -26.21 -5.12 -11.18
N ALA B 44 -26.01 -6.10 -10.30
CA ALA B 44 -24.67 -6.56 -9.97
C ALA B 44 -23.94 -7.06 -11.21
N ARG B 45 -22.62 -6.89 -11.22
CA ARG B 45 -21.79 -7.20 -12.37
C ARG B 45 -21.51 -8.70 -12.43
N VAL B 46 -22.57 -9.47 -12.68
CA VAL B 46 -22.48 -10.92 -12.75
C VAL B 46 -22.22 -11.35 -14.19
N CYS B 47 -21.85 -12.61 -14.37
CA CYS B 47 -21.72 -13.25 -15.69
C CYS B 47 -20.67 -12.57 -16.55
N THR B 48 -19.64 -11.98 -15.93
CA THR B 48 -18.57 -11.35 -16.67
C THR B 48 -17.45 -12.31 -17.03
N GLY B 49 -17.52 -13.57 -16.61
CA GLY B 49 -16.50 -14.53 -16.94
C GLY B 49 -15.24 -14.34 -16.10
N ARG B 50 -14.16 -14.93 -16.59
CA ARG B 50 -12.89 -14.88 -15.89
C ARG B 50 -11.75 -15.17 -16.85
N ALA B 51 -10.56 -14.69 -16.48
CA ALA B 51 -9.30 -15.03 -17.15
C ALA B 51 -8.46 -15.72 -16.10
N GLY B 52 -8.57 -17.04 -16.04
CA GLY B 52 -8.05 -17.79 -14.92
C GLY B 52 -8.86 -17.50 -13.68
N PRO B 53 -8.20 -17.01 -12.63
CA PRO B 53 -8.93 -16.52 -11.43
C PRO B 53 -9.09 -15.00 -11.37
N ARG B 54 -8.71 -14.27 -12.44
CA ARG B 54 -8.78 -12.82 -12.54
C ARG B 54 -9.94 -12.40 -13.42
N PRO B 55 -10.50 -11.21 -13.20
CA PRO B 55 -11.60 -10.74 -14.04
C PRO B 55 -11.14 -10.54 -15.49
N ARG B 56 -12.11 -10.57 -16.40
CA ARG B 56 -11.82 -10.39 -17.81
C ARG B 56 -11.45 -8.94 -18.08
N THR B 57 -10.88 -8.70 -19.27
CA THR B 57 -10.36 -7.39 -19.61
C THR B 57 -11.46 -6.34 -19.70
N GLN B 58 -12.52 -6.64 -20.47
CA GLN B 58 -13.59 -5.67 -20.66
C GLN B 58 -14.32 -5.38 -19.36
N ALA B 59 -14.50 -6.40 -18.51
CA ALA B 59 -15.16 -6.19 -17.23
C ALA B 59 -14.33 -5.28 -16.32
N LEU B 60 -13.01 -5.42 -16.37
CA LEU B 60 -12.14 -4.54 -15.59
C LEU B 60 -12.14 -3.13 -16.15
N LEU B 61 -12.19 -3.00 -17.49
CA LEU B 61 -12.20 -1.68 -18.11
C LEU B 61 -13.46 -0.91 -17.74
N ARG B 62 -14.61 -1.59 -17.73
CA ARG B 62 -15.85 -0.93 -17.31
C ARG B 62 -15.82 -0.58 -15.84
N PHE B 63 -15.14 -1.38 -15.02
CA PHE B 63 -14.99 -1.06 -13.60
C PHE B 63 -14.24 0.26 -13.41
N LEU B 64 -13.12 0.42 -14.13
CA LEU B 64 -12.33 1.64 -13.98
C LEU B 64 -13.06 2.84 -14.56
N ALA B 65 -13.82 2.65 -15.65
CA ALA B 65 -14.59 3.74 -16.23
C ALA B 65 -15.69 4.21 -15.27
N ASP B 66 -16.30 3.26 -14.55
CA ASP B 66 -17.33 3.63 -13.58
C ASP B 66 -16.72 4.30 -12.35
N HIS B 67 -15.52 3.90 -11.95
CA HIS B 67 -14.87 4.54 -10.81
C HIS B 67 -14.49 5.98 -11.12
N SER B 68 -14.07 6.25 -12.36
CA SER B 68 -13.75 7.62 -12.74
C SER B 68 -14.97 8.51 -12.69
N ARG B 69 -16.13 7.99 -13.11
CA ARG B 69 -17.36 8.77 -13.04
C ARG B 69 -17.83 8.93 -11.60
N SER B 70 -17.63 7.91 -10.77
CA SER B 70 -18.09 7.98 -9.39
C SER B 70 -17.27 8.96 -8.57
N LYS B 71 -15.94 8.98 -8.80
CA LYS B 71 -15.09 9.89 -8.06
C LYS B 71 -15.39 11.35 -8.40
N ASP B 72 -15.95 11.62 -9.58
CA ASP B 72 -16.27 12.98 -9.96
C ASP B 72 -17.49 13.51 -9.21
N THR B 73 -18.49 12.65 -9.00
CA THR B 73 -19.73 13.06 -8.34
C THR B 73 -19.54 13.36 -6.85
N VAL B 74 -18.36 13.07 -6.30
CA VAL B 74 -18.15 13.26 -4.86
C VAL B 74 -18.09 14.73 -4.50
N LEU B 75 -17.46 15.54 -5.36
CA LEU B 75 -17.19 16.94 -5.03
C LEU B 75 -18.12 17.93 -5.74
N LYS B 76 -19.07 17.45 -6.54
CA LYS B 76 -19.97 18.34 -7.25
C LYS B 76 -21.12 18.75 -6.32
N GLU B 77 -21.31 20.04 -6.15
CA GLU B 77 -22.37 20.56 -5.29
C GLU B 77 -23.63 20.84 -6.10
N VAL B 78 -24.77 20.74 -5.44
CA VAL B 78 -26.02 21.14 -6.09
C VAL B 78 -25.99 22.65 -6.31
N PRO B 79 -26.22 23.13 -7.53
CA PRO B 79 -26.02 24.56 -7.81
C PRO B 79 -26.90 25.44 -6.94
N GLU B 80 -26.40 26.65 -6.66
CA GLU B 80 -27.17 27.61 -5.89
C GLU B 80 -28.46 28.01 -6.61
N GLU B 81 -28.47 27.90 -7.94
CA GLU B 81 -29.66 28.26 -8.70
C GLU B 81 -30.71 27.16 -8.68
N TRP B 82 -30.29 25.91 -8.52
CA TRP B 82 -31.24 24.80 -8.49
C TRP B 82 -32.07 24.84 -7.21
N VAL B 83 -31.42 25.03 -6.06
CA VAL B 83 -32.14 25.09 -4.79
C VAL B 83 -33.06 26.29 -4.76
N LYS B 84 -32.70 27.37 -5.44
CA LYS B 84 -33.61 28.51 -5.56
C LYS B 84 -34.71 28.25 -6.58
N ALA B 85 -34.43 27.45 -7.61
CA ALA B 85 -35.47 27.10 -8.57
C ALA B 85 -36.58 26.27 -7.93
N GLN B 86 -36.28 25.56 -6.85
CA GLN B 86 -37.29 24.84 -6.09
C GLN B 86 -37.94 25.70 -5.02
N GLY B 87 -37.59 26.98 -4.94
CA GLY B 87 -38.15 27.86 -3.93
C GLY B 87 -37.82 27.45 -2.51
N LEU B 88 -36.62 26.92 -2.29
CA LEU B 88 -36.22 26.40 -0.98
C LEU B 88 -35.31 27.40 -0.28
N LEU B 89 -35.52 27.54 1.03
CA LEU B 89 -34.60 28.31 1.87
C LEU B 89 -33.32 27.52 2.06
N GLU B 90 -32.23 27.97 1.44
CA GLU B 90 -30.95 27.29 1.60
C GLU B 90 -30.29 27.72 2.91
N VAL B 91 -29.73 26.74 3.61
CA VAL B 91 -29.00 26.96 4.85
C VAL B 91 -27.88 25.92 4.87
N ARG B 92 -26.85 26.16 5.66
CA ARG B 92 -25.71 25.24 5.71
C ARG B 92 -25.25 25.04 7.13
N SER B 93 -24.48 23.98 7.33
CA SER B 93 -23.90 23.65 8.64
C SER B 93 -22.66 24.50 8.90
N GLU B 94 -21.84 24.08 9.86
CA GLU B 94 -20.60 24.80 10.13
C GLU B 94 -19.54 24.59 9.06
N ILE B 95 -19.79 23.72 8.10
CA ILE B 95 -18.84 23.42 7.04
C ILE B 95 -18.89 24.51 5.99
N SER B 96 -17.73 24.86 5.43
CA SER B 96 -17.62 25.92 4.44
C SER B 96 -17.46 25.41 3.02
N ASP B 97 -16.89 24.23 2.83
CA ASP B 97 -16.70 23.66 1.50
C ASP B 97 -16.67 22.14 1.60
N LYS B 98 -16.73 21.49 0.44
CA LYS B 98 -16.83 20.04 0.42
C LYS B 98 -15.54 19.35 0.83
N ASN B 99 -14.39 20.02 0.68
CA ASN B 99 -13.15 19.44 1.18
C ASN B 99 -13.17 19.29 2.69
N LEU B 100 -13.64 20.32 3.40
CA LEU B 100 -13.80 20.20 4.84
C LEU B 100 -14.94 19.27 5.22
N TYR B 101 -15.95 19.15 4.35
CA TYR B 101 -17.09 18.29 4.65
C TYR B 101 -16.68 16.83 4.76
N LEU B 102 -15.69 16.39 3.98
CA LEU B 102 -15.26 15.01 4.01
C LEU B 102 -14.42 14.67 5.24
N THR B 103 -13.81 15.67 5.87
CA THR B 103 -12.89 15.43 6.99
C THR B 103 -13.45 15.85 8.34
N ARG B 104 -14.57 16.56 8.38
CA ARG B 104 -15.14 17.08 9.63
C ARG B 104 -16.62 16.71 9.70
N PRO B 105 -16.93 15.46 10.04
CA PRO B 105 -18.35 15.09 10.22
C PRO B 105 -19.00 15.80 11.39
N ASP B 106 -18.24 16.17 12.42
CA ASP B 106 -18.82 16.91 13.54
C ASP B 106 -19.31 18.28 13.10
N MET B 107 -18.51 19.00 12.31
CA MET B 107 -18.93 20.32 11.83
C MET B 107 -20.14 20.21 10.91
N GLY B 108 -20.31 19.07 10.23
CA GLY B 108 -21.49 18.85 9.42
C GLY B 108 -22.73 18.48 10.19
N ARG B 109 -22.60 18.20 11.48
CA ARG B 109 -23.74 17.86 12.33
C ARG B 109 -24.23 19.04 13.16
N ARG B 110 -23.57 20.19 13.06
CA ARG B 110 -23.99 21.40 13.76
C ARG B 110 -24.34 22.47 12.73
N LEU B 111 -25.48 23.11 12.92
CA LEU B 111 -25.82 24.28 12.11
C LEU B 111 -24.93 25.46 12.51
N CYS B 112 -24.58 26.29 11.52
CA CYS B 112 -23.76 27.44 11.81
C CYS B 112 -24.57 28.49 12.59
N ALA B 113 -23.88 29.51 13.07
CA ALA B 113 -24.53 30.52 13.91
C ALA B 113 -25.64 31.23 13.14
N GLU B 114 -25.40 31.57 11.87
CA GLU B 114 -26.43 32.18 11.06
C GLU B 114 -27.50 31.19 10.65
N ALA B 115 -27.23 29.88 10.78
CA ALA B 115 -28.20 28.87 10.38
C ALA B 115 -29.37 28.82 11.35
N VAL B 116 -29.07 28.77 12.65
CA VAL B 116 -30.12 28.64 13.66
C VAL B 116 -31.02 29.87 13.65
N GLU B 117 -30.44 31.05 13.47
CA GLU B 117 -31.23 32.28 13.43
C GLU B 117 -32.14 32.31 12.20
N ALA B 118 -31.64 31.83 11.06
CA ALA B 118 -32.47 31.81 9.86
C ALA B 118 -33.61 30.82 9.97
N LEU B 119 -33.45 29.77 10.79
CA LEU B 119 -34.51 28.78 10.94
C LEU B 119 -35.68 29.33 11.74
N LYS B 120 -35.40 29.99 12.87
CA LYS B 120 -36.44 30.55 13.71
C LYS B 120 -37.10 31.79 13.10
N ALA B 121 -36.64 32.24 11.93
CA ALA B 121 -37.16 33.45 11.32
C ALA B 121 -38.07 33.18 10.13
N GLN B 122 -37.90 32.06 9.44
CA GLN B 122 -38.61 31.82 8.19
C GLN B 122 -39.34 30.49 8.12
N CYS B 123 -39.28 29.67 9.17
CA CYS B 123 -39.88 28.34 9.15
C CYS B 123 -41.10 28.29 10.06
N VAL B 124 -42.01 27.37 9.74
CA VAL B 124 -43.22 27.18 10.54
C VAL B 124 -42.85 26.66 11.92
N ALA B 125 -43.36 27.32 12.95
CA ALA B 125 -42.99 27.00 14.32
C ALA B 125 -43.84 25.86 14.87
N ASN B 126 -43.18 25.00 15.65
CA ASN B 126 -43.82 23.85 16.29
C ASN B 126 -44.69 23.02 15.33
N PRO B 127 -44.12 22.51 14.24
CA PRO B 127 -44.90 21.67 13.33
C PRO B 127 -44.96 20.23 13.86
N ASP B 128 -45.80 19.43 13.21
CA ASP B 128 -45.86 18.01 13.52
C ASP B 128 -45.02 17.17 12.58
N VAL B 129 -44.89 17.59 11.32
CA VAL B 129 -44.01 16.93 10.35
C VAL B 129 -43.19 18.01 9.66
N GLN B 130 -41.87 17.96 9.86
CA GLN B 130 -40.95 18.93 9.26
C GLN B 130 -40.05 18.19 8.27
N VAL B 131 -40.12 18.58 7.00
CA VAL B 131 -39.37 17.95 5.93
C VAL B 131 -38.09 18.74 5.70
N VAL B 132 -36.96 18.05 5.71
CA VAL B 132 -35.66 18.65 5.51
C VAL B 132 -34.96 17.91 4.37
N ILE B 133 -34.44 18.66 3.40
CA ILE B 133 -33.77 18.09 2.24
C ILE B 133 -32.32 18.56 2.26
N SER B 134 -31.39 17.62 2.11
CA SER B 134 -29.97 17.93 2.22
C SER B 134 -29.18 17.13 1.20
N ASP B 135 -28.04 17.67 0.80
CA ASP B 135 -27.20 17.01 -0.20
C ASP B 135 -26.54 15.76 0.36
N GLY B 136 -25.97 15.86 1.56
CA GLY B 136 -25.25 14.75 2.14
C GLY B 136 -23.97 14.47 1.40
N LEU B 137 -23.87 13.29 0.78
CA LEU B 137 -22.69 12.90 0.01
C LEU B 137 -23.01 12.67 -1.46
N SER B 138 -24.25 12.93 -1.89
CA SER B 138 -24.63 12.73 -3.29
C SER B 138 -25.52 13.89 -3.72
N THR B 139 -24.95 14.80 -4.51
CA THR B 139 -25.75 15.85 -5.14
C THR B 139 -26.76 15.25 -6.12
N ASP B 140 -26.32 14.27 -6.91
CA ASP B 140 -27.18 13.67 -7.92
C ASP B 140 -28.42 13.03 -7.29
N ALA B 141 -28.30 12.53 -6.06
CA ALA B 141 -29.46 11.96 -5.39
C ALA B 141 -30.51 13.01 -5.09
N ILE B 142 -30.13 14.29 -5.05
CA ILE B 142 -31.07 15.37 -4.78
C ILE B 142 -31.70 15.83 -6.09
N THR B 143 -30.87 16.21 -7.06
CA THR B 143 -31.37 16.83 -8.27
C THR B 143 -32.15 15.86 -9.14
N VAL B 144 -31.84 14.56 -9.06
CA VAL B 144 -32.51 13.59 -9.93
C VAL B 144 -33.86 13.17 -9.35
N ASN B 145 -33.94 13.01 -8.03
CA ASN B 145 -35.11 12.40 -7.40
C ASN B 145 -36.08 13.43 -6.81
N TYR B 146 -35.69 14.69 -6.69
CA TYR B 146 -36.48 15.68 -5.96
C TYR B 146 -37.90 15.83 -6.52
N GLU B 147 -38.02 16.39 -7.72
CA GLU B 147 -39.34 16.69 -8.28
C GLU B 147 -40.22 15.45 -8.38
N GLU B 148 -39.64 14.27 -8.29
CA GLU B 148 -40.40 13.03 -8.35
C GLU B 148 -40.95 12.59 -7.00
N ILE B 149 -40.34 13.02 -5.90
CA ILE B 149 -40.73 12.56 -4.58
C ILE B 149 -41.32 13.68 -3.71
N LEU B 150 -40.95 14.94 -3.94
CA LEU B 150 -41.32 15.98 -2.98
C LEU B 150 -42.79 16.39 -3.13
N PRO B 151 -43.31 16.67 -4.33
CA PRO B 151 -44.73 17.00 -4.47
C PRO B 151 -45.63 15.93 -3.87
N PRO B 152 -45.44 14.64 -4.20
CA PRO B 152 -46.34 13.63 -3.60
C PRO B 152 -46.16 13.46 -2.11
N LEU B 153 -44.97 13.76 -1.58
CA LEU B 153 -44.75 13.66 -0.14
C LEU B 153 -45.49 14.77 0.60
N MET B 154 -45.30 16.02 0.17
CA MET B 154 -45.92 17.15 0.84
C MET B 154 -47.40 17.28 0.55
N ALA B 155 -47.92 16.60 -0.48
CA ALA B 155 -49.36 16.48 -0.62
C ALA B 155 -49.93 15.57 0.45
N GLY B 156 -49.53 14.29 0.42
CA GLY B 156 -50.08 13.31 1.35
C GLY B 156 -49.96 13.72 2.81
N LEU B 157 -48.91 14.46 3.16
CA LEU B 157 -48.81 15.01 4.50
C LEU B 157 -49.89 16.05 4.80
N LYS B 158 -50.44 16.68 3.76
CA LYS B 158 -51.49 17.68 3.90
C LYS B 158 -52.89 17.14 3.61
N GLN B 159 -53.06 16.34 2.56
CA GLN B 159 -54.35 15.71 2.31
C GLN B 159 -54.72 14.80 3.47
N ALA B 160 -55.85 15.09 4.12
CA ALA B 160 -56.24 14.45 5.36
C ALA B 160 -55.10 14.51 6.37
N GLY B 161 -54.42 15.66 6.41
CA GLY B 161 -53.16 15.78 7.12
C GLY B 161 -53.18 16.67 8.34
N LEU B 162 -52.11 17.43 8.52
CA LEU B 162 -51.83 18.09 9.78
C LEU B 162 -51.01 19.35 9.52
N LYS B 163 -50.29 19.80 10.55
CA LYS B 163 -49.46 20.99 10.50
C LYS B 163 -48.11 20.63 9.88
N VAL B 164 -47.94 20.93 8.61
CA VAL B 164 -46.71 20.63 7.89
C VAL B 164 -45.81 21.87 7.91
N GLY B 165 -44.56 21.66 8.32
CA GLY B 165 -43.61 22.75 8.41
C GLY B 165 -43.13 23.22 7.04
N THR B 166 -42.22 24.19 7.08
CA THR B 166 -41.66 24.78 5.87
C THR B 166 -40.42 24.00 5.42
N PRO B 167 -40.32 23.66 4.14
CA PRO B 167 -39.11 22.97 3.66
C PRO B 167 -37.92 23.91 3.62
N PHE B 168 -36.73 23.33 3.75
CA PHE B 168 -35.51 24.10 3.62
C PHE B 168 -34.36 23.14 3.33
N PHE B 169 -33.37 23.65 2.60
CA PHE B 169 -32.22 22.85 2.16
C PHE B 169 -31.03 23.12 3.06
N VAL B 170 -30.41 22.05 3.56
CA VAL B 170 -29.22 22.13 4.41
C VAL B 170 -28.01 21.72 3.57
N ARG B 171 -27.10 22.67 3.37
CA ARG B 171 -25.88 22.43 2.62
C ARG B 171 -24.77 21.95 3.56
N TYR B 172 -24.04 20.93 3.12
CA TYR B 172 -22.93 20.37 3.91
C TYR B 172 -23.42 19.76 5.22
N GLY B 173 -24.54 19.03 5.15
CA GLY B 173 -25.18 18.51 6.34
C GLY B 173 -25.00 17.01 6.50
N ARG B 174 -24.97 16.56 7.75
CA ARG B 174 -24.98 15.15 8.11
C ARG B 174 -26.33 14.80 8.72
N VAL B 175 -26.50 13.52 9.08
CA VAL B 175 -27.81 13.05 9.52
C VAL B 175 -28.15 13.55 10.92
N LYS B 176 -27.16 13.57 11.82
CA LYS B 176 -27.42 13.98 13.19
C LYS B 176 -27.81 15.45 13.32
N ILE B 177 -27.68 16.24 12.25
CA ILE B 177 -28.10 17.64 12.30
C ILE B 177 -29.62 17.76 12.40
N GLU B 178 -30.35 16.70 12.09
CA GLU B 178 -31.81 16.75 12.22
C GLU B 178 -32.26 16.75 13.68
N ASP B 179 -31.38 16.36 14.61
CA ASP B 179 -31.70 16.48 16.02
C ASP B 179 -31.72 17.95 16.46
N GLN B 180 -30.83 18.76 15.90
CA GLN B 180 -30.81 20.18 16.20
C GLN B 180 -31.99 20.89 15.54
N ILE B 181 -32.38 20.45 14.34
CA ILE B 181 -33.50 21.07 13.64
C ILE B 181 -34.80 20.82 14.39
N GLY B 182 -35.03 19.57 14.84
CA GLY B 182 -36.24 19.29 15.59
C GLY B 182 -36.29 20.03 16.91
N GLU B 183 -35.13 20.22 17.54
CA GLU B 183 -35.08 21.00 18.78
C GLU B 183 -35.40 22.47 18.52
N ILE B 184 -34.82 23.04 17.47
CA ILE B 184 -35.02 24.46 17.17
C ILE B 184 -36.48 24.73 16.82
N LEU B 185 -37.01 23.98 15.86
CA LEU B 185 -38.38 24.22 15.38
C LEU B 185 -39.44 23.55 16.24
N GLY B 186 -39.05 22.73 17.22
CA GLY B 186 -40.04 22.02 18.03
C GLY B 186 -40.89 21.07 17.23
N ALA B 187 -40.33 20.44 16.19
CA ALA B 187 -41.10 19.58 15.31
C ALA B 187 -41.37 18.24 15.98
N LYS B 188 -42.58 17.72 15.77
CA LYS B 188 -42.93 16.41 16.31
C LYS B 188 -42.22 15.29 15.53
N VAL B 189 -42.16 15.42 14.21
CA VAL B 189 -41.51 14.44 13.35
C VAL B 189 -40.63 15.19 12.36
N VAL B 190 -39.38 14.76 12.23
CA VAL B 190 -38.41 15.38 11.33
C VAL B 190 -38.05 14.37 10.25
N ILE B 191 -38.23 14.74 8.99
CA ILE B 191 -37.95 13.89 7.85
C ILE B 191 -36.78 14.49 7.09
N LEU B 192 -35.67 13.75 7.02
CA LEU B 192 -34.47 14.19 6.32
C LEU B 192 -34.26 13.33 5.09
N LEU B 193 -34.34 13.95 3.92
CA LEU B 193 -33.99 13.30 2.66
C LEU B 193 -32.56 13.69 2.32
N VAL B 194 -31.69 12.70 2.23
CA VAL B 194 -30.25 12.92 2.12
C VAL B 194 -29.67 11.95 1.10
N GLY B 195 -28.69 12.42 0.34
CA GLY B 195 -28.01 11.57 -0.63
C GLY B 195 -26.97 10.70 0.05
N GLU B 196 -27.04 9.40 -0.20
CA GLU B 196 -26.07 8.47 0.38
C GLU B 196 -24.73 8.59 -0.35
N ARG B 197 -23.71 7.98 0.23
CA ARG B 197 -22.39 8.00 -0.37
C ARG B 197 -22.45 7.36 -1.76
N PRO B 198 -21.64 7.82 -2.70
CA PRO B 198 -21.79 7.37 -4.09
C PRO B 198 -21.28 5.95 -4.29
N GLY B 199 -22.07 5.16 -5.02
CA GLY B 199 -21.67 3.83 -5.42
C GLY B 199 -20.82 3.87 -6.68
N LEU B 200 -20.57 2.68 -7.21
CA LEU B 200 -19.74 2.54 -8.41
C LEU B 200 -20.55 2.70 -9.69
N GLY B 201 -21.61 1.91 -9.85
CA GLY B 201 -22.41 1.99 -11.06
C GLY B 201 -23.39 3.15 -11.10
N GLN B 202 -23.79 3.65 -9.94
CA GLN B 202 -24.71 4.77 -9.85
C GLN B 202 -24.32 5.68 -8.69
N SER B 203 -24.84 6.91 -8.72
CA SER B 203 -24.61 7.87 -7.66
C SER B 203 -25.85 8.71 -7.38
N GLU B 204 -27.04 8.12 -7.56
CA GLU B 204 -28.30 8.81 -7.35
C GLU B 204 -29.08 8.27 -6.15
N SER B 205 -28.40 7.58 -5.24
CA SER B 205 -29.07 6.91 -4.14
C SER B 205 -29.44 7.90 -3.05
N LEU B 206 -30.74 8.06 -2.82
CA LEU B 206 -31.28 8.95 -1.81
C LEU B 206 -31.78 8.16 -0.62
N SER B 207 -31.62 8.71 0.58
CA SER B 207 -32.04 8.06 1.81
C SER B 207 -32.97 8.97 2.60
N CYS B 208 -33.72 8.36 3.52
CA CYS B 208 -34.63 9.08 4.40
C CYS B 208 -34.36 8.65 5.83
N TYR B 209 -34.16 9.62 6.71
CA TYR B 209 -33.93 9.37 8.13
C TYR B 209 -34.94 10.19 8.92
N ALA B 210 -35.83 9.50 9.65
CA ALA B 210 -36.93 10.13 10.35
C ALA B 210 -36.84 9.84 11.84
N VAL B 211 -37.02 10.87 12.66
CA VAL B 211 -36.94 10.75 14.11
C VAL B 211 -38.08 11.55 14.73
N TYR B 212 -38.61 11.05 15.84
CA TYR B 212 -39.72 11.67 16.55
C TYR B 212 -39.20 12.55 17.67
N SER B 213 -39.45 13.86 17.57
CA SER B 213 -39.10 14.86 18.58
C SER B 213 -37.67 14.68 19.07
N PRO B 214 -36.67 14.96 18.24
CA PRO B 214 -35.30 14.64 18.60
C PRO B 214 -34.72 15.62 19.62
N ARG B 215 -33.69 15.13 20.32
CA ARG B 215 -32.97 15.93 21.30
C ARG B 215 -31.48 15.69 21.10
N MET B 216 -30.72 16.78 20.96
CA MET B 216 -29.29 16.65 20.73
C MET B 216 -28.59 15.94 21.88
N ALA B 217 -29.17 15.98 23.08
CA ALA B 217 -28.52 15.44 24.27
C ALA B 217 -28.89 14.00 24.56
N THR B 218 -29.99 13.49 24.02
CA THR B 218 -30.46 12.15 24.35
C THR B 218 -30.77 11.27 23.14
N THR B 219 -31.04 11.83 21.97
CA THR B 219 -31.40 11.01 20.82
C THR B 219 -30.20 10.23 20.32
N VAL B 220 -30.36 8.92 20.19
CA VAL B 220 -29.34 8.05 19.64
C VAL B 220 -29.69 7.72 18.20
N GLU B 221 -28.75 7.09 17.48
CA GLU B 221 -28.96 6.81 16.07
C GLU B 221 -30.05 5.76 15.85
N ALA B 222 -30.19 4.81 16.78
CA ALA B 222 -31.22 3.80 16.66
C ALA B 222 -32.63 4.36 16.82
N ASP B 223 -32.76 5.61 17.26
CA ASP B 223 -34.07 6.25 17.36
C ASP B 223 -34.64 6.70 16.03
N ARG B 224 -33.88 6.56 14.95
CA ARG B 224 -34.33 6.96 13.62
C ARG B 224 -34.76 5.75 12.82
N THR B 225 -35.72 5.97 11.91
CA THR B 225 -36.14 4.97 10.94
C THR B 225 -35.52 5.30 9.60
N CYS B 226 -34.94 4.31 8.93
CA CYS B 226 -34.18 4.51 7.71
C CYS B 226 -34.88 3.84 6.54
N ILE B 227 -35.10 4.62 5.47
CA ILE B 227 -35.51 4.10 4.17
C ILE B 227 -34.43 4.53 3.19
N SER B 228 -33.69 3.56 2.65
CA SER B 228 -32.53 3.83 1.82
CA SER B 228 -32.53 3.81 1.82
C SER B 228 -32.76 3.33 0.40
N ASN B 229 -31.82 3.69 -0.48
CA ASN B 229 -31.82 3.30 -1.88
C ASN B 229 -33.10 3.74 -2.60
N ILE B 230 -33.38 5.04 -2.53
CA ILE B 230 -34.52 5.64 -3.20
C ILE B 230 -34.03 6.19 -4.54
N HIS B 231 -34.26 5.43 -5.62
CA HIS B 231 -33.90 5.86 -6.96
C HIS B 231 -34.63 4.93 -7.94
N GLN B 232 -34.39 5.15 -9.23
CA GLN B 232 -35.05 4.34 -10.24
C GLN B 232 -34.57 2.90 -10.20
N GLY B 233 -33.29 2.69 -9.87
CA GLY B 233 -32.79 1.33 -9.77
C GLY B 233 -33.26 0.65 -8.50
N GLY B 234 -33.61 1.45 -7.50
CA GLY B 234 -34.08 0.94 -6.24
C GLY B 234 -35.53 1.30 -5.99
N THR B 235 -35.84 1.78 -4.80
CA THR B 235 -37.20 2.15 -4.46
C THR B 235 -37.60 3.38 -5.26
N PRO B 236 -38.68 3.33 -6.03
CA PRO B 236 -39.10 4.50 -6.82
C PRO B 236 -39.41 5.68 -5.92
N PRO B 237 -38.93 6.87 -6.27
CA PRO B 237 -39.23 8.06 -5.45
C PRO B 237 -40.72 8.31 -5.26
N VAL B 238 -41.55 8.01 -6.27
CA VAL B 238 -43.00 8.13 -6.08
C VAL B 238 -43.48 7.11 -5.05
N GLU B 239 -43.00 5.87 -5.16
CA GLU B 239 -43.37 4.84 -4.19
C GLU B 239 -42.86 5.17 -2.79
N ALA B 240 -41.70 5.81 -2.70
CA ALA B 240 -41.14 6.15 -1.39
C ALA B 240 -41.92 7.29 -0.73
N ALA B 241 -42.55 8.16 -1.52
CA ALA B 241 -43.29 9.28 -0.94
C ALA B 241 -44.49 8.79 -0.14
N ALA B 242 -45.17 7.75 -0.64
CA ALA B 242 -46.34 7.26 0.06
C ALA B 242 -45.98 6.54 1.36
N VAL B 243 -44.84 5.85 1.37
CA VAL B 243 -44.47 5.10 2.58
C VAL B 243 -43.86 6.01 3.63
N ILE B 244 -43.28 7.14 3.22
CA ILE B 244 -42.74 8.09 4.20
C ILE B 244 -43.89 8.82 4.89
N VAL B 245 -44.93 9.18 4.15
CA VAL B 245 -46.12 9.80 4.75
C VAL B 245 -46.77 8.84 5.74
N ASP B 246 -46.93 7.58 5.32
CA ASP B 246 -47.48 6.58 6.23
C ASP B 246 -46.62 6.42 7.47
N LEU B 247 -45.30 6.47 7.30
CA LEU B 247 -44.40 6.33 8.45
C LEU B 247 -44.63 7.46 9.46
N ALA B 248 -44.60 8.72 8.99
CA ALA B 248 -44.78 9.84 9.90
C ALA B 248 -46.13 9.78 10.61
N LYS B 249 -47.15 9.21 9.98
CA LYS B 249 -48.42 9.01 10.65
C LYS B 249 -48.27 8.06 11.84
N ARG B 250 -47.56 6.94 11.62
CA ARG B 250 -47.40 5.97 12.70
C ARG B 250 -46.48 6.50 13.79
N MET B 251 -45.46 7.28 13.42
CA MET B 251 -44.59 7.88 14.43
C MET B 251 -45.33 8.93 15.26
N LEU B 252 -46.35 9.56 14.68
CA LEU B 252 -47.15 10.52 15.45
C LEU B 252 -48.14 9.80 16.35
N GLU B 253 -48.76 8.73 15.85
CA GLU B 253 -49.68 7.95 16.67
C GLU B 253 -48.95 7.27 17.82
N GLN B 254 -47.87 6.54 17.50
CA GLN B 254 -47.12 5.81 18.51
C GLN B 254 -46.25 6.72 19.37
N LYS B 255 -45.95 7.93 18.90
CA LYS B 255 -45.05 8.86 19.60
C LYS B 255 -43.69 8.21 19.84
N ALA B 256 -43.22 7.45 18.85
CA ALA B 256 -41.93 6.78 18.92
C ALA B 256 -41.38 6.61 17.52
N SER B 257 -40.07 6.45 17.43
CA SER B 257 -39.38 6.31 16.16
C SER B 257 -38.24 5.32 16.31
N GLY B 258 -37.73 4.87 15.16
CA GLY B 258 -36.60 3.95 15.19
C GLY B 258 -37.03 2.58 15.67
N ILE B 259 -36.20 1.98 16.53
CA ILE B 259 -36.52 0.68 17.12
C ILE B 259 -37.60 0.76 18.19
N ASN B 260 -38.03 1.95 18.55
CA ASN B 260 -39.05 2.13 19.59
C ASN B 260 -40.48 1.99 19.06
N MET B 261 -40.65 1.67 17.77
CA MET B 261 -41.96 1.47 17.19
C MET B 261 -42.31 -0.01 17.15
N THR B 262 -43.61 -0.28 17.11
CA THR B 262 -44.09 -1.65 17.04
C THR B 262 -43.94 -2.20 15.63
N ARG B 263 -43.87 -3.53 15.54
CA ARG B 263 -43.63 -4.27 14.30
C ARG B 263 -42.51 -3.64 13.47
N MET C 1 -5.25 0.41 -37.06
CA MET C 1 -5.53 0.48 -35.63
C MET C 1 -6.32 1.72 -35.28
N LYS C 2 -7.01 1.68 -34.14
CA LYS C 2 -7.78 2.81 -33.65
C LYS C 2 -6.97 3.60 -32.64
N LEU C 3 -6.84 4.90 -32.86
CA LEU C 3 -6.26 5.83 -31.90
C LEU C 3 -7.33 6.59 -31.14
N LYS C 4 -8.54 6.06 -31.08
CA LYS C 4 -9.68 6.80 -30.58
C LYS C 4 -10.68 5.87 -29.92
N THR C 5 -11.39 6.39 -28.93
CA THR C 5 -12.47 5.67 -28.28
C THR C 5 -13.49 6.68 -27.77
N THR C 6 -14.72 6.21 -27.63
CA THR C 6 -15.82 7.01 -27.10
C THR C 6 -16.16 6.48 -25.71
N LEU C 7 -15.90 7.28 -24.68
CA LEU C 7 -16.16 6.92 -23.30
C LEU C 7 -17.22 7.86 -22.74
N PHE C 8 -18.36 7.29 -22.34
CA PHE C 8 -19.49 8.06 -21.84
C PHE C 8 -19.95 9.11 -22.86
N GLY C 9 -20.00 8.71 -24.12
CA GLY C 9 -20.38 9.61 -25.19
C GLY C 9 -19.33 10.64 -25.57
N ASN C 10 -18.16 10.62 -24.96
CA ASN C 10 -17.10 11.58 -25.22
C ASN C 10 -15.98 10.91 -26.01
N VAL C 11 -15.61 11.51 -27.12
CA VAL C 11 -14.58 10.96 -28.00
C VAL C 11 -13.22 11.40 -27.50
N TYR C 12 -12.33 10.44 -27.29
CA TYR C 12 -10.96 10.70 -26.85
C TYR C 12 -10.00 10.35 -27.97
N GLN C 13 -9.30 11.35 -28.49
CA GLN C 13 -8.33 11.16 -29.55
C GLN C 13 -6.93 11.10 -28.97
N PHE C 14 -6.12 10.18 -29.49
CA PHE C 14 -4.74 10.01 -29.07
C PHE C 14 -3.83 10.08 -30.28
N LYS C 15 -2.66 10.69 -30.10
CA LYS C 15 -1.75 10.95 -31.21
C LYS C 15 -1.19 9.67 -31.80
N ASP C 16 -0.40 8.93 -31.02
CA ASP C 16 0.27 7.74 -31.52
C ASP C 16 0.22 6.67 -30.44
N VAL C 17 0.94 5.57 -30.69
CA VAL C 17 1.03 4.50 -29.68
C VAL C 17 1.79 4.99 -28.46
N LYS C 18 2.78 5.87 -28.66
CA LYS C 18 3.57 6.38 -27.53
C LYS C 18 2.69 7.11 -26.52
N GLU C 19 1.72 7.89 -27.00
CA GLU C 19 0.84 8.60 -26.07
C GLU C 19 -0.13 7.64 -25.39
N VAL C 20 -0.61 6.63 -26.12
CA VAL C 20 -1.54 5.68 -25.53
C VAL C 20 -0.85 4.86 -24.44
N LEU C 21 0.38 4.41 -24.71
CA LEU C 21 1.12 3.68 -23.69
C LEU C 21 1.36 4.53 -22.45
N ALA C 22 1.68 5.80 -22.64
CA ALA C 22 2.01 6.67 -21.51
C ALA C 22 0.77 7.01 -20.69
N LYS C 23 -0.33 7.36 -21.36
CA LYS C 23 -1.53 7.78 -20.65
C LYS C 23 -2.30 6.61 -20.04
N ALA C 24 -2.10 5.39 -20.55
CA ALA C 24 -2.71 4.23 -19.93
C ALA C 24 -2.05 3.85 -18.61
N ASN C 25 -0.91 4.46 -18.28
CA ASN C 25 -0.23 4.20 -17.03
C ASN C 25 -1.07 4.68 -15.85
N GLU C 26 -0.93 3.99 -14.73
CA GLU C 26 -1.47 4.50 -13.47
C GLU C 26 -0.74 5.79 -13.10
N LEU C 27 -1.42 6.63 -12.31
CA LEU C 27 -0.88 7.95 -11.99
C LEU C 27 0.42 7.82 -11.22
N ARG C 28 1.48 8.43 -11.75
CA ARG C 28 2.76 8.51 -11.07
C ARG C 28 3.40 9.86 -11.38
N SER C 29 4.24 10.33 -10.46
CA SER C 29 4.80 11.67 -10.59
C SER C 29 5.76 11.79 -11.76
N GLY C 30 6.41 10.68 -12.14
CA GLY C 30 7.34 10.74 -13.26
C GLY C 30 6.66 11.03 -14.59
N ASP C 31 5.49 10.43 -14.81
CA ASP C 31 4.75 10.68 -16.03
C ASP C 31 4.22 12.11 -16.08
N VAL C 32 3.85 12.67 -14.93
CA VAL C 32 3.47 14.08 -14.88
C VAL C 32 4.67 14.96 -15.18
N LEU C 33 5.82 14.63 -14.60
CA LEU C 33 7.05 15.37 -14.91
C LEU C 33 7.44 15.20 -16.37
N ALA C 34 7.11 14.06 -16.98
CA ALA C 34 7.42 13.84 -18.38
C ALA C 34 6.40 14.45 -19.33
N GLY C 35 5.31 15.03 -18.81
CA GLY C 35 4.30 15.61 -19.66
C GLY C 35 3.56 14.62 -20.53
N VAL C 36 3.56 13.35 -20.16
CA VAL C 36 2.94 12.29 -20.94
C VAL C 36 1.78 11.62 -20.22
N ALA C 37 1.48 12.03 -19.00
CA ALA C 37 0.40 11.42 -18.24
C ALA C 37 -0.97 11.83 -18.79
N ALA C 38 -1.99 11.07 -18.40
CA ALA C 38 -3.34 11.38 -18.81
C ALA C 38 -3.85 12.64 -18.10
N ALA C 39 -4.66 13.42 -18.82
CA ALA C 39 -5.17 14.66 -18.25
C ALA C 39 -6.19 14.40 -17.15
N SER C 40 -6.97 13.32 -17.27
CA SER C 40 -7.97 12.97 -16.29
C SER C 40 -8.06 11.47 -16.15
N SER C 41 -8.77 11.02 -15.12
CA SER C 41 -9.01 9.58 -14.97
C SER C 41 -9.85 9.04 -16.11
N GLN C 42 -10.67 9.89 -16.73
CA GLN C 42 -11.45 9.47 -17.88
C GLN C 42 -10.56 9.16 -19.08
N GLU C 43 -9.60 10.03 -19.36
CA GLU C 43 -8.66 9.78 -20.46
C GLU C 43 -7.76 8.59 -20.15
N ARG C 44 -7.40 8.39 -18.88
CA ARG C 44 -6.58 7.24 -18.52
C ARG C 44 -7.29 5.93 -18.83
N VAL C 45 -8.59 5.85 -18.52
CA VAL C 45 -9.36 4.67 -18.88
C VAL C 45 -9.54 4.60 -20.39
N ALA C 46 -9.69 5.76 -21.05
CA ALA C 46 -9.79 5.77 -22.50
C ALA C 46 -8.52 5.24 -23.16
N ALA C 47 -7.35 5.65 -22.63
CA ALA C 47 -6.09 5.14 -23.16
C ALA C 47 -5.95 3.64 -22.90
N LYS C 48 -6.51 3.15 -21.79
CA LYS C 48 -6.47 1.72 -21.52
C LYS C 48 -7.32 0.95 -22.51
N GLN C 49 -8.50 1.48 -22.85
CA GLN C 49 -9.39 0.77 -23.77
C GLN C 49 -8.85 0.77 -25.19
N VAL C 50 -8.31 1.92 -25.64
CA VAL C 50 -7.66 1.97 -26.95
C VAL C 50 -6.47 1.02 -26.96
N LEU C 51 -5.72 0.96 -25.87
CA LEU C 51 -4.57 0.05 -25.80
C LEU C 51 -5.02 -1.40 -25.84
N SER C 52 -6.15 -1.71 -25.20
CA SER C 52 -6.62 -3.09 -25.16
C SER C 52 -7.06 -3.58 -26.55
N GLU C 53 -7.52 -2.67 -27.41
CA GLU C 53 -7.99 -3.06 -28.74
C GLU C 53 -6.89 -3.11 -29.78
N MET C 54 -5.75 -2.46 -29.53
CA MET C 54 -4.64 -2.57 -30.47
C MET C 54 -4.04 -3.97 -30.43
N THR C 55 -3.56 -4.42 -31.57
CA THR C 55 -3.00 -5.75 -31.70
C THR C 55 -1.53 -5.77 -31.30
N VAL C 56 -0.97 -6.97 -31.24
CA VAL C 56 0.46 -7.11 -30.93
C VAL C 56 1.30 -6.48 -32.04
N ALA C 57 0.88 -6.62 -33.29
CA ALA C 57 1.60 -6.03 -34.41
C ALA C 57 1.60 -4.51 -34.32
N ASP C 58 0.52 -3.91 -33.80
CA ASP C 58 0.45 -2.46 -33.71
C ASP C 58 1.55 -1.91 -32.81
N ILE C 59 1.86 -2.63 -31.72
CA ILE C 59 2.85 -2.15 -30.76
C ILE C 59 4.25 -2.68 -31.09
N ARG C 60 4.34 -3.88 -31.67
CA ARG C 60 5.64 -4.38 -32.12
C ARG C 60 6.21 -3.50 -33.21
N ASN C 61 5.36 -3.03 -34.13
CA ASN C 61 5.81 -2.20 -35.24
C ASN C 61 5.94 -0.73 -34.87
N ASN C 62 5.67 -0.36 -33.63
CA ASN C 62 5.73 1.03 -33.18
C ASN C 62 6.52 1.13 -31.87
N PRO C 63 7.83 0.90 -31.92
CA PRO C 63 8.64 1.11 -30.71
C PRO C 63 8.81 2.59 -30.42
N VAL C 64 8.96 2.92 -29.14
CA VAL C 64 9.07 4.32 -28.74
C VAL C 64 10.31 4.98 -29.32
N ILE C 65 11.29 4.19 -29.73
CA ILE C 65 12.46 4.70 -30.44
C ILE C 65 12.63 3.89 -31.72
N ALA C 66 13.11 4.55 -32.77
CA ALA C 66 13.26 3.91 -34.06
C ALA C 66 14.37 2.85 -34.04
N TYR C 67 14.22 1.84 -34.89
CA TYR C 67 15.22 0.78 -35.01
C TYR C 67 16.56 1.36 -35.43
N GLU C 68 16.59 2.10 -36.53
CA GLU C 68 17.83 2.65 -37.07
C GLU C 68 18.45 3.72 -36.19
N ASP C 69 17.80 4.10 -35.09
CA ASP C 69 18.28 5.17 -34.24
C ASP C 69 18.65 4.72 -32.83
N ASP C 70 18.54 3.44 -32.52
CA ASP C 70 18.77 2.96 -31.15
C ASP C 70 19.21 1.50 -31.20
N CYS C 71 20.37 1.21 -30.60
CA CYS C 71 20.87 -0.15 -30.59
C CYS C 71 20.06 -1.06 -29.67
N VAL C 72 19.43 -0.49 -28.65
CA VAL C 72 18.56 -1.30 -27.78
C VAL C 72 17.32 -1.74 -28.53
N THR C 73 16.73 -0.83 -29.32
CA THR C 73 15.61 -1.22 -30.17
C THR C 73 16.02 -2.30 -31.15
N ARG C 74 17.21 -2.19 -31.72
CA ARG C 74 17.70 -3.22 -32.63
C ARG C 74 17.87 -4.55 -31.92
N LEU C 75 18.41 -4.53 -30.70
CA LEU C 75 18.60 -5.76 -29.95
C LEU C 75 17.27 -6.41 -29.61
N ILE C 76 16.27 -5.60 -29.24
CA ILE C 76 14.95 -6.13 -28.91
C ILE C 76 14.27 -6.70 -30.15
N GLN C 77 14.38 -5.98 -31.27
CA GLN C 77 13.69 -6.42 -32.48
C GLN C 77 14.38 -7.62 -33.12
N ASP C 78 15.70 -7.69 -33.05
CA ASP C 78 16.41 -8.79 -33.70
C ASP C 78 16.27 -10.09 -32.92
N ASP C 79 16.01 -10.01 -31.61
CA ASP C 79 15.88 -11.19 -30.79
C ASP C 79 14.50 -11.82 -30.86
N VAL C 80 13.56 -11.21 -31.58
CA VAL C 80 12.20 -11.73 -31.63
C VAL C 80 12.17 -13.01 -32.45
N ASN C 81 11.62 -14.07 -31.87
CA ASN C 81 11.32 -15.28 -32.63
C ASN C 81 10.15 -14.99 -33.55
N GLU C 82 10.41 -14.94 -34.87
CA GLU C 82 9.40 -14.47 -35.81
C GLU C 82 8.28 -15.48 -36.01
N THR C 83 8.56 -16.78 -35.81
CA THR C 83 7.50 -17.78 -35.89
C THR C 83 6.51 -17.61 -34.75
N ALA C 84 7.03 -17.38 -33.53
CA ALA C 84 6.14 -17.13 -32.40
C ALA C 84 5.41 -15.79 -32.55
N TYR C 85 6.03 -14.82 -33.22
CA TYR C 85 5.37 -13.53 -33.42
C TYR C 85 4.17 -13.65 -34.35
N ASN C 86 4.33 -14.39 -35.46
CA ASN C 86 3.24 -14.53 -36.42
C ASN C 86 2.05 -15.26 -35.84
N GLN C 87 2.24 -16.06 -34.78
CA GLN C 87 1.12 -16.73 -34.14
C GLN C 87 0.28 -15.75 -33.32
N ILE C 88 0.89 -14.67 -32.83
CA ILE C 88 0.24 -13.76 -31.91
C ILE C 88 0.17 -12.33 -32.43
N LYS C 89 0.65 -12.08 -33.65
CA LYS C 89 0.69 -10.70 -34.14
C LYS C 89 -0.70 -10.10 -34.30
N ASN C 90 -1.72 -10.94 -34.51
CA ASN C 90 -3.08 -10.46 -34.67
C ASN C 90 -3.87 -10.41 -33.37
N TRP C 91 -3.31 -10.92 -32.27
CA TRP C 91 -3.98 -10.85 -30.98
C TRP C 91 -3.99 -9.42 -30.46
N SER C 92 -5.11 -9.01 -29.88
CA SER C 92 -5.16 -7.73 -29.21
C SER C 92 -4.45 -7.81 -27.87
N ILE C 93 -4.12 -6.64 -27.32
CA ILE C 93 -3.50 -6.59 -26.00
C ILE C 93 -4.45 -7.11 -24.94
N SER C 94 -5.77 -6.98 -25.18
CA SER C 94 -6.75 -7.55 -24.26
C SER C 94 -6.69 -9.07 -24.27
N GLU C 95 -6.57 -9.67 -25.46
CA GLU C 95 -6.49 -11.13 -25.53
C GLU C 95 -5.17 -11.66 -25.00
N LEU C 96 -4.10 -10.86 -25.09
CA LEU C 96 -2.81 -11.30 -24.56
C LEU C 96 -2.80 -11.28 -23.03
N ARG C 97 -3.47 -10.29 -22.43
CA ARG C 97 -3.56 -10.25 -20.98
C ARG C 97 -4.36 -11.44 -20.45
N GLU C 98 -5.49 -11.76 -21.09
CA GLU C 98 -6.27 -12.93 -20.68
C GLU C 98 -5.52 -14.22 -20.97
N TYR C 99 -4.62 -14.22 -21.95
CA TYR C 99 -3.83 -15.41 -22.23
C TYR C 99 -2.78 -15.65 -21.16
N VAL C 100 -2.16 -14.58 -20.66
CA VAL C 100 -1.15 -14.71 -19.62
C VAL C 100 -1.79 -15.18 -18.32
N LEU C 101 -2.92 -14.57 -17.94
CA LEU C 101 -3.58 -14.87 -16.68
C LEU C 101 -4.31 -16.19 -16.67
N SER C 102 -4.50 -16.82 -17.84
CA SER C 102 -5.30 -18.04 -17.91
C SER C 102 -4.64 -19.20 -17.19
N ASP C 103 -5.43 -19.95 -16.43
CA ASP C 103 -4.93 -21.17 -15.80
C ASP C 103 -4.70 -22.28 -16.82
N GLU C 104 -5.37 -22.22 -17.98
CA GLU C 104 -5.11 -23.16 -19.07
C GLU C 104 -3.83 -22.83 -19.82
N THR C 105 -3.13 -21.78 -19.45
CA THR C 105 -1.85 -21.40 -20.06
C THR C 105 -0.73 -21.87 -19.15
N SER C 106 0.11 -22.77 -19.65
CA SER C 106 1.18 -23.35 -18.87
C SER C 106 2.46 -22.53 -18.99
N VAL C 107 3.45 -22.90 -18.19
CA VAL C 107 4.75 -22.21 -18.24
C VAL C 107 5.42 -22.43 -19.59
N ASP C 108 5.26 -23.64 -20.15
CA ASP C 108 5.83 -23.92 -21.47
C ASP C 108 5.06 -23.20 -22.58
N ASP C 109 3.78 -22.91 -22.36
CA ASP C 109 3.02 -22.11 -23.31
C ASP C 109 3.60 -20.69 -23.38
N ILE C 110 3.84 -20.08 -22.21
CA ILE C 110 4.41 -18.74 -22.18
C ILE C 110 5.87 -18.74 -22.61
N ALA C 111 6.56 -19.87 -22.39
CA ALA C 111 7.97 -19.94 -22.75
C ALA C 111 8.19 -19.65 -24.23
N PHE C 112 7.28 -20.12 -25.08
CA PHE C 112 7.38 -19.86 -26.51
C PHE C 112 6.70 -18.56 -26.91
N THR C 113 5.58 -18.22 -26.25
CA THR C 113 4.85 -17.01 -26.61
C THR C 113 5.68 -15.75 -26.33
N ARG C 114 6.40 -15.74 -25.22
CA ARG C 114 7.17 -14.55 -24.84
C ARG C 114 8.29 -14.24 -25.83
N LYS C 115 8.73 -15.23 -26.60
CA LYS C 115 9.78 -14.99 -27.59
C LYS C 115 9.30 -14.15 -28.76
N GLY C 116 8.01 -14.14 -29.04
CA GLY C 116 7.43 -13.31 -30.07
C GLY C 116 7.04 -11.92 -29.62
N LEU C 117 7.37 -11.53 -28.40
CA LEU C 117 7.03 -10.24 -27.85
C LEU C 117 8.21 -9.29 -27.92
N THR C 118 7.91 -8.00 -27.85
CA THR C 118 8.90 -6.95 -27.65
C THR C 118 8.62 -6.26 -26.33
N SER C 119 9.57 -5.42 -25.92
CA SER C 119 9.45 -4.74 -24.63
C SER C 119 8.25 -3.80 -24.59
N GLU C 120 7.92 -3.17 -25.73
CA GLU C 120 6.76 -2.28 -25.77
C GLU C 120 5.46 -3.07 -25.61
N VAL C 121 5.42 -4.31 -26.10
CA VAL C 121 4.24 -5.14 -25.89
C VAL C 121 4.17 -5.63 -24.46
N VAL C 122 5.33 -5.86 -23.83
CA VAL C 122 5.35 -6.28 -22.42
C VAL C 122 4.77 -5.19 -21.53
N ALA C 123 5.14 -3.92 -21.79
CA ALA C 123 4.58 -2.83 -21.02
C ALA C 123 3.09 -2.65 -21.28
N ALA C 124 2.63 -2.93 -22.50
CA ALA C 124 1.21 -2.76 -22.83
C ALA C 124 0.33 -3.66 -21.99
N VAL C 125 0.76 -4.91 -21.77
CA VAL C 125 -0.03 -5.84 -20.97
C VAL C 125 -0.07 -5.38 -19.52
N ALA C 126 1.05 -4.89 -18.99
CA ALA C 126 1.10 -4.46 -17.60
C ALA C 126 0.22 -3.24 -17.35
N LYS C 127 0.03 -2.39 -18.36
CA LYS C 127 -0.76 -1.18 -18.16
C LYS C 127 -2.24 -1.48 -17.96
N ILE C 128 -2.72 -2.59 -18.51
CA ILE C 128 -4.13 -2.95 -18.38
C ILE C 128 -4.29 -4.09 -17.39
N CYS C 129 -3.35 -4.20 -16.45
CA CYS C 129 -3.38 -5.23 -15.42
C CYS C 129 -3.55 -4.58 -14.06
N SER C 130 -4.44 -5.13 -13.25
CA SER C 130 -4.59 -4.66 -11.87
C SER C 130 -3.42 -5.17 -11.04
N ASN C 131 -3.38 -4.74 -9.77
CA ASN C 131 -2.29 -5.14 -8.89
C ASN C 131 -2.29 -6.64 -8.66
N ALA C 132 -3.47 -7.25 -8.49
CA ALA C 132 -3.53 -8.70 -8.34
C ALA C 132 -3.22 -9.40 -9.65
N ASP C 133 -3.55 -8.78 -10.78
CA ASP C 133 -3.17 -9.34 -12.08
C ASP C 133 -1.65 -9.42 -12.22
N LEU C 134 -0.96 -8.34 -11.84
CA LEU C 134 0.50 -8.33 -11.91
C LEU C 134 1.10 -9.35 -10.96
N ILE C 135 0.42 -9.66 -9.86
CA ILE C 135 0.96 -10.60 -8.89
C ILE C 135 0.71 -12.03 -9.33
N TYR C 136 -0.53 -12.37 -9.67
CA TYR C 136 -0.85 -13.73 -10.09
C TYR C 136 -0.20 -14.06 -11.43
N GLY C 137 -0.15 -13.10 -12.34
CA GLY C 137 0.47 -13.35 -13.62
C GLY C 137 1.96 -13.60 -13.52
N ALA C 138 2.64 -12.85 -12.65
CA ALA C 138 4.07 -13.05 -12.46
C ALA C 138 4.36 -14.33 -11.69
N LYS C 139 3.42 -14.77 -10.85
CA LYS C 139 3.63 -16.00 -10.09
C LYS C 139 3.66 -17.22 -11.01
N LYS C 140 2.75 -17.28 -11.98
CA LYS C 140 2.70 -18.38 -12.94
C LYS C 140 3.74 -18.24 -14.05
N MET C 141 4.71 -17.33 -13.90
CA MET C 141 5.75 -17.12 -14.90
C MET C 141 7.12 -17.19 -14.22
N PRO C 142 7.50 -18.37 -13.72
CA PRO C 142 8.79 -18.46 -13.02
C PRO C 142 9.96 -18.50 -13.99
N VAL C 143 11.04 -17.85 -13.58
CA VAL C 143 12.30 -17.86 -14.34
C VAL C 143 13.38 -18.37 -13.42
N ILE C 144 14.01 -19.48 -13.81
CA ILE C 144 15.01 -20.15 -12.98
C ILE C 144 16.38 -19.99 -13.64
N LYS C 145 17.34 -19.47 -12.88
CA LYS C 145 18.72 -19.36 -13.32
C LYS C 145 19.63 -19.99 -12.26
N LYS C 146 20.90 -20.14 -12.61
CA LYS C 146 21.83 -20.84 -11.72
C LYS C 146 23.24 -20.31 -11.90
N ALA C 147 23.84 -19.89 -10.79
CA ALA C 147 25.27 -19.57 -10.76
C ALA C 147 25.96 -20.62 -9.90
N ASN C 148 26.34 -20.27 -8.68
CA ASN C 148 26.65 -21.26 -7.66
C ASN C 148 25.43 -21.62 -6.82
N THR C 149 24.37 -20.82 -6.91
CA THR C 149 23.06 -21.13 -6.34
C THR C 149 22.02 -21.13 -7.44
N THR C 150 20.97 -21.93 -7.25
CA THR C 150 19.82 -21.91 -8.14
C THR C 150 18.78 -20.96 -7.58
N ILE C 151 18.28 -20.07 -8.45
CA ILE C 151 17.33 -19.04 -8.03
C ILE C 151 16.09 -19.13 -8.92
N GLY C 152 14.95 -18.74 -8.35
CA GLY C 152 13.72 -18.67 -9.09
C GLY C 152 12.82 -19.90 -9.00
N ILE C 153 13.26 -20.95 -8.33
CA ILE C 153 12.42 -22.15 -8.21
C ILE C 153 11.19 -21.81 -7.38
N PRO C 154 9.99 -22.12 -7.85
CA PRO C 154 8.79 -21.88 -7.04
C PRO C 154 8.89 -22.60 -5.70
N GLY C 155 8.54 -21.88 -4.64
CA GLY C 155 8.75 -22.37 -3.28
C GLY C 155 10.05 -21.93 -2.66
N THR C 156 10.89 -21.19 -3.38
CA THR C 156 12.14 -20.68 -2.86
C THR C 156 12.11 -19.16 -2.84
N PHE C 157 13.05 -18.58 -2.08
CA PHE C 157 13.15 -17.13 -1.94
C PHE C 157 14.59 -16.79 -1.61
N SER C 158 15.24 -16.01 -2.47
CA SER C 158 16.63 -15.65 -2.30
C SER C 158 16.76 -14.22 -1.79
N ALA C 159 18.00 -13.83 -1.48
CA ALA C 159 18.26 -12.51 -0.93
C ALA C 159 19.71 -12.13 -1.22
N ARG C 160 19.91 -10.88 -1.63
CA ARG C 160 21.24 -10.34 -1.85
C ARG C 160 21.78 -9.75 -0.56
N LEU C 161 22.99 -10.15 -0.19
CA LEU C 161 23.69 -9.50 0.92
C LEU C 161 24.34 -8.24 0.39
N GLN C 162 23.96 -7.08 0.94
CA GLN C 162 24.38 -5.77 0.45
C GLN C 162 25.16 -5.07 1.57
N PRO C 163 26.46 -5.33 1.68
CA PRO C 163 27.25 -4.67 2.73
C PRO C 163 28.01 -3.45 2.21
N ASN C 164 27.42 -2.28 2.33
CA ASN C 164 28.02 -1.04 1.86
C ASN C 164 28.67 -0.28 3.01
N ASP C 165 29.63 0.57 2.66
CA ASP C 165 30.36 1.36 3.64
C ASP C 165 30.65 2.74 3.08
N THR C 166 30.77 3.72 3.98
CA THR C 166 31.01 5.10 3.56
C THR C 166 32.43 5.30 3.01
N ARG C 167 33.37 4.42 3.35
CA ARG C 167 34.74 4.52 2.86
C ARG C 167 35.21 3.21 2.25
N ASP C 168 34.29 2.32 1.89
CA ASP C 168 34.61 0.98 1.40
C ASP C 168 35.48 0.21 2.39
N ASP C 169 35.31 0.50 3.68
CA ASP C 169 36.07 -0.18 4.73
C ASP C 169 35.70 -1.65 4.77
N VAL C 170 36.69 -2.52 4.58
CA VAL C 170 36.42 -3.95 4.48
C VAL C 170 36.01 -4.54 5.83
N GLN C 171 36.51 -3.98 6.93
CA GLN C 171 36.11 -4.47 8.24
C GLN C 171 34.65 -4.14 8.53
N SER C 172 34.19 -2.96 8.09
CA SER C 172 32.77 -2.64 8.21
C SER C 172 31.94 -3.44 7.21
N ILE C 173 32.49 -3.73 6.04
CA ILE C 173 31.79 -4.56 5.07
C ILE C 173 31.70 -6.00 5.57
N ALA C 174 32.79 -6.52 6.13
CA ALA C 174 32.77 -7.90 6.64
C ALA C 174 31.82 -8.05 7.82
N ALA C 175 31.67 -6.99 8.64
CA ALA C 175 30.74 -7.05 9.76
C ALA C 175 29.31 -7.28 9.29
N GLN C 176 28.90 -6.55 8.23
CA GLN C 176 27.57 -6.75 7.67
C GLN C 176 27.43 -8.10 6.97
N ILE C 177 28.54 -8.70 6.55
CA ILE C 177 28.48 -10.00 5.89
C ILE C 177 28.07 -11.09 6.88
N TYR C 178 28.74 -11.13 8.04
CA TYR C 178 28.38 -12.11 9.06
C TYR C 178 26.97 -11.87 9.59
N GLU C 179 26.51 -10.61 9.58
CA GLU C 179 25.15 -10.31 10.02
C GLU C 179 24.13 -10.91 9.06
N GLY C 180 24.36 -10.75 7.76
CA GLY C 180 23.41 -11.28 6.79
C GLY C 180 23.40 -12.79 6.73
N LEU C 181 24.59 -13.41 6.77
CA LEU C 181 24.66 -14.87 6.71
C LEU C 181 23.96 -15.50 7.90
N SER C 182 24.05 -14.86 9.07
CA SER C 182 23.38 -15.36 10.27
C SER C 182 21.86 -15.32 10.15
N PHE C 183 21.32 -14.61 9.17
CA PHE C 183 19.89 -14.56 8.92
C PHE C 183 19.48 -15.36 7.69
N GLY C 184 20.43 -16.00 6.99
CA GLY C 184 20.12 -16.73 5.78
C GLY C 184 20.15 -15.89 4.52
N VAL C 185 20.74 -14.70 4.56
CA VAL C 185 20.79 -13.80 3.41
C VAL C 185 22.12 -14.01 2.69
N GLY C 186 22.05 -14.04 1.35
CA GLY C 186 23.26 -14.11 0.57
C GLY C 186 23.26 -15.16 -0.52
N ASP C 187 22.15 -15.88 -0.69
CA ASP C 187 22.08 -16.91 -1.72
C ASP C 187 21.94 -16.34 -3.13
N ALA C 188 21.43 -15.11 -3.25
CA ALA C 188 21.41 -14.45 -4.56
C ALA C 188 22.81 -13.98 -4.95
N VAL C 189 23.42 -13.11 -4.12
CA VAL C 189 24.76 -12.59 -4.33
C VAL C 189 25.16 -11.80 -3.09
N ILE C 190 26.47 -11.70 -2.83
CA ILE C 190 27.01 -10.82 -1.80
C ILE C 190 27.66 -9.67 -2.58
N GLY C 191 26.84 -8.67 -2.89
CA GLY C 191 27.22 -7.58 -3.77
C GLY C 191 27.40 -6.30 -2.97
N VAL C 192 28.54 -5.65 -3.18
CA VAL C 192 28.91 -4.42 -2.50
C VAL C 192 28.80 -3.27 -3.50
N ASN C 193 28.05 -2.23 -3.14
CA ASN C 193 28.10 -0.98 -3.86
C ASN C 193 29.32 -0.18 -3.39
N PRO C 194 30.23 0.18 -4.28
CA PRO C 194 31.49 0.79 -3.83
C PRO C 194 31.45 2.31 -3.81
N VAL C 195 32.06 2.88 -2.76
CA VAL C 195 32.23 4.32 -2.69
C VAL C 195 33.15 4.81 -3.79
N THR C 196 34.27 4.11 -4.00
CA THR C 196 35.27 4.49 -4.98
C THR C 196 35.12 3.64 -6.24
N ASP C 197 35.57 4.21 -7.36
CA ASP C 197 35.55 3.49 -8.62
C ASP C 197 36.97 3.27 -9.14
N ASP C 198 37.87 2.82 -8.28
CA ASP C 198 39.22 2.46 -8.71
C ASP C 198 39.41 0.95 -8.58
N VAL C 199 40.40 0.44 -9.30
CA VAL C 199 40.54 -1.00 -9.48
C VAL C 199 41.03 -1.66 -8.20
N GLU C 200 42.01 -1.06 -7.53
CA GLU C 200 42.57 -1.67 -6.33
C GLU C 200 41.54 -1.71 -5.20
N ASN C 201 40.70 -0.67 -5.11
CA ASN C 201 39.63 -0.69 -4.12
C ASN C 201 38.62 -1.80 -4.42
N LEU C 202 38.28 -1.98 -5.70
CA LEU C 202 37.39 -3.06 -6.09
C LEU C 202 37.98 -4.42 -5.73
N SER C 203 39.28 -4.60 -5.99
CA SER C 203 39.91 -5.88 -5.70
C SER C 203 40.00 -6.15 -4.21
N ARG C 204 40.22 -5.11 -3.41
CA ARG C 204 40.28 -5.28 -1.96
C ARG C 204 38.94 -5.75 -1.40
N VAL C 205 37.84 -5.18 -1.90
CA VAL C 205 36.52 -5.61 -1.44
C VAL C 205 36.23 -7.04 -1.89
N LEU C 206 36.68 -7.40 -3.09
CA LEU C 206 36.46 -8.76 -3.58
C LEU C 206 37.22 -9.78 -2.75
N ASP C 207 38.47 -9.49 -2.40
CA ASP C 207 39.25 -10.40 -1.56
C ASP C 207 38.60 -10.59 -0.20
N THR C 208 37.95 -9.55 0.32
CA THR C 208 37.27 -9.67 1.61
C THR C 208 36.04 -10.56 1.50
N ILE C 209 35.25 -10.39 0.44
CA ILE C 209 34.05 -11.19 0.26
C ILE C 209 34.42 -12.66 0.12
N TYR C 210 35.38 -12.97 -0.76
CA TYR C 210 35.73 -14.35 -1.01
C TYR C 210 36.59 -14.97 0.08
N GLY C 211 37.25 -14.15 0.90
CA GLY C 211 37.88 -14.69 2.09
C GLY C 211 36.88 -15.30 3.03
N VAL C 212 35.69 -14.69 3.14
CA VAL C 212 34.62 -15.28 3.94
C VAL C 212 34.02 -16.47 3.20
N ILE C 213 33.89 -16.37 1.88
CA ILE C 213 33.30 -17.46 1.10
C ILE C 213 34.17 -18.70 1.17
N ASP C 214 35.49 -18.52 1.01
CA ASP C 214 36.40 -19.66 0.99
C ASP C 214 36.60 -20.27 2.37
N LYS C 215 36.53 -19.45 3.43
CA LYS C 215 36.76 -19.97 4.77
C LYS C 215 35.66 -20.94 5.20
N PHE C 216 34.42 -20.62 4.88
CA PHE C 216 33.28 -21.44 5.28
C PHE C 216 32.68 -22.22 4.11
N ASN C 217 33.31 -22.18 2.94
CA ASN C 217 32.87 -22.93 1.77
C ASN C 217 31.41 -22.63 1.43
N ILE C 218 31.09 -21.34 1.34
CA ILE C 218 29.72 -20.88 1.12
C ILE C 218 29.37 -21.02 -0.35
N PRO C 219 28.31 -21.76 -0.68
CA PRO C 219 27.83 -21.78 -2.07
C PRO C 219 27.12 -20.48 -2.42
N THR C 220 27.86 -19.54 -2.98
CA THR C 220 27.31 -18.26 -3.43
C THR C 220 28.31 -17.57 -4.35
N GLN C 221 28.13 -16.28 -4.59
CA GLN C 221 29.03 -15.56 -5.48
C GLN C 221 29.16 -14.12 -5.01
N GLY C 222 30.34 -13.55 -5.23
CA GLY C 222 30.62 -12.19 -4.84
C GLY C 222 30.54 -11.23 -6.02
N CYS C 223 30.34 -9.95 -5.71
CA CYS C 223 30.22 -8.94 -6.73
C CYS C 223 30.47 -7.57 -6.12
N VAL C 224 31.03 -6.68 -6.93
CA VAL C 224 31.20 -5.26 -6.56
C VAL C 224 30.53 -4.45 -7.66
N LEU C 225 29.47 -3.74 -7.30
CA LEU C 225 28.60 -3.08 -8.28
C LEU C 225 29.18 -1.80 -8.85
N ALA C 226 30.46 -1.79 -9.20
CA ALA C 226 31.07 -0.64 -9.85
C ALA C 226 30.75 -0.69 -11.35
N HIS C 227 31.37 0.20 -12.12
CA HIS C 227 31.20 0.18 -13.56
C HIS C 227 31.74 -1.12 -14.14
N VAL C 228 31.15 -1.55 -15.24
CA VAL C 228 31.50 -2.84 -15.82
C VAL C 228 32.93 -2.83 -16.36
N THR C 229 33.45 -1.66 -16.72
CA THR C 229 34.80 -1.59 -17.27
C THR C 229 35.85 -1.88 -16.18
N THR C 230 35.67 -1.29 -15.00
CA THR C 230 36.62 -1.51 -13.91
C THR C 230 36.41 -2.86 -13.23
N GLN C 231 35.22 -3.44 -13.32
CA GLN C 231 35.03 -4.81 -12.88
C GLN C 231 35.81 -5.78 -13.76
N ILE C 232 35.75 -5.59 -15.08
CA ILE C 232 36.46 -6.46 -16.00
C ILE C 232 37.97 -6.33 -15.81
N GLU C 233 38.47 -5.11 -15.67
CA GLU C 233 39.90 -4.91 -15.50
C GLU C 233 40.40 -5.51 -14.19
N ALA C 234 39.61 -5.39 -13.12
CA ALA C 234 40.02 -5.97 -11.85
C ALA C 234 40.05 -7.49 -11.93
N ILE C 235 39.07 -8.09 -12.63
CA ILE C 235 39.04 -9.54 -12.77
C ILE C 235 40.18 -10.02 -13.67
N ARG C 236 40.46 -9.27 -14.74
CA ARG C 236 41.60 -9.61 -15.60
C ARG C 236 42.92 -9.57 -14.82
N ARG C 237 43.01 -8.70 -13.82
CA ARG C 237 44.23 -8.57 -13.03
C ARG C 237 44.36 -9.63 -11.94
N GLY C 238 43.38 -10.52 -11.79
CA GLY C 238 43.47 -11.61 -10.85
C GLY C 238 42.48 -11.57 -9.70
N ALA C 239 41.61 -10.57 -9.63
CA ALA C 239 40.62 -10.53 -8.57
C ALA C 239 39.58 -11.63 -8.78
N PRO C 240 39.08 -12.24 -7.71
CA PRO C 240 38.08 -13.32 -7.86
C PRO C 240 36.78 -12.78 -8.41
N GLY C 241 36.35 -13.33 -9.55
CA GLY C 241 35.13 -12.89 -10.21
C GLY C 241 34.00 -13.85 -9.97
N GLY C 242 32.85 -13.31 -9.59
CA GLY C 242 31.64 -14.09 -9.45
C GLY C 242 30.58 -13.61 -10.41
N LEU C 243 29.79 -12.62 -9.99
CA LEU C 243 28.86 -11.94 -10.87
C LEU C 243 29.47 -10.63 -11.34
N ILE C 244 29.24 -10.31 -12.60
CA ILE C 244 29.67 -9.05 -13.19
C ILE C 244 28.45 -8.17 -13.37
N PHE C 245 28.48 -6.98 -12.78
CA PHE C 245 27.32 -6.12 -12.69
C PHE C 245 27.45 -4.94 -13.65
N GLN C 246 26.31 -4.42 -14.09
CA GLN C 246 26.25 -3.15 -14.79
C GLN C 246 24.81 -2.63 -14.75
N SER C 247 24.64 -1.35 -14.40
CA SER C 247 23.36 -0.70 -14.52
C SER C 247 23.03 -0.47 -15.99
N ILE C 248 21.76 -0.65 -16.35
CA ILE C 248 21.33 -0.60 -17.74
C ILE C 248 20.19 0.40 -17.89
N CYS C 249 20.00 0.85 -19.13
CA CYS C 249 18.91 1.75 -19.48
C CYS C 249 18.26 1.26 -20.77
N GLY C 250 17.01 1.67 -20.98
CA GLY C 250 16.23 1.17 -22.10
C GLY C 250 16.39 1.94 -23.40
N SER C 251 17.47 2.70 -23.52
CA SER C 251 17.74 3.45 -24.74
C SER C 251 19.24 3.60 -24.91
N GLU C 252 19.67 3.77 -26.16
CA GLU C 252 21.09 3.95 -26.44
C GLU C 252 21.61 5.23 -25.83
N LYS C 253 20.82 6.31 -25.90
CA LYS C 253 21.20 7.54 -25.22
C LYS C 253 21.27 7.35 -23.71
N GLY C 254 20.41 6.49 -23.16
CA GLY C 254 20.47 6.21 -21.73
C GLY C 254 21.71 5.43 -21.34
N LEU C 255 22.11 4.47 -22.17
CA LEU C 255 23.34 3.73 -21.91
C LEU C 255 24.56 4.63 -22.01
N LYS C 256 24.53 5.60 -22.94
CA LYS C 256 25.62 6.55 -23.05
C LYS C 256 25.76 7.40 -21.80
N GLU C 257 24.64 7.70 -21.14
CA GLU C 257 24.69 8.46 -19.89
C GLU C 257 25.50 7.71 -18.83
N PHE C 258 25.36 6.38 -18.79
CA PHE C 258 26.12 5.56 -17.86
C PHE C 258 27.51 5.23 -18.36
N GLY C 259 27.82 5.54 -19.63
CA GLY C 259 29.10 5.18 -20.19
C GLY C 259 29.24 3.73 -20.56
N VAL C 260 28.17 3.12 -21.04
CA VAL C 260 28.12 1.68 -21.31
C VAL C 260 27.88 1.48 -22.80
N GLU C 261 28.71 0.63 -23.41
CA GLU C 261 28.46 0.13 -24.75
C GLU C 261 27.95 -1.30 -24.66
N LEU C 262 27.21 -1.72 -25.69
CA LEU C 262 26.77 -3.10 -25.76
C LEU C 262 27.94 -4.07 -25.90
N ALA C 263 29.06 -3.62 -26.46
CA ALA C 263 30.26 -4.47 -26.50
C ALA C 263 30.85 -4.69 -25.11
N MET C 264 30.61 -3.77 -24.18
CA MET C 264 31.07 -3.97 -22.82
C MET C 264 30.34 -5.13 -22.16
N LEU C 265 29.06 -5.31 -22.49
CA LEU C 265 28.31 -6.45 -21.95
C LEU C 265 28.73 -7.75 -22.62
N ASP C 266 29.11 -7.69 -23.91
CA ASP C 266 29.67 -8.86 -24.56
C ASP C 266 31.00 -9.24 -23.94
N GLU C 267 31.80 -8.25 -23.54
CA GLU C 267 33.10 -8.52 -22.93
C GLU C 267 32.93 -9.12 -21.53
N ALA C 268 32.00 -8.57 -20.74
CA ALA C 268 31.74 -9.13 -19.42
C ALA C 268 31.26 -10.57 -19.50
N ARG C 269 30.53 -10.91 -20.57
CA ARG C 269 30.13 -12.29 -20.79
C ARG C 269 31.33 -13.16 -21.16
N ALA C 270 32.24 -12.63 -21.96
CA ALA C 270 33.44 -13.36 -22.35
C ALA C 270 34.46 -13.46 -21.21
N VAL C 271 34.56 -12.42 -20.39
CA VAL C 271 35.48 -12.46 -19.26
C VAL C 271 34.97 -13.44 -18.20
N GLY C 272 33.65 -13.45 -17.96
CA GLY C 272 33.09 -14.37 -17.00
C GLY C 272 33.29 -15.83 -17.39
N ALA C 273 33.23 -16.11 -18.69
CA ALA C 273 33.44 -17.48 -19.16
C ALA C 273 34.88 -17.93 -19.01
N GLU C 274 35.82 -17.01 -18.91
CA GLU C 274 37.23 -17.34 -18.83
C GLU C 274 37.78 -17.29 -17.41
N PHE C 275 37.18 -16.48 -16.53
CA PHE C 275 37.77 -16.19 -15.23
C PHE C 275 36.88 -16.51 -14.04
N ASN C 276 35.56 -16.44 -14.17
CA ASN C 276 34.70 -16.34 -13.00
C ASN C 276 34.51 -17.69 -12.33
N ARG C 277 34.41 -17.64 -10.99
CA ARG C 277 34.21 -18.84 -10.17
C ARG C 277 32.72 -19.13 -10.04
N ILE C 278 32.14 -19.55 -11.16
CA ILE C 278 30.71 -19.84 -11.25
C ILE C 278 30.54 -21.26 -11.76
N ALA C 279 29.73 -22.05 -11.05
CA ALA C 279 29.46 -23.42 -11.49
C ALA C 279 28.40 -23.44 -12.59
N GLY C 280 27.36 -22.62 -12.46
CA GLY C 280 26.32 -22.55 -13.47
C GLY C 280 26.74 -21.74 -14.68
N GLU C 281 25.79 -21.57 -15.60
CA GLU C 281 26.04 -20.90 -16.86
C GLU C 281 25.62 -19.44 -16.87
N ASN C 282 25.05 -18.94 -15.78
CA ASN C 282 24.63 -17.55 -15.67
C ASN C 282 25.54 -16.82 -14.68
N CYS C 283 26.10 -15.69 -15.10
CA CYS C 283 27.03 -14.96 -14.26
C CYS C 283 26.88 -13.44 -14.34
N LEU C 284 25.87 -12.93 -15.04
CA LEU C 284 25.69 -11.50 -15.19
C LEU C 284 24.60 -10.99 -14.25
N TYR C 285 24.66 -9.70 -13.94
CA TYR C 285 23.79 -9.07 -12.96
C TYR C 285 23.50 -7.65 -13.44
N PHE C 286 22.22 -7.34 -13.62
CA PHE C 286 21.79 -6.00 -14.02
C PHE C 286 20.78 -5.47 -13.02
N GLU C 287 20.81 -4.16 -12.81
CA GLU C 287 19.82 -3.48 -12.00
C GLU C 287 19.11 -2.41 -12.82
N THR C 288 17.81 -2.27 -12.60
CA THR C 288 17.00 -1.31 -13.35
C THR C 288 16.22 -0.39 -12.43
N GLY C 289 15.19 0.27 -12.97
CA GLY C 289 14.39 1.18 -12.17
C GLY C 289 13.75 2.30 -12.97
N GLN C 290 12.49 2.59 -12.69
CA GLN C 290 11.77 3.60 -13.45
C GLN C 290 12.30 5.00 -13.14
N GLY C 291 12.42 5.82 -14.17
CA GLY C 291 12.91 7.17 -14.03
C GLY C 291 14.33 7.39 -14.52
N SER C 292 15.09 6.31 -14.76
CA SER C 292 16.46 6.46 -15.22
C SER C 292 16.52 7.02 -16.64
N ALA C 293 15.61 6.57 -17.51
CA ALA C 293 15.59 7.09 -18.88
C ALA C 293 15.16 8.56 -18.89
N LEU C 294 14.18 8.93 -18.07
CA LEU C 294 13.77 10.32 -18.00
C LEU C 294 14.84 11.19 -17.33
N SER C 295 15.59 10.62 -16.39
CA SER C 295 16.65 11.37 -15.74
C SER C 295 17.76 11.76 -16.71
N ALA C 296 18.02 10.92 -17.71
CA ALA C 296 19.04 11.17 -18.71
C ALA C 296 18.52 11.91 -19.93
N GLY C 297 17.26 12.35 -19.91
CA GLY C 297 16.65 12.89 -21.10
C GLY C 297 16.60 11.90 -22.25
N ALA C 298 16.57 10.61 -21.93
CA ALA C 298 16.68 9.54 -22.93
C ALA C 298 15.43 8.69 -23.02
N ASN C 299 14.28 9.22 -22.61
CA ASN C 299 13.02 8.52 -22.77
C ASN C 299 12.32 8.88 -24.08
N PHE C 300 12.62 10.04 -24.64
CA PHE C 300 12.12 10.45 -25.96
C PHE C 300 10.59 10.48 -25.99
N GLY C 301 10.00 11.14 -25.00
CA GLY C 301 8.57 11.28 -24.91
C GLY C 301 7.82 10.05 -24.46
N ALA C 302 8.52 8.98 -24.06
CA ALA C 302 7.87 7.77 -23.59
C ALA C 302 7.77 7.78 -22.07
N ASP C 303 6.79 7.03 -21.56
CA ASP C 303 6.61 6.93 -20.12
C ASP C 303 7.70 6.03 -19.52
N GLN C 304 7.83 6.11 -18.19
CA GLN C 304 8.89 5.39 -17.50
C GLN C 304 8.60 3.90 -17.37
N VAL C 305 7.36 3.46 -17.59
CA VAL C 305 7.07 2.03 -17.55
C VAL C 305 7.47 1.36 -18.84
N THR C 306 7.19 1.98 -19.98
CA THR C 306 7.62 1.43 -21.26
C THR C 306 9.15 1.45 -21.37
N MET C 307 9.79 2.48 -20.84
CA MET C 307 11.25 2.53 -20.86
C MET C 307 11.85 1.49 -19.93
N GLU C 308 11.21 1.23 -18.79
CA GLU C 308 11.70 0.20 -17.88
C GLU C 308 11.53 -1.19 -18.48
N ALA C 309 10.43 -1.42 -19.21
CA ALA C 309 10.24 -2.70 -19.89
C ALA C 309 11.33 -2.94 -20.92
N ARG C 310 11.90 -1.87 -21.50
CA ARG C 310 12.96 -2.03 -22.47
C ARG C 310 14.27 -2.45 -21.84
N ASN C 311 14.45 -2.21 -20.53
CA ASN C 311 15.60 -2.76 -19.84
C ASN C 311 15.59 -4.28 -19.86
N TYR C 312 14.40 -4.88 -19.83
CA TYR C 312 14.29 -6.33 -19.72
C TYR C 312 14.53 -7.02 -21.07
N GLY C 313 14.00 -6.45 -22.15
CA GLY C 313 14.32 -6.98 -23.47
C GLY C 313 15.78 -6.87 -23.79
N LEU C 314 16.46 -5.87 -23.25
CA LEU C 314 17.91 -5.76 -23.40
C LEU C 314 18.62 -6.79 -22.53
N ALA C 315 18.22 -6.90 -21.25
CA ALA C 315 18.87 -7.83 -20.35
C ALA C 315 18.64 -9.28 -20.76
N ARG C 316 17.49 -9.58 -21.36
CA ARG C 316 17.21 -10.96 -21.78
C ARG C 316 18.21 -11.45 -22.82
N HIS C 317 18.75 -10.53 -23.63
CA HIS C 317 19.71 -10.94 -24.66
C HIS C 317 20.97 -11.54 -24.06
N TYR C 318 21.36 -11.11 -22.86
CA TYR C 318 22.58 -11.59 -22.23
C TYR C 318 22.32 -12.68 -21.20
N ASP C 319 21.06 -13.05 -20.96
CA ASP C 319 20.65 -14.14 -20.07
C ASP C 319 21.40 -14.06 -18.74
N PRO C 320 21.14 -13.05 -17.92
CA PRO C 320 21.90 -12.88 -16.68
C PRO C 320 21.37 -13.78 -15.57
N PHE C 321 22.17 -13.89 -14.51
CA PHE C 321 21.75 -14.71 -13.38
C PHE C 321 20.62 -14.05 -12.61
N ILE C 322 20.70 -12.74 -12.39
CA ILE C 322 19.70 -12.00 -11.62
C ILE C 322 19.53 -10.61 -12.21
N VAL C 323 18.28 -10.15 -12.26
CA VAL C 323 17.94 -8.76 -12.52
C VAL C 323 16.97 -8.31 -11.43
N ASN C 324 17.09 -7.07 -11.01
CA ASN C 324 16.15 -6.52 -10.04
C ASN C 324 15.99 -5.04 -10.27
N THR C 325 14.74 -4.56 -10.19
CA THR C 325 14.48 -3.14 -10.18
C THR C 325 14.79 -2.58 -8.81
N VAL C 326 15.33 -1.37 -8.77
CA VAL C 326 15.52 -0.63 -7.53
C VAL C 326 14.36 0.37 -7.52
N VAL C 327 13.24 -0.07 -6.95
CA VAL C 327 11.94 0.53 -7.28
C VAL C 327 11.88 1.99 -6.86
N GLY C 328 12.34 2.31 -5.65
CA GLY C 328 12.27 3.68 -5.18
C GLY C 328 13.61 4.26 -4.80
N PHE C 329 14.60 4.07 -5.68
CA PHE C 329 15.97 4.43 -5.34
C PHE C 329 16.26 5.91 -5.58
N ILE C 330 15.63 6.52 -6.57
CA ILE C 330 16.00 7.86 -6.99
C ILE C 330 15.34 8.90 -6.09
N GLY C 331 14.04 9.10 -6.25
CA GLY C 331 13.33 10.08 -5.47
C GLY C 331 11.87 10.22 -5.85
N PRO C 332 11.17 11.16 -5.21
CA PRO C 332 9.73 11.33 -5.46
C PRO C 332 9.41 11.98 -6.79
N GLU C 333 10.40 12.53 -7.50
CA GLU C 333 10.13 13.12 -8.80
C GLU C 333 9.67 12.09 -9.82
N TYR C 334 9.99 10.82 -9.61
CA TYR C 334 9.58 9.74 -10.49
C TYR C 334 8.55 8.81 -9.86
N LEU C 335 8.69 8.50 -8.57
CA LEU C 335 7.69 7.72 -7.84
C LEU C 335 7.47 8.41 -6.50
N TYR C 336 6.26 8.94 -6.28
CA TYR C 336 6.03 9.86 -5.17
C TYR C 336 5.83 9.15 -3.84
N ASN C 337 4.78 8.33 -3.73
CA ASN C 337 4.35 7.83 -2.43
C ASN C 337 4.31 6.31 -2.36
N ASP C 338 3.58 5.78 -1.38
CA ASP C 338 3.49 4.34 -1.19
C ASP C 338 2.74 3.68 -2.36
N ARG C 339 1.64 4.30 -2.79
CA ARG C 339 0.82 3.70 -3.84
C ARG C 339 1.59 3.57 -5.16
N GLN C 340 2.35 4.61 -5.52
CA GLN C 340 3.09 4.57 -6.78
C GLN C 340 4.28 3.62 -6.71
N ILE C 341 4.91 3.50 -5.54
CA ILE C 341 6.07 2.64 -5.42
C ILE C 341 5.66 1.16 -5.40
N ILE C 342 4.56 0.84 -4.73
CA ILE C 342 4.03 -0.52 -4.76
C ILE C 342 3.63 -0.89 -6.18
N ARG C 343 2.91 0.01 -6.85
CA ARG C 343 2.45 -0.27 -8.21
C ARG C 343 3.63 -0.52 -9.15
N ALA C 344 4.65 0.32 -9.08
CA ALA C 344 5.81 0.16 -9.95
C ALA C 344 6.55 -1.14 -9.64
N GLY C 345 6.61 -1.51 -8.35
CA GLY C 345 7.26 -2.77 -7.99
C GLY C 345 6.57 -3.97 -8.60
N LEU C 346 5.24 -4.01 -8.53
CA LEU C 346 4.49 -5.08 -9.17
C LEU C 346 4.62 -4.99 -10.70
N GLU C 347 4.64 -3.77 -11.25
CA GLU C 347 4.82 -3.61 -12.68
C GLU C 347 6.17 -4.16 -13.14
N ASP C 348 7.25 -3.70 -12.50
CA ASP C 348 8.59 -4.06 -12.94
C ASP C 348 8.82 -5.57 -12.87
N HIS C 349 8.36 -6.19 -11.78
CA HIS C 349 8.58 -7.63 -11.61
C HIS C 349 7.76 -8.44 -12.61
N PHE C 350 6.51 -8.05 -12.84
CA PHE C 350 5.69 -8.75 -13.82
C PHE C 350 6.27 -8.60 -15.22
N MET C 351 6.72 -7.40 -15.57
CA MET C 351 7.30 -7.18 -16.89
C MET C 351 8.60 -7.95 -17.05
N GLY C 352 9.38 -8.07 -15.98
CA GLY C 352 10.62 -8.82 -16.06
C GLY C 352 10.38 -10.31 -16.20
N LYS C 353 9.42 -10.86 -15.45
CA LYS C 353 9.10 -12.28 -15.57
C LYS C 353 8.46 -12.57 -16.91
N LEU C 354 7.67 -11.65 -17.45
CA LEU C 354 7.10 -11.83 -18.77
C LEU C 354 8.18 -11.80 -19.86
N SER C 355 9.26 -11.05 -19.63
CA SER C 355 10.35 -10.98 -20.58
C SER C 355 11.32 -12.15 -20.46
N GLY C 356 11.18 -12.98 -19.43
CA GLY C 356 11.99 -14.17 -19.30
C GLY C 356 13.31 -13.99 -18.57
N ILE C 357 13.40 -13.02 -17.68
CA ILE C 357 14.63 -12.78 -16.92
C ILE C 357 14.35 -13.07 -15.45
N SER C 358 15.41 -13.44 -14.72
CA SER C 358 15.33 -13.76 -13.29
C SER C 358 15.10 -12.46 -12.52
N MET C 359 13.83 -12.07 -12.43
CA MET C 359 13.44 -10.75 -11.95
C MET C 359 13.36 -10.74 -10.43
N GLY C 360 14.13 -9.86 -9.80
CA GLY C 360 13.98 -9.53 -8.41
C GLY C 360 13.49 -8.11 -8.23
N CYS C 361 13.58 -7.62 -6.99
CA CYS C 361 13.18 -6.24 -6.71
C CYS C 361 13.83 -5.76 -5.43
N ASP C 362 14.50 -4.60 -5.51
CA ASP C 362 14.97 -3.89 -4.33
C ASP C 362 13.81 -3.04 -3.81
N CYS C 363 13.04 -3.61 -2.90
CA CYS C 363 11.97 -2.87 -2.24
C CYS C 363 12.60 -1.79 -1.36
N CYS C 364 12.51 -0.54 -1.81
CA CYS C 364 13.26 0.53 -1.16
C CYS C 364 12.52 1.86 -1.32
N TYR C 365 13.05 2.88 -0.65
CA TYR C 365 12.51 4.22 -0.70
C TYR C 365 13.59 5.18 -0.20
N THR C 366 13.43 6.45 -0.55
CA THR C 366 14.34 7.50 -0.11
C THR C 366 13.68 8.36 0.97
N ASN C 367 14.52 9.10 1.69
CA ASN C 367 14.03 9.90 2.81
C ASN C 367 13.38 11.20 2.38
N HIS C 368 13.55 11.62 1.13
CA HIS C 368 12.83 12.78 0.61
C HIS C 368 11.60 12.37 -0.19
N ALA C 369 11.19 11.11 -0.10
CA ALA C 369 9.95 10.62 -0.70
C ALA C 369 8.90 10.41 0.37
N ASP C 370 7.64 10.31 -0.08
CA ASP C 370 6.50 10.16 0.83
C ASP C 370 6.29 8.68 1.15
N ALA C 371 7.23 8.14 1.91
CA ALA C 371 7.24 6.71 2.22
C ALA C 371 7.95 6.48 3.55
N ASP C 372 7.79 5.27 4.09
CA ASP C 372 8.46 4.86 5.31
C ASP C 372 8.78 3.37 5.20
N GLN C 373 9.23 2.79 6.32
CA GLN C 373 9.67 1.39 6.30
C GLN C 373 8.50 0.43 6.19
N ASN C 374 7.31 0.82 6.68
CA ASN C 374 6.14 -0.04 6.53
C ASN C 374 5.78 -0.26 5.06
N LEU C 375 6.19 0.66 4.18
CA LEU C 375 5.96 0.47 2.75
C LEU C 375 6.81 -0.69 2.23
N ASN C 376 8.09 -0.72 2.60
CA ASN C 376 8.97 -1.81 2.15
C ASN C 376 8.44 -3.16 2.60
N GLU C 377 7.86 -3.22 3.80
CA GLU C 377 7.34 -4.50 4.29
C GLU C 377 6.06 -4.90 3.57
N ASN C 378 5.27 -3.93 3.11
CA ASN C 378 4.10 -4.25 2.31
C ASN C 378 4.49 -4.81 0.95
N LEU C 379 5.48 -4.20 0.30
CA LEU C 379 5.83 -4.58 -1.06
C LEU C 379 6.60 -5.88 -1.10
N MET C 380 7.46 -6.14 -0.12
CA MET C 380 8.24 -7.38 -0.12
C MET C 380 7.32 -8.59 -0.02
N ILE C 381 6.21 -8.46 0.71
CA ILE C 381 5.32 -9.60 0.89
C ILE C 381 4.45 -9.80 -0.34
N LEU C 382 3.93 -8.71 -0.91
CA LEU C 382 3.18 -8.80 -2.15
C LEU C 382 4.03 -9.40 -3.27
N LEU C 383 5.31 -9.01 -3.33
CA LEU C 383 6.19 -9.52 -4.38
C LEU C 383 6.60 -10.96 -4.10
N ALA C 384 6.76 -11.32 -2.82
CA ALA C 384 7.08 -12.71 -2.50
C ALA C 384 5.96 -13.65 -2.92
N THR C 385 4.70 -13.23 -2.73
CA THR C 385 3.58 -14.01 -3.24
C THR C 385 3.59 -14.06 -4.76
N ALA C 386 4.11 -13.02 -5.41
CA ALA C 386 4.24 -13.00 -6.86
C ALA C 386 5.42 -13.83 -7.36
N GLY C 387 6.14 -14.50 -6.46
CA GLY C 387 7.28 -15.28 -6.88
C GLY C 387 8.52 -14.47 -7.17
N CYS C 388 8.69 -13.33 -6.51
CA CYS C 388 9.89 -12.53 -6.68
C CYS C 388 11.13 -13.36 -6.38
N ASN C 389 12.13 -13.27 -7.27
CA ASN C 389 13.27 -14.16 -7.17
C ASN C 389 14.13 -13.82 -5.96
N TYR C 390 14.25 -12.54 -5.62
CA TYR C 390 15.09 -12.14 -4.50
C TYR C 390 14.83 -10.68 -4.16
N ILE C 391 15.20 -10.30 -2.94
CA ILE C 391 15.20 -8.93 -2.47
C ILE C 391 16.60 -8.63 -1.92
N MET C 392 16.78 -7.41 -1.41
CA MET C 392 18.05 -7.02 -0.84
C MET C 392 18.06 -7.30 0.68
N GLY C 393 19.19 -7.02 1.30
CA GLY C 393 19.33 -7.21 2.73
C GLY C 393 20.43 -6.38 3.34
N MET C 394 20.09 -5.57 4.32
CA MET C 394 21.03 -4.78 5.10
C MET C 394 20.58 -4.81 6.55
N PRO C 395 21.48 -4.52 7.50
CA PRO C 395 21.06 -4.46 8.91
C PRO C 395 19.96 -3.43 9.13
N LEU C 396 18.74 -3.91 9.38
CA LEU C 396 17.54 -3.11 9.54
C LEU C 396 17.18 -2.33 8.28
N GLY C 397 17.84 -2.61 7.16
CA GLY C 397 17.56 -1.95 5.90
C GLY C 397 18.21 -0.59 5.73
N ASP C 398 19.03 -0.16 6.67
CA ASP C 398 19.65 1.17 6.61
C ASP C 398 20.97 1.09 5.86
N ASP C 399 21.01 1.71 4.67
CA ASP C 399 22.25 1.82 3.91
C ASP C 399 23.00 3.05 4.39
N ILE C 400 24.12 2.84 5.07
CA ILE C 400 24.91 3.95 5.60
C ILE C 400 25.62 4.74 4.51
N MET C 401 25.61 4.26 3.27
CA MET C 401 26.31 4.91 2.17
C MET C 401 25.36 5.41 1.08
N LEU C 402 24.45 4.56 0.60
CA LEU C 402 23.55 4.98 -0.46
C LEU C 402 22.45 5.92 0.02
N ASN C 403 22.36 6.15 1.33
CA ASN C 403 21.44 7.12 1.91
C ASN C 403 19.99 6.82 1.55
N TYR C 404 19.60 5.56 1.76
CA TYR C 404 18.23 5.12 1.53
C TYR C 404 17.96 3.91 2.41
N GLN C 405 16.72 3.42 2.37
CA GLN C 405 16.30 2.30 3.20
C GLN C 405 15.68 1.23 2.34
N THR C 406 16.25 0.03 2.37
CA THR C 406 15.74 -1.16 1.70
C THR C 406 15.19 -2.12 2.75
N THR C 407 15.18 -3.41 2.45
CA THR C 407 14.66 -4.41 3.36
C THR C 407 15.77 -4.90 4.30
N ALA C 408 15.36 -5.38 5.47
CA ALA C 408 16.28 -5.83 6.49
C ALA C 408 16.65 -7.30 6.29
N PHE C 409 17.69 -7.73 7.01
CA PHE C 409 17.99 -9.16 7.08
C PHE C 409 16.84 -9.92 7.71
N HIS C 410 16.19 -9.32 8.71
CA HIS C 410 15.00 -9.92 9.30
C HIS C 410 13.90 -10.13 8.27
N ASP C 411 13.88 -9.30 7.24
CA ASP C 411 12.77 -9.31 6.28
C ASP C 411 12.77 -10.59 5.44
N THR C 412 13.95 -11.08 5.06
CA THR C 412 14.00 -12.32 4.28
C THR C 412 13.59 -13.52 5.13
N ALA C 413 14.05 -13.58 6.38
CA ALA C 413 13.65 -14.67 7.26
C ALA C 413 12.16 -14.62 7.56
N THR C 414 11.60 -13.42 7.68
CA THR C 414 10.16 -13.29 7.89
C THR C 414 9.39 -13.83 6.70
N VAL C 415 9.76 -13.41 5.49
CA VAL C 415 9.07 -13.86 4.28
C VAL C 415 9.13 -15.37 4.16
N ARG C 416 10.32 -15.95 4.39
CA ARG C 416 10.50 -17.39 4.22
C ARG C 416 9.64 -18.16 5.22
N GLN C 417 9.67 -17.77 6.48
CA GLN C 417 8.91 -18.48 7.50
C GLN C 417 7.42 -18.17 7.45
N LEU C 418 7.04 -17.02 6.89
CA LEU C 418 5.63 -16.68 6.76
C LEU C 418 4.97 -17.43 5.61
N LEU C 419 5.68 -17.58 4.49
CA LEU C 419 5.12 -18.19 3.28
C LEU C 419 5.65 -19.59 3.03
N ASN C 420 6.38 -20.17 3.98
CA ASN C 420 6.94 -21.52 3.84
C ASN C 420 7.84 -21.61 2.60
N LEU C 421 8.68 -20.61 2.41
CA LEU C 421 9.64 -20.59 1.31
C LEU C 421 11.03 -20.92 1.83
N ARG C 422 11.80 -21.60 0.99
CA ARG C 422 13.16 -22.00 1.32
C ARG C 422 14.18 -21.10 0.63
N PRO C 423 15.43 -21.10 1.09
CA PRO C 423 16.47 -20.40 0.33
C PRO C 423 16.86 -21.18 -0.92
N SER C 424 17.89 -20.72 -1.63
CA SER C 424 18.43 -21.50 -2.72
C SER C 424 18.87 -22.87 -2.18
N PRO C 425 18.53 -23.97 -2.87
CA PRO C 425 18.78 -25.29 -2.28
C PRO C 425 20.23 -25.53 -1.90
N GLU C 426 21.17 -25.04 -2.70
CA GLU C 426 22.58 -25.16 -2.34
C GLU C 426 22.90 -24.35 -1.08
N PHE C 427 22.35 -23.14 -0.99
CA PHE C 427 22.61 -22.28 0.17
C PHE C 427 21.90 -22.81 1.41
N GLU C 428 20.69 -23.34 1.25
CA GLU C 428 19.97 -23.91 2.39
C GLU C 428 20.74 -25.08 2.99
N ARG C 429 21.37 -25.91 2.15
CA ARG C 429 22.20 -26.99 2.64
C ARG C 429 23.37 -26.46 3.47
N TRP C 430 23.90 -25.29 3.11
CA TRP C 430 25.00 -24.70 3.86
C TRP C 430 24.53 -24.12 5.18
N LEU C 431 23.36 -23.48 5.19
CA LEU C 431 22.83 -22.93 6.44
C LEU C 431 22.50 -24.05 7.43
N GLU C 432 22.03 -25.19 6.92
CA GLU C 432 21.78 -26.33 7.80
C GLU C 432 23.08 -26.89 8.36
N SER C 433 24.14 -26.89 7.55
CA SER C 433 25.44 -27.36 8.03
CA SER C 433 25.43 -27.37 8.04
C SER C 433 26.05 -26.40 9.04
N MET C 434 25.70 -25.11 8.95
CA MET C 434 26.19 -24.10 9.88
C MET C 434 25.33 -23.97 11.13
N GLY C 435 24.26 -24.76 11.23
CA GLY C 435 23.37 -24.66 12.37
C GLY C 435 22.58 -23.38 12.42
N ILE C 436 22.29 -22.76 11.27
CA ILE C 436 21.60 -21.49 11.23
C ILE C 436 20.13 -21.72 10.90
N MET C 437 19.84 -22.74 10.09
CA MET C 437 18.48 -23.00 9.65
C MET C 437 18.18 -24.48 9.72
N ALA C 438 16.97 -24.80 10.20
CA ALA C 438 16.46 -26.17 10.22
C ALA C 438 15.01 -26.14 9.77
N ASN C 439 14.69 -26.95 8.77
CA ASN C 439 13.34 -27.00 8.19
C ASN C 439 12.88 -25.62 7.73
N GLY C 440 13.79 -24.89 7.07
CA GLY C 440 13.45 -23.59 6.53
C GLY C 440 13.28 -22.49 7.54
N ARG C 441 13.55 -22.76 8.82
CA ARG C 441 13.37 -21.78 9.88
C ARG C 441 14.69 -21.50 10.57
N LEU C 442 14.84 -20.26 11.04
CA LEU C 442 16.03 -19.87 11.79
C LEU C 442 16.09 -20.64 13.10
N THR C 443 17.27 -21.18 13.42
CA THR C 443 17.46 -21.86 14.67
C THR C 443 17.56 -20.85 15.82
N LYS C 444 17.78 -21.36 17.03
CA LYS C 444 17.89 -20.47 18.19
C LYS C 444 19.14 -19.62 18.11
N ARG C 445 20.24 -20.18 17.62
CA ARG C 445 21.50 -19.44 17.51
C ARG C 445 21.61 -18.66 16.20
N ALA C 446 20.57 -18.64 15.38
CA ALA C 446 20.59 -17.84 14.17
C ALA C 446 20.43 -16.36 14.52
N GLY C 447 20.78 -15.51 13.56
CA GLY C 447 20.76 -14.08 13.82
C GLY C 447 21.88 -13.58 14.69
N ASP C 448 22.90 -14.40 14.93
CA ASP C 448 24.02 -14.03 15.79
C ASP C 448 25.30 -14.09 14.96
N PRO C 449 25.87 -12.94 14.59
CA PRO C 449 27.07 -12.96 13.73
C PRO C 449 28.30 -13.54 14.40
N SER C 450 28.35 -13.58 15.74
CA SER C 450 29.48 -14.17 16.44
C SER C 450 29.53 -15.69 16.31
N LEU C 451 28.56 -16.29 15.61
CA LEU C 451 28.57 -17.74 15.41
C LEU C 451 29.73 -18.18 14.51
N PHE C 452 30.19 -17.30 13.62
CA PHE C 452 31.28 -17.62 12.70
C PHE C 452 32.66 -17.49 13.35
N PHE C 453 32.73 -17.29 14.65
CA PHE C 453 34.01 -17.09 15.32
C PHE C 453 34.21 -18.12 16.41
N ALA D 12 15.52 4.59 31.70
CA ALA D 12 15.63 5.76 30.85
C ALA D 12 16.63 5.52 29.73
N LEU D 13 16.30 5.98 28.52
CA LEU D 13 17.18 5.80 27.37
C LEU D 13 16.79 6.79 26.29
N ASP D 14 17.75 7.59 25.85
CA ASP D 14 17.56 8.47 24.70
C ASP D 14 17.94 7.69 23.43
N LEU D 15 16.97 7.50 22.54
CA LEU D 15 17.22 6.72 21.33
C LEU D 15 18.26 7.37 20.43
N GLY D 16 18.51 8.67 20.59
CA GLY D 16 19.56 9.35 19.86
C GLY D 16 20.90 9.41 20.57
N SER D 17 21.02 8.75 21.72
CA SER D 17 22.26 8.79 22.48
C SER D 17 23.26 7.78 21.93
N ALA D 18 24.52 7.94 22.37
CA ALA D 18 25.56 6.99 21.97
C ALA D 18 25.34 5.62 22.59
N GLU D 19 24.73 5.56 23.77
CA GLU D 19 24.43 4.27 24.38
C GLU D 19 23.39 3.51 23.58
N ALA D 20 22.43 4.21 22.96
CA ALA D 20 21.43 3.55 22.14
C ALA D 20 22.03 3.05 20.83
N LYS D 21 22.94 3.83 20.24
CA LYS D 21 23.56 3.44 18.98
C LYS D 21 24.51 2.26 19.15
N ALA D 22 25.06 2.04 20.34
CA ALA D 22 25.97 0.94 20.61
C ALA D 22 25.28 -0.22 21.31
N TRP D 23 23.96 -0.34 21.16
CA TRP D 23 23.20 -1.37 21.86
C TRP D 23 23.36 -2.72 21.18
N ILE D 24 23.66 -3.75 21.97
CA ILE D 24 23.75 -5.12 21.49
C ILE D 24 22.49 -5.85 21.94
N GLY D 25 21.73 -6.37 20.99
CA GLY D 25 20.45 -6.97 21.30
C GLY D 25 20.42 -8.49 21.23
N VAL D 26 21.52 -9.10 20.79
CA VAL D 26 21.56 -10.56 20.70
C VAL D 26 21.45 -11.16 22.11
N GLU D 27 20.55 -12.12 22.26
CA GLU D 27 20.18 -12.61 23.58
C GLU D 27 21.20 -13.59 24.14
N ASN D 28 21.49 -14.66 23.39
CA ASN D 28 22.43 -15.70 23.82
C ASN D 28 23.52 -15.82 22.76
N PRO D 29 24.49 -14.92 22.76
CA PRO D 29 25.50 -14.91 21.70
C PRO D 29 26.54 -16.02 21.89
N HIS D 30 27.09 -16.46 20.75
CA HIS D 30 28.18 -17.43 20.79
C HIS D 30 29.44 -16.82 21.40
N ARG D 31 29.79 -15.61 20.96
CA ARG D 31 30.96 -14.89 21.47
C ARG D 31 30.56 -13.42 21.63
N ALA D 32 30.14 -13.06 22.84
CA ALA D 32 29.70 -11.69 23.09
C ALA D 32 30.83 -10.68 22.93
N ASP D 33 32.08 -11.11 23.16
CA ASP D 33 33.22 -10.23 22.93
C ASP D 33 33.36 -9.88 21.46
N VAL D 34 33.02 -10.81 20.57
CA VAL D 34 33.10 -10.55 19.14
C VAL D 34 31.99 -9.61 18.70
N LEU D 35 30.83 -9.66 19.38
CA LEU D 35 29.71 -8.81 19.00
C LEU D 35 30.06 -7.33 19.13
N THR D 36 30.66 -6.95 20.26
CA THR D 36 31.08 -5.56 20.43
C THR D 36 32.17 -5.19 19.43
N GLU D 37 33.00 -6.14 19.04
CA GLU D 37 34.00 -5.89 18.01
C GLU D 37 33.35 -5.56 16.68
N LEU D 38 32.26 -6.25 16.35
CA LEU D 38 31.56 -6.00 15.09
C LEU D 38 30.71 -4.74 15.15
N ARG D 39 30.15 -4.41 16.32
CA ARG D 39 29.34 -3.20 16.43
C ARG D 39 30.20 -1.96 16.28
N ARG D 40 31.39 -1.95 16.87
CA ARG D 40 32.29 -0.82 16.75
C ARG D 40 32.99 -0.78 15.39
N SER D 41 32.94 -1.88 14.64
CA SER D 41 33.61 -1.94 13.35
C SER D 41 32.84 -1.26 12.23
N THR D 42 31.57 -0.92 12.45
CA THR D 42 30.75 -0.35 11.38
C THR D 42 29.71 0.58 11.97
N VAL D 43 29.21 1.48 11.12
CA VAL D 43 28.08 2.33 11.48
C VAL D 43 26.76 1.61 11.26
N ALA D 44 26.76 0.56 10.43
CA ALA D 44 25.55 -0.22 10.21
C ALA D 44 25.02 -0.80 11.52
N ARG D 45 23.71 -1.01 11.57
CA ARG D 45 23.03 -1.40 12.80
C ARG D 45 23.07 -2.93 12.96
N VAL D 46 24.28 -3.42 13.16
CA VAL D 46 24.50 -4.86 13.35
C VAL D 46 24.27 -5.22 14.82
N CYS D 47 24.15 -6.51 15.09
CA CYS D 47 24.10 -7.05 16.45
C CYS D 47 22.92 -6.50 17.26
N THR D 48 21.79 -6.23 16.59
CA THR D 48 20.61 -5.75 17.29
C THR D 48 19.70 -6.90 17.75
N GLY D 49 19.99 -8.13 17.36
CA GLY D 49 19.20 -9.26 17.80
C GLY D 49 17.94 -9.44 16.97
N ARG D 50 17.01 -10.21 17.53
CA ARG D 50 15.76 -10.51 16.83
C ARG D 50 14.72 -10.96 17.84
N ALA D 51 13.46 -10.79 17.46
CA ALA D 51 12.30 -11.35 18.18
C ALA D 51 11.64 -12.28 17.19
N GLY D 52 12.08 -13.54 17.16
CA GLY D 52 11.75 -14.43 16.08
C GLY D 52 12.48 -13.99 14.83
N PRO D 53 11.75 -13.84 13.73
CA PRO D 53 12.33 -13.25 12.51
C PRO D 53 12.15 -11.75 12.38
N ARG D 54 11.66 -11.08 13.42
CA ARG D 54 11.37 -9.66 13.40
C ARG D 54 12.40 -8.89 14.22
N PRO D 55 12.56 -7.59 13.94
CA PRO D 55 13.50 -6.79 14.73
C PRO D 55 13.04 -6.64 16.17
N ARG D 56 13.99 -6.37 17.05
CA ARG D 56 13.68 -6.14 18.44
C ARG D 56 13.06 -4.74 18.62
N THR D 57 12.41 -4.55 19.76
CA THR D 57 11.60 -3.35 19.96
C THR D 57 12.48 -2.09 19.95
N GLN D 58 13.58 -2.11 20.71
CA GLN D 58 14.42 -0.92 20.81
C GLN D 58 15.07 -0.57 19.48
N ALA D 59 15.55 -1.59 18.74
CA ALA D 59 16.15 -1.33 17.44
C ALA D 59 15.12 -0.75 16.47
N LEU D 60 13.87 -1.23 16.53
CA LEU D 60 12.82 -0.63 15.73
C LEU D 60 12.48 0.77 16.21
N LEU D 61 12.61 1.02 17.52
CA LEU D 61 12.35 2.37 18.04
C LEU D 61 13.43 3.35 17.59
N ARG D 62 14.69 2.95 17.65
CA ARG D 62 15.76 3.83 17.20
C ARG D 62 15.70 4.05 15.69
N PHE D 63 15.21 3.05 14.94
CA PHE D 63 15.02 3.23 13.51
C PHE D 63 13.99 4.31 13.23
N LEU D 64 12.84 4.24 13.89
CA LEU D 64 11.79 5.23 13.65
C LEU D 64 12.16 6.60 14.20
N ALA D 65 12.93 6.64 15.30
CA ALA D 65 13.40 7.92 15.81
C ALA D 65 14.37 8.58 14.84
N ASP D 66 15.27 7.80 14.25
CA ASP D 66 16.20 8.35 13.27
C ASP D 66 15.46 8.78 12.00
N HIS D 67 14.37 8.09 11.65
CA HIS D 67 13.61 8.47 10.47
C HIS D 67 12.86 9.78 10.69
N SER D 68 12.38 10.02 11.91
CA SER D 68 11.73 11.29 12.21
C SER D 68 12.72 12.45 12.09
N ARG D 69 13.99 12.21 12.39
CA ARG D 69 15.01 13.24 12.27
C ARG D 69 15.49 13.40 10.84
N SER D 70 15.56 12.29 10.09
CA SER D 70 16.04 12.35 8.71
C SER D 70 15.06 13.07 7.81
N LYS D 71 13.75 12.90 8.06
CA LYS D 71 12.75 13.57 7.24
C LYS D 71 12.78 15.08 7.43
N ASP D 72 13.21 15.55 8.60
CA ASP D 72 13.24 16.98 8.87
C ASP D 72 14.33 17.68 8.05
N THR D 73 15.47 17.01 7.87
CA THR D 73 16.58 17.61 7.13
C THR D 73 16.29 17.74 5.64
N VAL D 74 15.21 17.15 5.14
CA VAL D 74 14.91 17.20 3.71
C VAL D 74 14.52 18.61 3.30
N LEU D 75 13.59 19.21 4.03
CA LEU D 75 13.02 20.50 3.64
C LEU D 75 13.74 21.69 4.25
N LYS D 76 14.69 21.47 5.16
CA LYS D 76 15.41 22.58 5.75
C LYS D 76 16.38 23.18 4.74
N GLU D 77 16.50 24.51 4.77
CA GLU D 77 17.37 25.24 3.86
C GLU D 77 18.48 25.92 4.64
N VAL D 78 19.56 26.24 3.94
CA VAL D 78 20.63 27.04 4.52
C VAL D 78 20.14 28.48 4.56
N PRO D 79 20.37 29.21 5.65
CA PRO D 79 19.97 30.63 5.70
C PRO D 79 20.83 31.46 4.77
N GLU D 80 20.20 32.42 4.11
CA GLU D 80 20.96 33.38 3.30
C GLU D 80 21.94 34.18 4.15
N GLU D 81 21.70 34.25 5.46
CA GLU D 81 22.65 34.92 6.35
C GLU D 81 23.91 34.08 6.55
N TRP D 82 23.82 32.77 6.40
CA TRP D 82 24.99 31.91 6.56
C TRP D 82 25.92 32.02 5.35
N VAL D 83 25.36 31.89 4.14
CA VAL D 83 26.17 31.99 2.93
C VAL D 83 26.75 33.39 2.79
N LYS D 84 25.98 34.41 3.20
CA LYS D 84 26.53 35.77 3.25
C LYS D 84 27.70 35.85 4.22
N ALA D 85 27.60 35.15 5.35
CA ALA D 85 28.69 35.13 6.32
C ALA D 85 29.93 34.44 5.76
N GLN D 86 29.78 33.71 4.65
CA GLN D 86 30.92 33.13 3.95
C GLN D 86 31.41 34.02 2.82
N GLY D 87 30.75 35.14 2.56
CA GLY D 87 31.15 36.02 1.48
C GLY D 87 30.98 35.43 0.10
N LEU D 88 29.85 34.75 -0.15
CA LEU D 88 29.60 34.07 -1.41
C LEU D 88 28.50 34.78 -2.18
N LEU D 89 28.66 34.82 -3.50
CA LEU D 89 27.63 35.32 -4.39
C LEU D 89 26.53 34.27 -4.50
N GLU D 90 25.39 34.51 -3.84
CA GLU D 90 24.28 33.57 -3.90
C GLU D 90 23.54 33.70 -5.21
N VAL D 91 23.29 32.57 -5.86
CA VAL D 91 22.50 32.50 -7.07
C VAL D 91 21.58 31.28 -6.92
N ARG D 92 20.47 31.29 -7.66
CA ARG D 92 19.51 30.20 -7.58
C ARG D 92 19.08 29.79 -8.98
N SER D 93 18.60 28.54 -9.08
CA SER D 93 18.14 28.00 -10.35
C SER D 93 16.73 28.47 -10.64
N GLU D 94 16.05 27.82 -11.59
CA GLU D 94 14.67 28.17 -11.90
C GLU D 94 13.69 27.73 -10.84
N ILE D 95 14.14 26.98 -9.83
CA ILE D 95 13.28 26.55 -8.74
C ILE D 95 13.10 27.69 -7.76
N SER D 96 11.89 27.83 -7.21
CA SER D 96 11.55 28.91 -6.30
C SER D 96 11.58 28.52 -4.84
N ASP D 97 11.19 27.29 -4.50
CA ASP D 97 11.11 26.86 -3.11
C ASP D 97 11.58 25.41 -2.99
N LYS D 98 11.62 24.92 -1.76
CA LYS D 98 12.09 23.55 -1.52
C LYS D 98 11.09 22.51 -2.02
N ASN D 99 9.80 22.86 -2.07
CA ASN D 99 8.79 21.89 -2.51
C ASN D 99 8.92 21.60 -4.00
N LEU D 100 9.05 22.65 -4.81
CA LEU D 100 9.16 22.46 -6.26
C LEU D 100 10.48 21.79 -6.64
N TYR D 101 11.51 21.92 -5.81
CA TYR D 101 12.81 21.34 -6.14
C TYR D 101 12.75 19.82 -6.14
N LEU D 102 11.99 19.23 -5.22
CA LEU D 102 11.94 17.78 -5.12
C LEU D 102 11.20 17.12 -6.28
N THR D 103 10.35 17.88 -6.99
CA THR D 103 9.54 17.32 -8.06
C THR D 103 10.00 17.72 -9.46
N ARG D 104 10.80 18.78 -9.59
CA ARG D 104 11.26 19.28 -10.89
C ARG D 104 12.78 19.27 -10.93
N PRO D 105 13.40 18.12 -11.21
CA PRO D 105 14.85 18.10 -11.40
C PRO D 105 15.30 18.84 -12.65
N ASP D 106 14.41 18.99 -13.65
CA ASP D 106 14.78 19.71 -14.86
C ASP D 106 14.99 21.19 -14.60
N MET D 107 14.15 21.79 -13.75
CA MET D 107 14.33 23.20 -13.40
C MET D 107 15.54 23.40 -12.51
N GLY D 108 15.86 22.43 -11.66
CA GLY D 108 17.05 22.52 -10.84
C GLY D 108 18.34 22.36 -11.61
N ARG D 109 18.28 21.82 -12.82
CA ARG D 109 19.44 21.68 -13.68
C ARG D 109 19.66 22.89 -14.59
N ARG D 110 18.84 23.94 -14.45
CA ARG D 110 18.92 25.11 -15.30
C ARG D 110 18.84 26.36 -14.45
N LEU D 111 19.75 27.30 -14.70
CA LEU D 111 19.80 28.55 -13.96
C LEU D 111 18.72 29.51 -14.48
N CYS D 112 18.22 30.34 -13.58
CA CYS D 112 17.19 31.31 -13.93
C CYS D 112 17.79 32.41 -14.81
N ALA D 113 16.94 33.33 -15.25
CA ALA D 113 17.37 34.38 -16.17
C ALA D 113 18.38 35.31 -15.51
N GLU D 114 18.06 35.82 -14.32
CA GLU D 114 19.00 36.67 -13.59
C GLU D 114 20.27 35.92 -13.22
N ALA D 115 20.21 34.59 -13.14
CA ALA D 115 21.41 33.80 -12.88
C ALA D 115 22.40 33.92 -14.04
N VAL D 116 21.90 33.94 -15.27
CA VAL D 116 22.76 34.07 -16.44
C VAL D 116 23.55 35.37 -16.38
N GLU D 117 22.85 36.48 -16.12
CA GLU D 117 23.48 37.79 -16.19
C GLU D 117 24.36 38.07 -14.98
N ALA D 118 23.96 37.62 -13.79
CA ALA D 118 24.75 37.85 -12.59
C ALA D 118 26.04 37.05 -12.58
N LEU D 119 26.10 35.95 -13.34
CA LEU D 119 27.30 35.13 -13.38
C LEU D 119 28.35 35.72 -14.31
N LYS D 120 27.95 36.17 -15.50
CA LYS D 120 28.89 36.75 -16.46
C LYS D 120 29.44 38.08 -15.98
N ALA D 121 28.77 38.75 -15.04
CA ALA D 121 29.18 40.08 -14.60
C ALA D 121 30.02 40.08 -13.33
N GLN D 122 29.84 39.10 -12.45
CA GLN D 122 30.48 39.10 -11.15
C GLN D 122 31.53 38.00 -10.98
N CYS D 123 31.78 37.20 -12.01
CA CYS D 123 32.76 36.13 -11.95
C CYS D 123 33.85 36.36 -12.99
N VAL D 124 35.04 35.83 -12.71
CA VAL D 124 36.14 35.96 -13.65
C VAL D 124 35.82 35.21 -14.94
N ALA D 125 36.37 35.69 -16.05
CA ALA D 125 36.07 35.13 -17.36
C ALA D 125 37.05 34.02 -17.70
N ASN D 126 36.50 32.85 -18.04
CA ASN D 126 37.23 31.67 -18.50
C ASN D 126 38.33 31.27 -17.53
N PRO D 127 38.01 30.81 -16.33
CA PRO D 127 39.03 30.25 -15.45
C PRO D 127 39.32 28.80 -15.81
N ASP D 128 40.50 28.33 -15.41
CA ASP D 128 40.84 26.93 -15.66
C ASP D 128 40.24 25.99 -14.62
N VAL D 129 39.87 26.51 -13.45
CA VAL D 129 39.14 25.75 -12.44
C VAL D 129 38.04 26.64 -11.88
N GLN D 130 36.89 26.04 -11.58
CA GLN D 130 35.75 26.78 -11.05
C GLN D 130 35.09 25.96 -9.96
N VAL D 131 34.91 26.58 -8.79
CA VAL D 131 34.31 25.92 -7.63
C VAL D 131 32.89 26.42 -7.47
N VAL D 132 31.95 25.50 -7.33
CA VAL D 132 30.53 25.80 -7.20
C VAL D 132 29.98 25.02 -6.01
N ILE D 133 29.28 25.71 -5.12
CA ILE D 133 28.67 25.10 -3.94
C ILE D 133 27.16 25.14 -4.11
N SER D 134 26.50 24.02 -3.84
CA SER D 134 25.05 23.93 -3.96
C SER D 134 24.49 23.12 -2.81
N ASP D 135 23.28 23.48 -2.39
CA ASP D 135 22.62 22.74 -1.33
C ASP D 135 22.24 21.34 -1.79
N GLY D 136 21.75 21.21 -3.01
CA GLY D 136 21.32 19.93 -3.53
C GLY D 136 20.19 19.35 -2.73
N LEU D 137 20.44 18.23 -2.04
CA LEU D 137 19.43 17.57 -1.24
C LEU D 137 19.75 17.59 0.25
N SER D 138 20.90 18.13 0.66
CA SER D 138 21.29 18.14 2.06
C SER D 138 21.91 19.49 2.39
N THR D 139 21.18 20.30 3.16
CA THR D 139 21.75 21.55 3.67
C THR D 139 22.81 21.28 4.74
N ASP D 140 22.55 20.29 5.60
CA ASP D 140 23.49 19.97 6.67
C ASP D 140 24.83 19.49 6.12
N ALA D 141 24.83 18.91 4.91
CA ALA D 141 26.08 18.47 4.30
C ALA D 141 26.99 19.64 3.94
N ILE D 142 26.43 20.83 3.72
CA ILE D 142 27.22 22.01 3.37
C ILE D 142 27.74 22.71 4.61
N THR D 143 26.86 23.04 5.56
CA THR D 143 27.25 23.85 6.70
C THR D 143 28.28 23.14 7.59
N VAL D 144 28.08 21.84 7.83
CA VAL D 144 28.94 21.11 8.76
C VAL D 144 30.35 20.97 8.19
N ASN D 145 30.46 20.76 6.87
CA ASN D 145 31.74 20.44 6.25
C ASN D 145 32.39 21.63 5.53
N TYR D 146 31.70 22.76 5.43
CA TYR D 146 32.21 23.87 4.62
C TYR D 146 33.55 24.39 5.16
N GLU D 147 33.56 24.81 6.43
CA GLU D 147 34.75 25.42 7.01
C GLU D 147 35.95 24.48 7.00
N GLU D 148 35.72 23.18 6.88
CA GLU D 148 36.82 22.21 6.90
C GLU D 148 37.34 21.87 5.52
N ILE D 149 36.53 22.00 4.47
CA ILE D 149 36.93 21.61 3.13
C ILE D 149 37.16 22.79 2.20
N LEU D 150 36.45 23.91 2.39
CA LEU D 150 36.59 25.03 1.45
C LEU D 150 37.92 25.75 1.60
N PRO D 151 38.39 26.11 2.78
CA PRO D 151 39.68 26.82 2.89
C PRO D 151 40.83 26.01 2.28
N PRO D 152 40.99 24.72 2.61
CA PRO D 152 42.14 23.99 2.03
C PRO D 152 41.99 23.75 0.53
N LEU D 153 40.77 23.59 0.02
CA LEU D 153 40.60 23.41 -1.42
C LEU D 153 40.98 24.67 -2.18
N MET D 154 40.55 25.83 -1.69
CA MET D 154 40.92 27.09 -2.33
C MET D 154 42.42 27.34 -2.24
N ALA D 155 43.03 26.94 -1.12
CA ALA D 155 44.47 27.12 -0.97
C ALA D 155 45.23 26.29 -2.01
N GLY D 156 45.08 24.97 -1.96
CA GLY D 156 45.80 24.10 -2.89
C GLY D 156 45.55 24.42 -4.34
N LEU D 157 44.39 24.98 -4.66
CA LEU D 157 44.11 25.39 -6.03
C LEU D 157 44.88 26.64 -6.43
N LYS D 158 45.39 27.40 -5.47
CA LYS D 158 46.16 28.61 -5.74
C LYS D 158 47.66 28.41 -5.59
N GLN D 159 48.11 27.67 -4.59
CA GLN D 159 49.52 27.32 -4.51
C GLN D 159 49.89 26.33 -5.61
N ALA D 160 50.92 26.69 -6.39
CA ALA D 160 51.26 25.95 -7.62
C ALA D 160 50.02 25.81 -8.50
N GLY D 161 49.25 26.88 -8.56
CA GLY D 161 47.88 26.87 -9.00
C GLY D 161 47.70 27.43 -10.39
N LEU D 162 46.56 28.07 -10.61
CA LEU D 162 46.07 28.39 -11.94
C LEU D 162 44.98 29.45 -11.82
N LYS D 163 44.29 29.72 -12.93
CA LYS D 163 43.18 30.67 -12.94
C LYS D 163 42.00 30.13 -12.13
N VAL D 164 41.92 30.51 -10.87
CA VAL D 164 40.85 30.06 -9.99
C VAL D 164 39.66 30.98 -10.15
N GLY D 165 38.49 30.40 -10.45
CA GLY D 165 37.29 31.19 -10.60
C GLY D 165 36.74 31.68 -9.28
N THR D 166 35.75 32.57 -9.37
CA THR D 166 35.11 33.09 -8.18
C THR D 166 34.12 32.06 -7.65
N PRO D 167 34.19 31.70 -6.37
CA PRO D 167 33.23 30.73 -5.83
C PRO D 167 31.87 31.39 -5.60
N PHE D 168 30.81 30.62 -5.85
CA PHE D 168 29.46 31.11 -5.68
C PHE D 168 28.54 29.94 -5.32
N PHE D 169 27.38 30.28 -4.76
CA PHE D 169 26.44 29.29 -4.23
C PHE D 169 25.18 29.27 -5.09
N VAL D 170 24.78 28.09 -5.52
CA VAL D 170 23.55 27.89 -6.29
C VAL D 170 22.51 27.25 -5.39
N ARG D 171 21.38 27.93 -5.21
CA ARG D 171 20.27 27.39 -4.44
C ARG D 171 19.37 26.55 -5.32
N TYR D 172 18.88 25.44 -4.77
CA TYR D 172 18.03 24.47 -5.49
C TYR D 172 18.74 23.97 -6.75
N GLY D 173 20.01 23.60 -6.59
CA GLY D 173 20.85 23.20 -7.71
C GLY D 173 20.99 21.69 -7.79
N ARG D 174 20.91 21.17 -9.01
CA ARG D 174 21.19 19.78 -9.31
C ARG D 174 22.61 19.67 -9.87
N VAL D 175 23.00 18.44 -10.20
CA VAL D 175 24.38 18.22 -10.65
C VAL D 175 24.58 18.68 -12.08
N LYS D 176 23.60 18.43 -12.95
CA LYS D 176 23.75 18.78 -14.36
C LYS D 176 23.83 20.28 -14.61
N ILE D 177 23.49 21.10 -13.62
CA ILE D 177 23.54 22.55 -13.80
C ILE D 177 24.96 23.05 -14.00
N GLU D 178 25.97 22.23 -13.65
CA GLU D 178 27.35 22.65 -13.84
C GLU D 178 27.77 22.64 -15.30
N ASP D 179 27.03 21.94 -16.16
CA ASP D 179 27.31 21.99 -17.60
C ASP D 179 27.06 23.39 -18.14
N GLN D 180 25.99 24.04 -17.68
CA GLN D 180 25.71 25.41 -18.10
C GLN D 180 26.73 26.37 -17.49
N ILE D 181 27.12 26.15 -16.23
CA ILE D 181 28.08 27.03 -15.58
C ILE D 181 29.42 26.99 -16.29
N GLY D 182 29.85 25.80 -16.70
CA GLY D 182 31.11 25.69 -17.42
C GLY D 182 31.08 26.36 -18.78
N GLU D 183 29.91 26.40 -19.41
CA GLU D 183 29.77 27.08 -20.70
C GLU D 183 29.71 28.59 -20.53
N ILE D 184 28.84 29.05 -19.62
CA ILE D 184 28.63 30.49 -19.44
C ILE D 184 29.91 31.16 -18.96
N LEU D 185 30.65 30.50 -18.06
CA LEU D 185 31.86 31.07 -17.50
C LEU D 185 33.13 30.60 -18.21
N GLY D 186 32.99 29.76 -19.23
CA GLY D 186 34.15 29.30 -19.98
C GLY D 186 35.16 28.55 -19.15
N ALA D 187 34.71 27.81 -18.13
CA ALA D 187 35.62 27.14 -17.23
C ALA D 187 36.16 25.87 -17.86
N LYS D 188 37.49 25.68 -17.75
CA LYS D 188 38.10 24.45 -18.25
C LYS D 188 37.76 23.26 -17.36
N VAL D 189 37.62 23.48 -16.06
CA VAL D 189 37.28 22.43 -15.11
C VAL D 189 36.33 23.02 -14.07
N VAL D 190 35.23 22.31 -13.80
CA VAL D 190 34.19 22.79 -12.90
C VAL D 190 34.08 21.83 -11.72
N ILE D 191 34.17 22.37 -10.51
CA ILE D 191 34.04 21.60 -9.27
C ILE D 191 32.70 21.92 -8.64
N LEU D 192 32.01 20.89 -8.16
CA LEU D 192 30.69 21.06 -7.55
C LEU D 192 30.65 20.30 -6.23
N LEU D 193 30.49 21.03 -5.13
CA LEU D 193 30.26 20.44 -3.81
C LEU D 193 28.76 20.51 -3.54
N VAL D 194 28.10 19.35 -3.52
CA VAL D 194 26.65 19.28 -3.45
C VAL D 194 26.26 18.25 -2.41
N GLY D 195 25.11 18.48 -1.78
CA GLY D 195 24.62 17.58 -0.74
C GLY D 195 23.81 16.44 -1.33
N GLU D 196 24.18 15.22 -0.95
CA GLU D 196 23.44 14.05 -1.39
C GLU D 196 22.10 13.95 -0.66
N ARG D 197 21.26 13.01 -1.12
CA ARG D 197 20.00 12.79 -0.45
C ARG D 197 20.25 12.34 0.99
N PRO D 198 19.36 12.72 1.92
CA PRO D 198 19.64 12.46 3.34
C PRO D 198 19.53 10.97 3.66
N GLY D 199 20.53 10.47 4.39
CA GLY D 199 20.49 9.12 4.90
C GLY D 199 19.62 9.03 6.14
N LEU D 200 19.59 7.83 6.72
CA LEU D 200 18.78 7.60 7.91
C LEU D 200 19.50 8.04 9.17
N GLY D 201 20.75 7.63 9.33
CA GLY D 201 21.53 7.97 10.52
C GLY D 201 22.27 9.28 10.46
N GLN D 202 22.41 9.87 9.28
CA GLN D 202 23.12 11.13 9.14
C GLN D 202 22.47 11.94 8.03
N SER D 203 22.86 13.23 7.96
CA SER D 203 22.45 14.10 6.86
C SER D 203 23.57 15.07 6.48
N GLU D 204 24.82 14.77 6.80
CA GLU D 204 25.95 15.64 6.52
C GLU D 204 26.84 15.11 5.40
N SER D 205 26.33 14.21 4.57
CA SER D 205 27.13 13.57 3.54
C SER D 205 27.29 14.51 2.35
N LEU D 206 28.52 14.93 2.09
CA LEU D 206 28.84 15.82 0.99
C LEU D 206 29.42 15.02 -0.19
N SER D 207 29.17 15.52 -1.40
CA SER D 207 29.66 14.89 -2.61
C SER D 207 30.35 15.93 -3.49
N CYS D 208 31.23 15.45 -4.37
CA CYS D 208 31.95 16.29 -5.30
C CYS D 208 31.77 15.75 -6.71
N TYR D 209 31.28 16.59 -7.61
CA TYR D 209 31.09 16.22 -9.02
C TYR D 209 31.93 17.17 -9.87
N ALA D 210 32.92 16.61 -10.56
CA ALA D 210 33.88 17.40 -11.34
C ALA D 210 33.82 16.97 -12.81
N VAL D 211 33.98 17.95 -13.70
CA VAL D 211 33.90 17.70 -15.14
C VAL D 211 34.85 18.66 -15.85
N TYR D 212 35.40 18.21 -16.98
CA TYR D 212 36.33 19.00 -17.77
C TYR D 212 35.61 19.57 -18.99
N SER D 213 35.60 20.90 -19.10
CA SER D 213 35.02 21.63 -20.23
C SER D 213 33.62 21.11 -20.55
N PRO D 214 32.65 21.30 -19.68
CA PRO D 214 31.33 20.71 -19.92
C PRO D 214 30.56 21.45 -21.00
N ARG D 215 29.66 20.71 -21.65
CA ARG D 215 28.77 21.25 -22.66
C ARG D 215 27.35 20.76 -22.37
N MET D 216 26.38 21.66 -22.53
CA MET D 216 25.01 21.33 -22.16
C MET D 216 24.42 20.21 -23.02
N ALA D 217 24.84 20.12 -24.28
CA ALA D 217 24.21 19.21 -25.23
C ALA D 217 25.00 17.93 -25.47
N THR D 218 26.27 17.87 -25.07
CA THR D 218 27.12 16.71 -25.36
C THR D 218 27.68 16.02 -24.13
N THR D 219 27.80 16.71 -23.00
CA THR D 219 28.39 16.09 -21.81
C THR D 219 27.41 15.10 -21.18
N VAL D 220 27.85 13.86 -21.02
CA VAL D 220 27.05 12.84 -20.40
C VAL D 220 27.42 12.74 -18.92
N GLU D 221 26.65 11.95 -18.17
CA GLU D 221 26.94 11.78 -16.75
C GLU D 221 28.24 11.03 -16.51
N ALA D 222 28.58 10.09 -17.41
CA ALA D 222 29.84 9.36 -17.30
C ALA D 222 31.06 10.25 -17.52
N ASP D 223 30.87 11.48 -18.00
CA ASP D 223 31.96 12.41 -18.19
C ASP D 223 32.41 13.09 -16.90
N ARG D 224 31.77 12.78 -15.78
CA ARG D 224 32.10 13.41 -14.51
C ARG D 224 32.82 12.44 -13.59
N THR D 225 33.69 12.98 -12.75
CA THR D 225 34.34 12.23 -11.68
C THR D 225 33.63 12.56 -10.36
N CYS D 226 33.28 11.53 -9.61
CA CYS D 226 32.46 11.68 -8.42
C CYS D 226 33.23 11.24 -7.18
N ILE D 227 33.18 12.07 -6.13
CA ILE D 227 33.67 11.72 -4.81
C ILE D 227 32.52 11.88 -3.84
N SER D 228 32.15 10.78 -3.18
CA SER D 228 30.95 10.76 -2.36
C SER D 228 31.28 10.52 -0.89
N ASN D 229 30.30 10.81 -0.05
CA ASN D 229 30.39 10.58 1.40
C ASN D 229 31.57 11.35 2.02
N ILE D 230 31.52 12.66 1.86
CA ILE D 230 32.50 13.57 2.46
C ILE D 230 31.88 14.07 3.77
N HIS D 231 32.26 13.45 4.87
CA HIS D 231 31.82 13.84 6.21
C HIS D 231 32.70 13.11 7.21
N GLN D 232 32.44 13.37 8.51
CA GLN D 232 33.21 12.71 9.55
C GLN D 232 32.93 11.21 9.65
N GLY D 233 31.90 10.72 8.97
CA GLY D 233 31.62 9.31 8.92
C GLY D 233 32.18 8.66 7.67
N GLY D 234 32.39 9.46 6.63
CA GLY D 234 32.98 8.97 5.40
C GLY D 234 34.38 9.50 5.19
N THR D 235 34.59 10.25 4.11
CA THR D 235 35.90 10.84 3.88
C THR D 235 36.00 12.17 4.63
N PRO D 236 37.04 12.37 5.44
CA PRO D 236 37.16 13.65 6.16
C PRO D 236 37.28 14.79 5.20
N PRO D 237 36.74 15.97 5.55
CA PRO D 237 36.76 17.10 4.61
C PRO D 237 38.15 17.59 4.26
N VAL D 238 39.06 17.67 5.24
CA VAL D 238 40.42 18.13 4.94
C VAL D 238 41.13 17.15 4.03
N GLU D 239 41.00 15.85 4.31
CA GLU D 239 41.62 14.84 3.45
C GLU D 239 41.00 14.85 2.06
N ALA D 240 39.69 15.11 1.98
CA ALA D 240 39.02 15.16 0.68
C ALA D 240 39.43 16.39 -0.11
N ALA D 241 39.81 17.48 0.56
CA ALA D 241 40.20 18.70 -0.14
C ALA D 241 41.48 18.48 -0.93
N ALA D 242 42.48 17.83 -0.33
CA ALA D 242 43.71 17.52 -1.05
C ALA D 242 43.47 16.51 -2.16
N VAL D 243 42.41 15.72 -2.07
CA VAL D 243 42.11 14.76 -3.14
C VAL D 243 41.50 15.48 -4.34
N ILE D 244 40.60 16.43 -4.10
CA ILE D 244 39.98 17.16 -5.21
C ILE D 244 41.01 18.03 -5.91
N VAL D 245 41.94 18.61 -5.17
CA VAL D 245 42.98 19.44 -5.78
C VAL D 245 43.84 18.59 -6.72
N ASP D 246 44.24 17.41 -6.25
CA ASP D 246 44.98 16.47 -7.10
C ASP D 246 44.18 16.13 -8.35
N LEU D 247 42.89 15.78 -8.18
CA LEU D 247 42.05 15.45 -9.32
C LEU D 247 42.00 16.60 -10.32
N ALA D 248 41.72 17.81 -9.83
CA ALA D 248 41.63 18.96 -10.72
C ALA D 248 42.91 19.17 -11.51
N LYS D 249 44.07 18.82 -10.93
CA LYS D 249 45.32 18.90 -11.67
C LYS D 249 45.36 17.87 -12.78
N ARG D 250 44.88 16.65 -12.51
CA ARG D 250 44.90 15.60 -13.53
C ARG D 250 43.94 15.90 -14.67
N MET D 251 42.84 16.60 -14.40
CA MET D 251 41.88 16.92 -15.46
C MET D 251 42.41 17.96 -16.44
N LEU D 252 43.38 18.78 -16.02
CA LEU D 252 43.98 19.75 -16.91
C LEU D 252 45.19 19.21 -17.66
N GLU D 253 45.82 18.15 -17.15
CA GLU D 253 46.89 17.48 -17.89
C GLU D 253 46.31 16.63 -19.01
N GLN D 254 45.44 15.69 -18.66
CA GLN D 254 44.86 14.77 -19.64
C GLN D 254 43.73 15.38 -20.46
N LYS D 255 43.21 16.54 -20.04
CA LYS D 255 42.14 17.23 -20.76
C LYS D 255 40.91 16.32 -20.92
N ALA D 256 40.61 15.54 -19.89
CA ALA D 256 39.48 14.64 -19.91
C ALA D 256 38.93 14.50 -18.49
N SER D 257 37.76 13.88 -18.38
CA SER D 257 37.10 13.74 -17.09
C SER D 257 36.25 12.47 -17.09
N GLY D 258 35.98 11.98 -15.88
CA GLY D 258 35.12 10.82 -15.75
C GLY D 258 35.78 9.57 -16.29
N ILE D 259 35.02 8.83 -17.10
CA ILE D 259 35.52 7.59 -17.69
C ILE D 259 36.61 7.82 -18.72
N ASN D 260 36.78 9.06 -19.19
CA ASN D 260 37.78 9.38 -20.20
C ASN D 260 39.15 9.66 -19.61
N MET D 261 39.34 9.45 -18.31
CA MET D 261 40.60 9.71 -17.65
C MET D 261 41.49 8.45 -17.65
N THR D 262 42.74 8.64 -17.23
CA THR D 262 43.69 7.54 -17.16
C THR D 262 43.70 6.93 -15.76
N ARG D 263 44.22 5.70 -15.68
CA ARG D 263 44.32 4.96 -14.43
C ARG D 263 43.04 4.99 -13.60
#